data_1VBW
# 
_entry.id   1VBW 
# 
_audit_conform.dict_name       mmcif_pdbx.dic 
_audit_conform.dict_version    5.397 
_audit_conform.dict_location   http://mmcif.pdb.org/dictionaries/ascii/mmcif_pdbx.dic 
# 
loop_
_database_2.database_id 
_database_2.database_code 
_database_2.pdbx_database_accession 
_database_2.pdbx_DOI 
PDB   1VBW         pdb_00001vbw 10.2210/pdb1vbw/pdb 
RCSB  RCSB006443   ?            ?                   
WWPDB D_1000006443 ?            ?                   
# 
loop_
_pdbx_audit_revision_history.ordinal 
_pdbx_audit_revision_history.data_content_type 
_pdbx_audit_revision_history.major_revision 
_pdbx_audit_revision_history.minor_revision 
_pdbx_audit_revision_history.revision_date 
1 'Structure model' 1 0 2005-03-22 
2 'Structure model' 1 1 2008-04-27 
3 'Structure model' 1 2 2011-07-13 
4 'Structure model' 1 3 2023-10-25 
5 'Structure model' 1 4 2024-10-30 
# 
_pdbx_audit_revision_details.ordinal             1 
_pdbx_audit_revision_details.revision_ordinal    1 
_pdbx_audit_revision_details.data_content_type   'Structure model' 
_pdbx_audit_revision_details.provider            repository 
_pdbx_audit_revision_details.type                'Initial release' 
_pdbx_audit_revision_details.description         ? 
_pdbx_audit_revision_details.details             ? 
# 
loop_
_pdbx_audit_revision_group.ordinal 
_pdbx_audit_revision_group.revision_ordinal 
_pdbx_audit_revision_group.data_content_type 
_pdbx_audit_revision_group.group 
1 2 'Structure model' 'Version format compliance' 
2 3 'Structure model' 'Version format compliance' 
3 4 'Structure model' 'Data collection'           
4 4 'Structure model' 'Database references'       
5 4 'Structure model' 'Derived calculations'      
6 4 'Structure model' 'Refinement description'    
7 5 'Structure model' 'Structure summary'         
# 
loop_
_pdbx_audit_revision_category.ordinal 
_pdbx_audit_revision_category.revision_ordinal 
_pdbx_audit_revision_category.data_content_type 
_pdbx_audit_revision_category.category 
1 4 'Structure model' chem_comp_atom                
2 4 'Structure model' chem_comp_bond                
3 4 'Structure model' database_2                    
4 4 'Structure model' pdbx_initial_refinement_model 
5 4 'Structure model' pdbx_struct_conn_angle        
6 4 'Structure model' struct_conn                   
7 4 'Structure model' struct_site                   
8 5 'Structure model' pdbx_entry_details            
9 5 'Structure model' pdbx_modification_feature     
# 
loop_
_pdbx_audit_revision_item.ordinal 
_pdbx_audit_revision_item.revision_ordinal 
_pdbx_audit_revision_item.data_content_type 
_pdbx_audit_revision_item.item 
1  4 'Structure model' '_database_2.pdbx_DOI'                        
2  4 'Structure model' '_database_2.pdbx_database_accession'         
3  4 'Structure model' '_pdbx_struct_conn_angle.ptnr1_auth_comp_id'  
4  4 'Structure model' '_pdbx_struct_conn_angle.ptnr1_auth_seq_id'   
5  4 'Structure model' '_pdbx_struct_conn_angle.ptnr1_label_asym_id' 
6  4 'Structure model' '_pdbx_struct_conn_angle.ptnr1_label_comp_id' 
7  4 'Structure model' '_pdbx_struct_conn_angle.ptnr1_label_seq_id'  
8  4 'Structure model' '_pdbx_struct_conn_angle.ptnr1_symmetry'      
9  4 'Structure model' '_pdbx_struct_conn_angle.ptnr3_auth_comp_id'  
10 4 'Structure model' '_pdbx_struct_conn_angle.ptnr3_auth_seq_id'   
11 4 'Structure model' '_pdbx_struct_conn_angle.ptnr3_label_asym_id' 
12 4 'Structure model' '_pdbx_struct_conn_angle.ptnr3_label_comp_id' 
13 4 'Structure model' '_pdbx_struct_conn_angle.ptnr3_label_seq_id'  
14 4 'Structure model' '_pdbx_struct_conn_angle.ptnr3_symmetry'      
15 4 'Structure model' '_pdbx_struct_conn_angle.value'               
16 4 'Structure model' '_struct_conn.pdbx_dist_value'                
17 4 'Structure model' '_struct_conn.ptnr1_auth_comp_id'             
18 4 'Structure model' '_struct_conn.ptnr1_auth_seq_id'              
19 4 'Structure model' '_struct_conn.ptnr1_label_asym_id'            
20 4 'Structure model' '_struct_conn.ptnr1_label_atom_id'            
21 4 'Structure model' '_struct_conn.ptnr1_label_comp_id'            
22 4 'Structure model' '_struct_conn.ptnr1_label_seq_id'             
23 4 'Structure model' '_struct_conn.ptnr1_symmetry'                 
24 4 'Structure model' '_struct_conn.ptnr2_auth_comp_id'             
25 4 'Structure model' '_struct_conn.ptnr2_auth_seq_id'              
26 4 'Structure model' '_struct_conn.ptnr2_label_asym_id'            
27 4 'Structure model' '_struct_conn.ptnr2_label_atom_id'            
28 4 'Structure model' '_struct_conn.ptnr2_label_comp_id'            
29 4 'Structure model' '_struct_conn.ptnr2_label_seq_id'             
30 4 'Structure model' '_struct_conn.ptnr2_symmetry'                 
31 4 'Structure model' '_struct_site.pdbx_auth_asym_id'              
32 4 'Structure model' '_struct_site.pdbx_auth_comp_id'              
33 4 'Structure model' '_struct_site.pdbx_auth_seq_id'               
# 
_pdbx_database_status.status_code                     REL 
_pdbx_database_status.entry_id                        1VBW 
_pdbx_database_status.recvd_initial_deposition_date   2004-03-03 
_pdbx_database_status.deposit_site                    PDBJ 
_pdbx_database_status.process_site                    PDBJ 
_pdbx_database_status.status_code_sf                  REL 
_pdbx_database_status.status_code_mr                  ? 
_pdbx_database_status.SG_entry                        ? 
_pdbx_database_status.pdb_format_compatible           Y 
_pdbx_database_status.status_code_cs                  ? 
_pdbx_database_status.status_code_nmr_data            ? 
_pdbx_database_status.methods_development_category    ? 
# 
loop_
_audit_author.name 
_audit_author.pdbx_ordinal 
'Suto, K.'      1 
'Furuichi, M.'  2 
'Nishimoto, E.' 3 
'Meno, K.'      4 
'Horii, K.'     5 
'Mizuno, H.'    6 
# 
_citation.id                        primary 
_citation.title                     'Crystal Structure of Bitter Gourd Trypsin Inhibitor' 
_citation.journal_abbrev            'to be published' 
_citation.journal_volume            ? 
_citation.page_first                ? 
_citation.page_last                 ? 
_citation.year                      ? 
_citation.journal_id_ASTM           ? 
_citation.country                   ? 
_citation.journal_id_ISSN           ? 
_citation.journal_id_CSD            0353 
_citation.book_publisher            ? 
_citation.pdbx_database_id_PubMed   ? 
_citation.pdbx_database_id_DOI      ? 
# 
loop_
_citation_author.citation_id 
_citation_author.name 
_citation_author.ordinal 
_citation_author.identifier_ORCID 
primary 'Suto, K.'      1 ? 
primary 'Furuichi, M.'  2 ? 
primary 'Nishimoto, E.' 3 ? 
primary 'Meno, K.'      4 ? 
primary 'Horii, K.'     5 ? 
primary 'Mizuno, H.'    6 ? 
# 
loop_
_entity.id 
_entity.type 
_entity.src_method 
_entity.pdbx_description 
_entity.formula_weight 
_entity.pdbx_number_of_molecules 
_entity.pdbx_ec 
_entity.pdbx_mutation 
_entity.pdbx_fragment 
_entity.details 
1 polymer     nat 'trypsin inhibitor BGIT' 7359.528 1   ? ? ? ? 
2 non-polymer syn 'POTASSIUM ION'          39.098   1   ? ? ? ? 
3 non-polymer syn 'SODIUM ION'             22.990   2   ? ? ? ? 
4 non-polymer syn 'L(+)-TARTARIC ACID'     150.087  1   ? ? ? ? 
5 water       nat water                    18.015   140 ? ? ? ? 
# 
_entity_poly.entity_id                      1 
_entity_poly.type                           'polypeptide(L)' 
_entity_poly.nstd_linkage                   no 
_entity_poly.nstd_monomer                   no 
_entity_poly.pdbx_seq_one_letter_code       SRCQGKSSWPQLVGSTGAAAKAVIERENPRVRAVIIKVGSGATKDFRCDRVRVWVTERGIVARPPTIG 
_entity_poly.pdbx_seq_one_letter_code_can   SRCQGKSSWPQLVGSTGAAAKAVIERENPRVRAVIIKVGSGATKDFRCDRVRVWVTERGIVARPPTIG 
_entity_poly.pdbx_strand_id                 A 
_entity_poly.pdbx_target_identifier         ? 
# 
loop_
_pdbx_entity_nonpoly.entity_id 
_pdbx_entity_nonpoly.name 
_pdbx_entity_nonpoly.comp_id 
2 'POTASSIUM ION'      K   
3 'SODIUM ION'         NA  
4 'L(+)-TARTARIC ACID' TLA 
5 water                HOH 
# 
loop_
_entity_poly_seq.entity_id 
_entity_poly_seq.num 
_entity_poly_seq.mon_id 
_entity_poly_seq.hetero 
1 1  SER n 
1 2  ARG n 
1 3  CYS n 
1 4  GLN n 
1 5  GLY n 
1 6  LYS n 
1 7  SER n 
1 8  SER n 
1 9  TRP n 
1 10 PRO n 
1 11 GLN n 
1 12 LEU n 
1 13 VAL n 
1 14 GLY n 
1 15 SER n 
1 16 THR n 
1 17 GLY n 
1 18 ALA n 
1 19 ALA n 
1 20 ALA n 
1 21 LYS n 
1 22 ALA n 
1 23 VAL n 
1 24 ILE n 
1 25 GLU n 
1 26 ARG n 
1 27 GLU n 
1 28 ASN n 
1 29 PRO n 
1 30 ARG n 
1 31 VAL n 
1 32 ARG n 
1 33 ALA n 
1 34 VAL n 
1 35 ILE n 
1 36 ILE n 
1 37 LYS n 
1 38 VAL n 
1 39 GLY n 
1 40 SER n 
1 41 GLY n 
1 42 ALA n 
1 43 THR n 
1 44 LYS n 
1 45 ASP n 
1 46 PHE n 
1 47 ARG n 
1 48 CYS n 
1 49 ASP n 
1 50 ARG n 
1 51 VAL n 
1 52 ARG n 
1 53 VAL n 
1 54 TRP n 
1 55 VAL n 
1 56 THR n 
1 57 GLU n 
1 58 ARG n 
1 59 GLY n 
1 60 ILE n 
1 61 VAL n 
1 62 ALA n 
1 63 ARG n 
1 64 PRO n 
1 65 PRO n 
1 66 THR n 
1 67 ILE n 
1 68 GLY n 
# 
_entity_src_nat.entity_id                  1 
_entity_src_nat.pdbx_src_id                1 
_entity_src_nat.pdbx_alt_source_flag       sample 
_entity_src_nat.pdbx_beg_seq_num           ? 
_entity_src_nat.pdbx_end_seq_num           ? 
_entity_src_nat.common_name                'balsam pear' 
_entity_src_nat.pdbx_organism_scientific   'Momordica charantia' 
_entity_src_nat.pdbx_ncbi_taxonomy_id      3673 
_entity_src_nat.genus                      Momordica 
_entity_src_nat.species                    ? 
_entity_src_nat.strain                     ? 
_entity_src_nat.tissue                     'peeled seeds' 
_entity_src_nat.tissue_fraction            ? 
_entity_src_nat.pdbx_secretion             ? 
_entity_src_nat.pdbx_fragment              ? 
_entity_src_nat.pdbx_variant               ? 
_entity_src_nat.pdbx_cell_line             ? 
_entity_src_nat.pdbx_atcc                  ? 
_entity_src_nat.pdbx_cellular_location     ? 
_entity_src_nat.pdbx_organ                 ? 
_entity_src_nat.pdbx_organelle             ? 
_entity_src_nat.pdbx_cell                  ? 
_entity_src_nat.pdbx_plasmid_name          ? 
_entity_src_nat.pdbx_plasmid_details       ? 
_entity_src_nat.details                    ? 
# 
loop_
_chem_comp.id 
_chem_comp.type 
_chem_comp.mon_nstd_flag 
_chem_comp.name 
_chem_comp.pdbx_synonyms 
_chem_comp.formula 
_chem_comp.formula_weight 
ALA 'L-peptide linking' y ALANINE              ? 'C3 H7 N O2'     89.093  
ARG 'L-peptide linking' y ARGININE             ? 'C6 H15 N4 O2 1' 175.209 
ASN 'L-peptide linking' y ASPARAGINE           ? 'C4 H8 N2 O3'    132.118 
ASP 'L-peptide linking' y 'ASPARTIC ACID'      ? 'C4 H7 N O4'     133.103 
CYS 'L-peptide linking' y CYSTEINE             ? 'C3 H7 N O2 S'   121.158 
GLN 'L-peptide linking' y GLUTAMINE            ? 'C5 H10 N2 O3'   146.144 
GLU 'L-peptide linking' y 'GLUTAMIC ACID'      ? 'C5 H9 N O4'     147.129 
GLY 'peptide linking'   y GLYCINE              ? 'C2 H5 N O2'     75.067  
HOH non-polymer         . WATER                ? 'H2 O'           18.015  
ILE 'L-peptide linking' y ISOLEUCINE           ? 'C6 H13 N O2'    131.173 
K   non-polymer         . 'POTASSIUM ION'      ? 'K 1'            39.098  
LEU 'L-peptide linking' y LEUCINE              ? 'C6 H13 N O2'    131.173 
LYS 'L-peptide linking' y LYSINE               ? 'C6 H15 N2 O2 1' 147.195 
NA  non-polymer         . 'SODIUM ION'         ? 'Na 1'           22.990  
PHE 'L-peptide linking' y PHENYLALANINE        ? 'C9 H11 N O2'    165.189 
PRO 'L-peptide linking' y PROLINE              ? 'C5 H9 N O2'     115.130 
SER 'L-peptide linking' y SERINE               ? 'C3 H7 N O3'     105.093 
THR 'L-peptide linking' y THREONINE            ? 'C4 H9 N O3'     119.119 
TLA non-polymer         . 'L(+)-TARTARIC ACID' ? 'C4 H6 O6'       150.087 
TRP 'L-peptide linking' y TRYPTOPHAN           ? 'C11 H12 N2 O2'  204.225 
VAL 'L-peptide linking' y VALINE               ? 'C5 H11 N O2'    117.146 
# 
loop_
_pdbx_poly_seq_scheme.asym_id 
_pdbx_poly_seq_scheme.entity_id 
_pdbx_poly_seq_scheme.seq_id 
_pdbx_poly_seq_scheme.mon_id 
_pdbx_poly_seq_scheme.ndb_seq_num 
_pdbx_poly_seq_scheme.pdb_seq_num 
_pdbx_poly_seq_scheme.auth_seq_num 
_pdbx_poly_seq_scheme.pdb_mon_id 
_pdbx_poly_seq_scheme.auth_mon_id 
_pdbx_poly_seq_scheme.pdb_strand_id 
_pdbx_poly_seq_scheme.pdb_ins_code 
_pdbx_poly_seq_scheme.hetero 
A 1 1  SER 1  1  1  SER SER A . n 
A 1 2  ARG 2  2  2  ARG ARG A . n 
A 1 3  CYS 3  3  3  CYS CYS A . n 
A 1 4  GLN 4  4  4  GLN GLN A . n 
A 1 5  GLY 5  5  5  GLY GLY A . n 
A 1 6  LYS 6  6  6  LYS LYS A . n 
A 1 7  SER 7  7  7  SER SER A . n 
A 1 8  SER 8  8  8  SER SER A . n 
A 1 9  TRP 9  9  9  TRP TRP A . n 
A 1 10 PRO 10 10 10 PRO PRO A . n 
A 1 11 GLN 11 11 11 GLN GLN A . n 
A 1 12 LEU 12 12 12 LEU LEU A . n 
A 1 13 VAL 13 13 13 VAL VAL A . n 
A 1 14 GLY 14 14 14 GLY GLY A . n 
A 1 15 SER 15 15 15 SER SER A . n 
A 1 16 THR 16 16 16 THR THR A . n 
A 1 17 GLY 17 17 17 GLY GLY A . n 
A 1 18 ALA 18 18 18 ALA ALA A . n 
A 1 19 ALA 19 19 19 ALA ALA A . n 
A 1 20 ALA 20 20 20 ALA ALA A . n 
A 1 21 LYS 21 21 21 LYS LYS A . n 
A 1 22 ALA 22 22 22 ALA ALA A . n 
A 1 23 VAL 23 23 23 VAL VAL A . n 
A 1 24 ILE 24 24 24 ILE ILE A . n 
A 1 25 GLU 25 25 25 GLU GLU A . n 
A 1 26 ARG 26 26 26 ARG ARG A . n 
A 1 27 GLU 27 27 27 GLU GLU A . n 
A 1 28 ASN 28 28 28 ASN ASN A . n 
A 1 29 PRO 29 29 29 PRO PRO A . n 
A 1 30 ARG 30 30 30 ARG ARG A . n 
A 1 31 VAL 31 31 31 VAL VAL A . n 
A 1 32 ARG 32 32 32 ARG ARG A . n 
A 1 33 ALA 33 33 33 ALA ALA A . n 
A 1 34 VAL 34 34 34 VAL VAL A . n 
A 1 35 ILE 35 35 35 ILE ILE A . n 
A 1 36 ILE 36 36 36 ILE ILE A . n 
A 1 37 LYS 37 37 37 LYS LYS A . n 
A 1 38 VAL 38 38 38 VAL VAL A . n 
A 1 39 GLY 39 39 39 GLY GLY A . n 
A 1 40 SER 40 40 40 SER SER A . n 
A 1 41 GLY 41 41 41 GLY GLY A . n 
A 1 42 ALA 42 42 42 ALA ALA A . n 
A 1 43 THR 43 43 43 THR THR A . n 
A 1 44 LYS 44 44 44 LYS LYS A . n 
A 1 45 ASP 45 45 45 ASP ASP A . n 
A 1 46 PHE 46 46 46 PHE PHE A . n 
A 1 47 ARG 47 47 47 ARG ARG A . n 
A 1 48 CYS 48 48 48 CYS CYS A . n 
A 1 49 ASP 49 49 49 ASP ASP A . n 
A 1 50 ARG 50 50 50 ARG ARG A . n 
A 1 51 VAL 51 51 51 VAL VAL A . n 
A 1 52 ARG 52 52 52 ARG ARG A . n 
A 1 53 VAL 53 53 53 VAL VAL A . n 
A 1 54 TRP 54 54 54 TRP TRP A . n 
A 1 55 VAL 55 55 55 VAL VAL A . n 
A 1 56 THR 56 56 56 THR THR A . n 
A 1 57 GLU 57 57 57 GLU GLU A . n 
A 1 58 ARG 58 58 58 ARG ARG A . n 
A 1 59 GLY 59 59 59 GLY GLY A . n 
A 1 60 ILE 60 60 60 ILE ILE A . n 
A 1 61 VAL 61 61 61 VAL VAL A . n 
A 1 62 ALA 62 62 62 ALA ALA A . n 
A 1 63 ARG 63 63 63 ARG ARG A . n 
A 1 64 PRO 64 64 64 PRO PRO A . n 
A 1 65 PRO 65 65 65 PRO PRO A . n 
A 1 66 THR 66 66 66 THR THR A . n 
A 1 67 ILE 67 67 67 ILE ILE A . n 
A 1 68 GLY 68 68 68 GLY GLY A . n 
# 
loop_
_pdbx_nonpoly_scheme.asym_id 
_pdbx_nonpoly_scheme.entity_id 
_pdbx_nonpoly_scheme.mon_id 
_pdbx_nonpoly_scheme.ndb_seq_num 
_pdbx_nonpoly_scheme.pdb_seq_num 
_pdbx_nonpoly_scheme.auth_seq_num 
_pdbx_nonpoly_scheme.pdb_mon_id 
_pdbx_nonpoly_scheme.auth_mon_id 
_pdbx_nonpoly_scheme.pdb_strand_id 
_pdbx_nonpoly_scheme.pdb_ins_code 
B 2 K   1   1102 1102 K   K   A . 
C 3 NA  1   1103 1103 NA  NA  A . 
D 3 NA  1   1104 1104 NA  NA  A . 
E 4 TLA 1   1101 1101 TLA TAR A . 
F 5 HOH 1   3001 3001 HOH HOH A . 
F 5 HOH 2   3002 3002 HOH HOH A . 
F 5 HOH 3   3003 3003 HOH HOH A . 
F 5 HOH 4   3004 3004 HOH HOH A . 
F 5 HOH 5   3005 3005 HOH HOH A . 
F 5 HOH 6   3006 3006 HOH HOH A . 
F 5 HOH 7   3007 3007 HOH HOH A . 
F 5 HOH 8   3008 3008 HOH HOH A . 
F 5 HOH 9   3009 3009 HOH HOH A . 
F 5 HOH 10  3010 3010 HOH HOH A . 
F 5 HOH 11  3011 3011 HOH HOH A . 
F 5 HOH 12  3012 3012 HOH HOH A . 
F 5 HOH 13  3013 3013 HOH HOH A . 
F 5 HOH 14  3014 3014 HOH HOH A . 
F 5 HOH 15  3015 3015 HOH HOH A . 
F 5 HOH 16  3016 3016 HOH HOH A . 
F 5 HOH 17  3017 3017 HOH HOH A . 
F 5 HOH 18  3018 3018 HOH HOH A . 
F 5 HOH 19  3019 3019 HOH HOH A . 
F 5 HOH 20  3020 3020 HOH HOH A . 
F 5 HOH 21  3021 3021 HOH HOH A . 
F 5 HOH 22  3022 3022 HOH HOH A . 
F 5 HOH 23  3023 3023 HOH HOH A . 
F 5 HOH 24  3024 3024 HOH HOH A . 
F 5 HOH 25  3025 3025 HOH HOH A . 
F 5 HOH 26  3026 3026 HOH HOH A . 
F 5 HOH 27  3027 3027 HOH HOH A . 
F 5 HOH 28  3028 3028 HOH HOH A . 
F 5 HOH 29  3029 3029 HOH HOH A . 
F 5 HOH 30  3030 3030 HOH HOH A . 
F 5 HOH 31  3031 3031 HOH HOH A . 
F 5 HOH 32  3032 3032 HOH HOH A . 
F 5 HOH 33  3033 3033 HOH HOH A . 
F 5 HOH 34  3034 3034 HOH HOH A . 
F 5 HOH 35  3035 3035 HOH HOH A . 
F 5 HOH 36  3036 3036 HOH HOH A . 
F 5 HOH 37  3037 3037 HOH HOH A . 
F 5 HOH 38  3038 3038 HOH HOH A . 
F 5 HOH 39  3039 3039 HOH HOH A . 
F 5 HOH 40  3040 3040 HOH HOH A . 
F 5 HOH 41  3041 3041 HOH HOH A . 
F 5 HOH 42  3042 3042 HOH HOH A . 
F 5 HOH 43  3043 3043 HOH HOH A . 
F 5 HOH 44  3044 3044 HOH HOH A . 
F 5 HOH 45  3045 3045 HOH HOH A . 
F 5 HOH 46  3046 3046 HOH HOH A . 
F 5 HOH 47  3047 3047 HOH HOH A . 
F 5 HOH 48  3048 3048 HOH HOH A . 
F 5 HOH 49  3049 3049 HOH HOH A . 
F 5 HOH 50  3050 3050 HOH HOH A . 
F 5 HOH 51  3051 3051 HOH HOH A . 
F 5 HOH 52  3052 3052 HOH HOH A . 
F 5 HOH 53  3053 3053 HOH HOH A . 
F 5 HOH 54  3054 3054 HOH HOH A . 
F 5 HOH 55  3055 3055 HOH HOH A . 
F 5 HOH 56  3056 3056 HOH HOH A . 
F 5 HOH 57  3057 3057 HOH HOH A . 
F 5 HOH 58  3058 3058 HOH HOH A . 
F 5 HOH 59  3059 3059 HOH HOH A . 
F 5 HOH 60  3060 3060 HOH HOH A . 
F 5 HOH 61  3061 3061 HOH HOH A . 
F 5 HOH 62  3062 3062 HOH HOH A . 
F 5 HOH 63  3063 3063 HOH HOH A . 
F 5 HOH 64  3064 3064 HOH HOH A . 
F 5 HOH 65  3065 3065 HOH HOH A . 
F 5 HOH 66  3066 3066 HOH HOH A . 
F 5 HOH 67  3067 3067 HOH HOH A . 
F 5 HOH 68  3068 3068 HOH HOH A . 
F 5 HOH 69  3069 3069 HOH HOH A . 
F 5 HOH 70  3070 3070 HOH HOH A . 
F 5 HOH 71  3071 3071 HOH HOH A . 
F 5 HOH 72  3072 3072 HOH HOH A . 
F 5 HOH 73  3073 3073 HOH HOH A . 
F 5 HOH 74  3074 3074 HOH HOH A . 
F 5 HOH 75  3075 3075 HOH HOH A . 
F 5 HOH 76  3076 3076 HOH HOH A . 
F 5 HOH 77  3077 3077 HOH HOH A . 
F 5 HOH 78  3078 3078 HOH HOH A . 
F 5 HOH 79  3079 3079 HOH HOH A . 
F 5 HOH 80  3080 3080 HOH HOH A . 
F 5 HOH 81  3081 3081 HOH HOH A . 
F 5 HOH 82  3082 3082 HOH HOH A . 
F 5 HOH 83  3083 3083 HOH HOH A . 
F 5 HOH 84  3084 3084 HOH HOH A . 
F 5 HOH 85  3085 3085 HOH HOH A . 
F 5 HOH 86  3086 3086 HOH HOH A . 
F 5 HOH 87  3087 3087 HOH HOH A . 
F 5 HOH 88  3088 3088 HOH HOH A . 
F 5 HOH 89  3089 3089 HOH HOH A . 
F 5 HOH 90  3090 3090 HOH HOH A . 
F 5 HOH 91  3091 3091 HOH HOH A . 
F 5 HOH 92  3092 3092 HOH HOH A . 
F 5 HOH 93  3093 3093 HOH HOH A . 
F 5 HOH 94  3094 3094 HOH HOH A . 
F 5 HOH 95  3095 3095 HOH HOH A . 
F 5 HOH 96  3096 3096 HOH HOH A . 
F 5 HOH 97  3097 3097 HOH HOH A . 
F 5 HOH 98  3098 3098 HOH HOH A . 
F 5 HOH 99  3099 3099 HOH HOH A . 
F 5 HOH 100 3100 3100 HOH HOH A . 
F 5 HOH 101 3101 3101 HOH HOH A . 
F 5 HOH 102 3102 3102 HOH HOH A . 
F 5 HOH 103 3103 3103 HOH HOH A . 
F 5 HOH 104 3104 3104 HOH HOH A . 
F 5 HOH 105 3105 3105 HOH HOH A . 
F 5 HOH 106 3106 3106 HOH HOH A . 
F 5 HOH 107 3107 3107 HOH HOH A . 
F 5 HOH 108 3108 3108 HOH HOH A . 
F 5 HOH 109 3109 3109 HOH HOH A . 
F 5 HOH 110 3110 3110 HOH HOH A . 
F 5 HOH 111 3111 3111 HOH HOH A . 
F 5 HOH 112 3112 3112 HOH HOH A . 
F 5 HOH 113 3113 3113 HOH HOH A . 
F 5 HOH 114 3114 3114 HOH HOH A . 
F 5 HOH 115 3115 3115 HOH HOH A . 
F 5 HOH 116 3116 3116 HOH HOH A . 
F 5 HOH 117 3117 3117 HOH HOH A . 
F 5 HOH 118 3118 3118 HOH HOH A . 
F 5 HOH 119 3119 3119 HOH HOH A . 
F 5 HOH 120 3120 3120 HOH HOH A . 
F 5 HOH 121 3121 3121 HOH HOH A . 
F 5 HOH 122 3122 3122 HOH HOH A . 
F 5 HOH 123 3123 3123 HOH HOH A . 
F 5 HOH 124 3124 3124 HOH HOH A . 
F 5 HOH 125 3125 3125 HOH HOH A . 
F 5 HOH 126 3126 3126 HOH HOH A . 
F 5 HOH 127 3127 3127 HOH HOH A . 
F 5 HOH 128 3128 3128 HOH HOH A . 
F 5 HOH 129 3129 3129 HOH HOH A . 
F 5 HOH 130 3130 3130 HOH HOH A . 
F 5 HOH 131 3131 3131 HOH HOH A . 
F 5 HOH 132 3132 3132 HOH HOH A . 
F 5 HOH 133 3133 3133 HOH HOH A . 
F 5 HOH 134 3134 3134 HOH HOH A . 
F 5 HOH 135 3135 3135 HOH HOH A . 
F 5 HOH 136 3136 3136 HOH HOH A . 
F 5 HOH 137 3137 3137 HOH HOH A . 
F 5 HOH 138 3138 3138 HOH HOH A . 
F 5 HOH 139 3139 3139 HOH HOH A . 
F 5 HOH 140 3140 3140 HOH HOH A . 
# 
loop_
_software.name 
_software.classification 
_software.version 
_software.citation_id 
_software.pdbx_ordinal 
HKL-2000  'data collection' . ? 1 
SCALEPACK 'data scaling'    . ? 2 
CNS       refinement        . ? 3 
SHELXL-97 refinement        . ? 4 
HKL-2000  'data reduction'  . ? 5 
CNS       phasing           . ? 6 
# 
_cell.entry_id           1VBW 
_cell.length_a           22.662 
_cell.length_b           23.023 
_cell.length_c           27.685 
_cell.angle_alpha        92.05 
_cell.angle_beta         100.11 
_cell.angle_gamma        101.80 
_cell.Z_PDB              1 
_cell.pdbx_unique_axis   ? 
# 
_symmetry.entry_id                         1VBW 
_symmetry.space_group_name_H-M             'P 1' 
_symmetry.pdbx_full_space_group_name_H-M   ? 
_symmetry.Int_Tables_number                1 
_symmetry.cell_setting                     ? 
_symmetry.space_group_name_Hall            ? 
# 
_exptl.entry_id          1VBW 
_exptl.method            'X-RAY DIFFRACTION' 
_exptl.crystals_number   1 
# 
_exptl_crystal.id                    1 
_exptl_crystal.density_meas          ? 
_exptl_crystal.density_Matthews      1.38 
_exptl_crystal.density_percent_sol   10.48 
_exptl_crystal.description           ? 
_exptl_crystal.F_000                 ? 
_exptl_crystal.preparation           ? 
# 
_exptl_crystal_grow.crystal_id      1 
_exptl_crystal_grow.method          'VAPOR DIFFUSION, SITTING DROP' 
_exptl_crystal_grow.temp            293 
_exptl_crystal_grow.temp_details    ? 
_exptl_crystal_grow.pH              8.0 
_exptl_crystal_grow.pdbx_details    'Potassium sodium tartrate, pH 8.0, VAPOR DIFFUSION, SITTING DROP, temperature 293K' 
_exptl_crystal_grow.pdbx_pH_range   . 
# 
_diffrn.id                     1 
_diffrn.ambient_temp           100 
_diffrn.ambient_temp_details   ? 
_diffrn.crystal_id             1 
# 
_diffrn_detector.diffrn_id              1 
_diffrn_detector.detector               CCD 
_diffrn_detector.type                   'ADSC QUANTUM 210' 
_diffrn_detector.pdbx_collection_date   2003-12-14 
_diffrn_detector.details                ? 
# 
_diffrn_radiation.diffrn_id                        1 
_diffrn_radiation.wavelength_id                    1 
_diffrn_radiation.pdbx_monochromatic_or_laue_m_l   M 
_diffrn_radiation.monochromator                    SILICON 
_diffrn_radiation.pdbx_diffrn_protocol             'SINGLE WAVELENGTH' 
_diffrn_radiation.pdbx_scattering_type             x-ray 
# 
_diffrn_radiation_wavelength.id           1 
_diffrn_radiation_wavelength.wavelength   0.8 
_diffrn_radiation_wavelength.wt           1.0 
# 
_diffrn_source.diffrn_id                   1 
_diffrn_source.source                      SYNCHROTRON 
_diffrn_source.type                        'PHOTON FACTORY BEAMLINE AR-NW12A' 
_diffrn_source.pdbx_synchrotron_site       'Photon Factory' 
_diffrn_source.pdbx_synchrotron_beamline   AR-NW12A 
_diffrn_source.pdbx_wavelength             ? 
_diffrn_source.pdbx_wavelength_list        0.8 
# 
_reflns.entry_id                     1VBW 
_reflns.observed_criterion_sigma_F   ? 
_reflns.observed_criterion_sigma_I   -3.0 
_reflns.d_resolution_high            0.93 
_reflns.d_resolution_low             50 
_reflns.number_all                   34146 
_reflns.number_obs                   34146 
_reflns.percent_possible_obs         93.9 
_reflns.pdbx_Rmerge_I_obs            0.046 
_reflns.pdbx_Rsym_value              ? 
_reflns.pdbx_netI_over_sigmaI        39.8 
_reflns.B_iso_Wilson_estimate        6.31 
_reflns.pdbx_redundancy              4.0 
_reflns.R_free_details               ? 
_reflns.limit_h_max                  ? 
_reflns.limit_h_min                  ? 
_reflns.limit_k_max                  ? 
_reflns.limit_k_min                  ? 
_reflns.limit_l_max                  ? 
_reflns.limit_l_min                  ? 
_reflns.observed_criterion_F_max     ? 
_reflns.observed_criterion_F_min     ? 
_reflns.pdbx_chi_squared             ? 
_reflns.pdbx_scaling_rejects         ? 
_reflns.pdbx_diffrn_id               1 
_reflns.pdbx_ordinal                 1 
# 
_reflns_shell.d_res_high             0.93 
_reflns_shell.d_res_low              0.95 
_reflns_shell.percent_possible_all   88.1 
_reflns_shell.Rmerge_I_obs           0.282 
_reflns_shell.pdbx_Rsym_value        ? 
_reflns_shell.meanI_over_sigI_obs    3.7 
_reflns_shell.pdbx_redundancy        3.5 
_reflns_shell.percent_possible_obs   ? 
_reflns_shell.number_unique_all      1572 
_reflns_shell.number_measured_all    ? 
_reflns_shell.number_measured_obs    ? 
_reflns_shell.number_unique_obs      ? 
_reflns_shell.pdbx_chi_squared       ? 
_reflns_shell.pdbx_diffrn_id         ? 
_reflns_shell.pdbx_ordinal           1 
# 
_refine.entry_id                                 1VBW 
_refine.ls_d_res_high                            0.93 
_refine.ls_d_res_low                             10 
_refine.pdbx_ls_sigma_F                          ? 
_refine.pdbx_ls_sigma_I                          -3 
_refine.ls_number_reflns_all                     33916 
_refine.ls_number_reflns_obs                     32256 
_refine.ls_number_reflns_R_free                  1660 
_refine.ls_percent_reflns_obs                    93.91 
_refine.ls_R_factor_all                          ? 
_refine.ls_R_factor_obs                          0.114 
_refine.ls_R_factor_R_work                       0.114 
_refine.ls_R_factor_R_free                       0.143 
_refine.ls_redundancy_reflns_obs                 ? 
_refine.pdbx_data_cutoff_high_absF               ? 
_refine.pdbx_data_cutoff_low_absF                ? 
_refine.ls_number_parameters                     ? 
_refine.ls_number_restraints                     ? 
_refine.ls_percent_reflns_R_free                 ? 
_refine.ls_R_factor_R_free_error                 ? 
_refine.ls_R_factor_R_free_error_details         ? 
_refine.pdbx_method_to_determine_struct          'MOLECULAR REPLACEMENT' 
_refine.pdbx_starting_model                      'PDB ENTRY 2CI2' 
_refine.pdbx_ls_cross_valid_method               THROUGHOUT 
_refine.pdbx_R_Free_selection_details            RANDOM 
_refine.pdbx_stereochem_target_val_spec_case     ? 
_refine.pdbx_stereochemistry_target_values       'Engh & Huber' 
_refine.solvent_model_details                    ? 
_refine.solvent_model_param_bsol                 ? 
_refine.solvent_model_param_ksol                 ? 
_refine.occupancy_max                            ? 
_refine.occupancy_min                            ? 
_refine.pdbx_isotropic_thermal_model             ? 
_refine.B_iso_mean                               ? 
_refine.aniso_B[1][1]                            ? 
_refine.aniso_B[1][2]                            ? 
_refine.aniso_B[1][3]                            ? 
_refine.aniso_B[2][2]                            ? 
_refine.aniso_B[2][3]                            ? 
_refine.aniso_B[3][3]                            ? 
_refine.details                                  ? 
_refine.B_iso_min                                ? 
_refine.B_iso_max                                ? 
_refine.correlation_coeff_Fo_to_Fc               ? 
_refine.correlation_coeff_Fo_to_Fc_free          ? 
_refine.pdbx_solvent_vdw_probe_radii             ? 
_refine.pdbx_solvent_ion_probe_radii             ? 
_refine.pdbx_solvent_shrinkage_radii             ? 
_refine.overall_SU_R_Cruickshank_DPI             ? 
_refine.overall_SU_R_free                        ? 
_refine.overall_SU_B                             ? 
_refine.overall_SU_ML                            ? 
_refine.pdbx_overall_ESU_R                       ? 
_refine.pdbx_overall_ESU_R_Free                  ? 
_refine.pdbx_data_cutoff_high_rms_absF           ? 
_refine.ls_wR_factor_R_free                      ? 
_refine.ls_wR_factor_R_work                      ? 
_refine.overall_FOM_free_R_set                   ? 
_refine.overall_FOM_work_R_set                   ? 
_refine.pdbx_refine_id                           'X-RAY DIFFRACTION' 
_refine.pdbx_diffrn_id                           1 
_refine.pdbx_TLS_residual_ADP_flag               ? 
_refine.pdbx_overall_phase_error                 ? 
_refine.pdbx_overall_SU_R_free_Cruickshank_DPI   ? 
_refine.pdbx_overall_SU_R_Blow_DPI               ? 
_refine.pdbx_overall_SU_R_free_Blow_DPI          ? 
# 
_refine_hist.pdbx_refine_id                   'X-RAY DIFFRACTION' 
_refine_hist.cycle_id                         LAST 
_refine_hist.pdbx_number_atoms_protein        564 
_refine_hist.pdbx_number_atoms_nucleic_acid   0 
_refine_hist.pdbx_number_atoms_ligand         13 
_refine_hist.number_atoms_solvent             140 
_refine_hist.number_atoms_total               717 
_refine_hist.d_res_high                       0.93 
_refine_hist.d_res_low                        10 
# 
loop_
_refine_ls_restr.type 
_refine_ls_restr.dev_ideal 
_refine_ls_restr.dev_ideal_target 
_refine_ls_restr.weight 
_refine_ls_restr.number 
_refine_ls_restr.pdbx_refine_id 
_refine_ls_restr.pdbx_restraint_function 
s_anti_bump_dis_restr 0.028 ? ? ? 'X-RAY DIFFRACTION' ? 
s_bond_d              0.016 ? ? ? 'X-RAY DIFFRACTION' ? 
s_angle_d             0.33  ? ? ? 'X-RAY DIFFRACTION' ? 
s_non_zero_chiral_vol 0.106 ? ? ? 'X-RAY DIFFRACTION' ? 
s_zero_chiral_vol     0.095 ? ? ? 'X-RAY DIFFRACTION' ? 
# 
_pdbx_refine.entry_id                                    1VBW 
_pdbx_refine.R_factor_all_no_cutoff                      ? 
_pdbx_refine.R_factor_obs_no_cutoff                      ? 
_pdbx_refine.number_reflns_obs_no_cutoff                 ? 
_pdbx_refine.free_R_factor_no_cutoff                     ? 
_pdbx_refine.free_R_val_test_set_ct_no_cutoff            ? 
_pdbx_refine.free_R_val_test_set_size_perc_no_cutoff     ? 
_pdbx_refine.R_factor_all_4sig_cutoff                    ? 
_pdbx_refine.R_factor_obs_4sig_cutoff                    0.108 
_pdbx_refine.number_reflns_obs_4sig_cutoff               29750 
_pdbx_refine.free_R_factor_4sig_cutoff                   0.137 
_pdbx_refine.free_R_val_test_set_ct_4sig_cutoff          1456 
_pdbx_refine.free_R_val_test_set_size_perc_4sig_cutoff   ? 
_pdbx_refine.pdbx_refine_id                              'X-RAY DIFFRACTION' 
_pdbx_refine.free_R_error_no_cutoff                      ? 
# 
_struct.entry_id                  1VBW 
_struct.title                     'Crystal Structure of Bitter Gourd Trypsin Inhibitor' 
_struct.pdbx_model_details        ? 
_struct.pdbx_CASP_flag            ? 
_struct.pdbx_model_type_details   ? 
# 
_struct_keywords.entry_id        1VBW 
_struct_keywords.pdbx_keywords   'PROTEIN BINDING' 
_struct_keywords.text            'BGTI, TRYPSIN INHIBITOR, PROTEIN BINDING' 
# 
loop_
_struct_asym.id 
_struct_asym.pdbx_blank_PDB_chainid_flag 
_struct_asym.pdbx_modified 
_struct_asym.entity_id 
_struct_asym.details 
A N N 1 ? 
B N N 2 ? 
C N N 3 ? 
D N N 3 ? 
E N N 4 ? 
F N N 5 ? 
# 
_struct_ref.id                         1 
_struct_ref.db_name                    UNP 
_struct_ref.db_code                    Q7M1Q1_MOMCH 
_struct_ref.entity_id                  1 
_struct_ref.pdbx_seq_one_letter_code   SRCQGKSSWPQLVGSTGAAAKAVIERENPRVRAVIIKVGSGATKDFRCDRVRVWVTERGIVARPPTIG 
_struct_ref.pdbx_align_begin           1 
_struct_ref.pdbx_db_accession          Q7M1Q1 
_struct_ref.pdbx_db_isoform            ? 
# 
_struct_ref_seq.align_id                      1 
_struct_ref_seq.ref_id                        1 
_struct_ref_seq.pdbx_PDB_id_code              1VBW 
_struct_ref_seq.pdbx_strand_id                A 
_struct_ref_seq.seq_align_beg                 1 
_struct_ref_seq.pdbx_seq_align_beg_ins_code   ? 
_struct_ref_seq.seq_align_end                 68 
_struct_ref_seq.pdbx_seq_align_end_ins_code   ? 
_struct_ref_seq.pdbx_db_accession             Q7M1Q1 
_struct_ref_seq.db_align_beg                  1 
_struct_ref_seq.pdbx_db_align_beg_ins_code    ? 
_struct_ref_seq.db_align_end                  68 
_struct_ref_seq.pdbx_db_align_end_ins_code    ? 
_struct_ref_seq.pdbx_auth_seq_align_beg       1 
_struct_ref_seq.pdbx_auth_seq_align_end       68 
# 
_pdbx_struct_assembly.id                   1 
_pdbx_struct_assembly.details              author_defined_assembly 
_pdbx_struct_assembly.method_details       ? 
_pdbx_struct_assembly.oligomeric_details   monomeric 
_pdbx_struct_assembly.oligomeric_count     1 
# 
_pdbx_struct_assembly_gen.assembly_id       1 
_pdbx_struct_assembly_gen.oper_expression   1 
_pdbx_struct_assembly_gen.asym_id_list      A,B,C,D,E,F 
# 
_pdbx_struct_oper_list.id                   1 
_pdbx_struct_oper_list.type                 'identity operation' 
_pdbx_struct_oper_list.name                 1_555 
_pdbx_struct_oper_list.symmetry_operation   x,y,z 
_pdbx_struct_oper_list.matrix[1][1]         1.0000000000 
_pdbx_struct_oper_list.matrix[1][2]         0.0000000000 
_pdbx_struct_oper_list.matrix[1][3]         0.0000000000 
_pdbx_struct_oper_list.vector[1]            0.0000000000 
_pdbx_struct_oper_list.matrix[2][1]         0.0000000000 
_pdbx_struct_oper_list.matrix[2][2]         1.0000000000 
_pdbx_struct_oper_list.matrix[2][3]         0.0000000000 
_pdbx_struct_oper_list.vector[2]            0.0000000000 
_pdbx_struct_oper_list.matrix[3][1]         0.0000000000 
_pdbx_struct_oper_list.matrix[3][2]         0.0000000000 
_pdbx_struct_oper_list.matrix[3][3]         1.0000000000 
_pdbx_struct_oper_list.vector[3]            0.0000000000 
# 
_struct_biol.id                    1 
_struct_biol.pdbx_parent_biol_id   ? 
_struct_biol.details               ? 
# 
loop_
_struct_conf.conf_type_id 
_struct_conf.id 
_struct_conf.pdbx_PDB_helix_id 
_struct_conf.beg_label_comp_id 
_struct_conf.beg_label_asym_id 
_struct_conf.beg_label_seq_id 
_struct_conf.pdbx_beg_PDB_ins_code 
_struct_conf.end_label_comp_id 
_struct_conf.end_label_asym_id 
_struct_conf.end_label_seq_id 
_struct_conf.pdbx_end_PDB_ins_code 
_struct_conf.beg_auth_comp_id 
_struct_conf.beg_auth_asym_id 
_struct_conf.beg_auth_seq_id 
_struct_conf.end_auth_comp_id 
_struct_conf.end_auth_asym_id 
_struct_conf.end_auth_seq_id 
_struct_conf.pdbx_PDB_helix_class 
_struct_conf.details 
_struct_conf.pdbx_PDB_helix_length 
HELX_P HELX_P1 1 TRP A 9  ? VAL A 13 ? TRP A 9  VAL A 13 5 ? 5  
HELX_P HELX_P2 2 THR A 16 ? ASN A 28 ? THR A 16 ASN A 28 1 ? 13 
# 
_struct_conf_type.id          HELX_P 
_struct_conf_type.criteria    ? 
_struct_conf_type.reference   ? 
# 
loop_
_struct_conn.id 
_struct_conn.conn_type_id 
_struct_conn.pdbx_leaving_atom_flag 
_struct_conn.pdbx_PDB_id 
_struct_conn.ptnr1_label_asym_id 
_struct_conn.ptnr1_label_comp_id 
_struct_conn.ptnr1_label_seq_id 
_struct_conn.ptnr1_label_atom_id 
_struct_conn.pdbx_ptnr1_label_alt_id 
_struct_conn.pdbx_ptnr1_PDB_ins_code 
_struct_conn.pdbx_ptnr1_standard_comp_id 
_struct_conn.ptnr1_symmetry 
_struct_conn.ptnr2_label_asym_id 
_struct_conn.ptnr2_label_comp_id 
_struct_conn.ptnr2_label_seq_id 
_struct_conn.ptnr2_label_atom_id 
_struct_conn.pdbx_ptnr2_label_alt_id 
_struct_conn.pdbx_ptnr2_PDB_ins_code 
_struct_conn.ptnr1_auth_asym_id 
_struct_conn.ptnr1_auth_comp_id 
_struct_conn.ptnr1_auth_seq_id 
_struct_conn.ptnr2_auth_asym_id 
_struct_conn.ptnr2_auth_comp_id 
_struct_conn.ptnr2_auth_seq_id 
_struct_conn.ptnr2_symmetry 
_struct_conn.pdbx_ptnr3_label_atom_id 
_struct_conn.pdbx_ptnr3_label_seq_id 
_struct_conn.pdbx_ptnr3_label_comp_id 
_struct_conn.pdbx_ptnr3_label_asym_id 
_struct_conn.pdbx_ptnr3_label_alt_id 
_struct_conn.pdbx_ptnr3_PDB_ins_code 
_struct_conn.details 
_struct_conn.pdbx_dist_value 
_struct_conn.pdbx_value_order 
_struct_conn.pdbx_role 
disulf1  disulf ? ? A CYS 3  SG ? ? ? 1_555 A CYS 48 SG ? ? A CYS 3    A CYS 48   1_555 ? ? ? ? ? ? ? 2.079 ? ? 
metalc1  metalc ? ? A GLN 11 O  ? ? ? 1_555 B K   .  K  ? ? A GLN 11   A K   1102 1_555 ? ? ? ? ? ? ? 2.521 ? ? 
metalc2  metalc ? ? A VAL 13 O  ? ? ? 1_555 B K   .  K  ? ? A VAL 13   A K   1102 1_555 ? ? ? ? ? ? ? 2.554 ? ? 
metalc3  metalc ? ? A PRO 29 O  ? ? ? 1_545 B K   .  K  ? ? A PRO 29   A K   1102 1_555 ? ? ? ? ? ? ? 2.509 ? ? 
metalc4  metalc ? ? A ARG 52 N  ? ? ? 1_555 C NA  .  NA ? ? A ARG 52   A NA  1103 1_555 ? ? ? ? ? ? ? 2.873 ? ? 
metalc5  metalc ? ? A THR 66 O  ? ? ? 1_555 C NA  .  NA ? ? A THR 66   A NA  1103 1_555 ? ? ? ? ? ? ? 2.703 ? ? 
metalc6  metalc ? ? A GLY 68 O  ? ? ? 1_555 C NA  .  NA ? ? A GLY 68   A NA  1103 1_555 ? ? ? ? ? ? ? 2.689 ? ? 
metalc7  metalc ? ? B K   .  K  ? ? ? 1_555 F HOH .  O  ? ? A K   1102 A HOH 3006 1_555 ? ? ? ? ? ? ? 2.581 ? ? 
metalc8  metalc ? ? B K   .  K  ? ? ? 1_555 F HOH .  O  ? ? A K   1102 A HOH 3035 1_645 ? ? ? ? ? ? ? 3.568 ? ? 
metalc9  metalc ? ? B K   .  K  ? ? ? 1_555 F HOH .  O  ? ? A K   1102 A HOH 3074 1_555 ? ? ? ? ? ? ? 2.683 ? ? 
metalc10 metalc ? ? B K   .  K  ? ? ? 1_555 F HOH .  O  ? ? A K   1102 A HOH 3075 1_555 ? ? ? ? ? ? ? 2.425 ? ? 
metalc11 metalc ? ? C NA  .  NA ? ? ? 1_555 F HOH .  O  ? ? A NA  1103 A HOH 3037 1_555 ? ? ? ? ? ? ? 2.729 ? ? 
metalc12 metalc ? ? D NA  .  NA ? ? ? 1_555 F HOH .  O  ? ? A NA  1104 A HOH 3076 1_555 ? ? ? ? ? ? ? 2.891 ? ? 
# 
loop_
_struct_conn_type.id 
_struct_conn_type.criteria 
_struct_conn_type.reference 
disulf ? ? 
metalc ? ? 
# 
loop_
_pdbx_struct_conn_angle.id 
_pdbx_struct_conn_angle.ptnr1_label_atom_id 
_pdbx_struct_conn_angle.ptnr1_label_alt_id 
_pdbx_struct_conn_angle.ptnr1_label_asym_id 
_pdbx_struct_conn_angle.ptnr1_label_comp_id 
_pdbx_struct_conn_angle.ptnr1_label_seq_id 
_pdbx_struct_conn_angle.ptnr1_auth_atom_id 
_pdbx_struct_conn_angle.ptnr1_auth_asym_id 
_pdbx_struct_conn_angle.ptnr1_auth_comp_id 
_pdbx_struct_conn_angle.ptnr1_auth_seq_id 
_pdbx_struct_conn_angle.ptnr1_PDB_ins_code 
_pdbx_struct_conn_angle.ptnr1_symmetry 
_pdbx_struct_conn_angle.ptnr2_label_atom_id 
_pdbx_struct_conn_angle.ptnr2_label_alt_id 
_pdbx_struct_conn_angle.ptnr2_label_asym_id 
_pdbx_struct_conn_angle.ptnr2_label_comp_id 
_pdbx_struct_conn_angle.ptnr2_label_seq_id 
_pdbx_struct_conn_angle.ptnr2_auth_atom_id 
_pdbx_struct_conn_angle.ptnr2_auth_asym_id 
_pdbx_struct_conn_angle.ptnr2_auth_comp_id 
_pdbx_struct_conn_angle.ptnr2_auth_seq_id 
_pdbx_struct_conn_angle.ptnr2_PDB_ins_code 
_pdbx_struct_conn_angle.ptnr2_symmetry 
_pdbx_struct_conn_angle.ptnr3_label_atom_id 
_pdbx_struct_conn_angle.ptnr3_label_alt_id 
_pdbx_struct_conn_angle.ptnr3_label_asym_id 
_pdbx_struct_conn_angle.ptnr3_label_comp_id 
_pdbx_struct_conn_angle.ptnr3_label_seq_id 
_pdbx_struct_conn_angle.ptnr3_auth_atom_id 
_pdbx_struct_conn_angle.ptnr3_auth_asym_id 
_pdbx_struct_conn_angle.ptnr3_auth_comp_id 
_pdbx_struct_conn_angle.ptnr3_auth_seq_id 
_pdbx_struct_conn_angle.ptnr3_PDB_ins_code 
_pdbx_struct_conn_angle.ptnr3_symmetry 
_pdbx_struct_conn_angle.value 
_pdbx_struct_conn_angle.value_esd 
1  O ? A GLN 11 ? A GLN 11   ? 1_555 K  ? B K  . ? A K  1102 ? 1_555 O ? A VAL 13 ? A VAL 13   ? 1_555 92.5  ? 
2  O ? A GLN 11 ? A GLN 11   ? 1_555 K  ? B K  . ? A K  1102 ? 1_555 O ? A PRO 29 ? A PRO 29   ? 1_545 79.9  ? 
3  O ? A VAL 13 ? A VAL 13   ? 1_555 K  ? B K  . ? A K  1102 ? 1_555 O ? A PRO 29 ? A PRO 29   ? 1_545 111.2 ? 
4  O ? A GLN 11 ? A GLN 11   ? 1_555 K  ? B K  . ? A K  1102 ? 1_555 O ? F HOH .  ? A HOH 3006 ? 1_555 161.3 ? 
5  O ? A VAL 13 ? A VAL 13   ? 1_555 K  ? B K  . ? A K  1102 ? 1_555 O ? F HOH .  ? A HOH 3006 ? 1_555 92.4  ? 
6  O ? A PRO 29 ? A PRO 29   ? 1_545 K  ? B K  . ? A K  1102 ? 1_555 O ? F HOH .  ? A HOH 3006 ? 1_555 81.5  ? 
7  O ? A GLN 11 ? A GLN 11   ? 1_555 K  ? B K  . ? A K  1102 ? 1_555 O ? F HOH .  ? A HOH 3035 ? 1_645 146.5 ? 
8  O ? A VAL 13 ? A VAL 13   ? 1_555 K  ? B K  . ? A K  1102 ? 1_555 O ? F HOH .  ? A HOH 3035 ? 1_645 71.0  ? 
9  O ? A PRO 29 ? A PRO 29   ? 1_545 K  ? B K  . ? A K  1102 ? 1_555 O ? F HOH .  ? A HOH 3035 ? 1_645 132.8 ? 
10 O ? F HOH .  ? A HOH 3006 ? 1_555 K  ? B K  . ? A K  1102 ? 1_555 O ? F HOH .  ? A HOH 3035 ? 1_645 51.6  ? 
11 O ? A GLN 11 ? A GLN 11   ? 1_555 K  ? B K  . ? A K  1102 ? 1_555 O ? F HOH .  ? A HOH 3074 ? 1_555 88.7  ? 
12 O ? A VAL 13 ? A VAL 13   ? 1_555 K  ? B K  . ? A K  1102 ? 1_555 O ? F HOH .  ? A HOH 3074 ? 1_555 76.5  ? 
13 O ? A PRO 29 ? A PRO 29   ? 1_545 K  ? B K  . ? A K  1102 ? 1_555 O ? F HOH .  ? A HOH 3074 ? 1_555 166.4 ? 
14 O ? F HOH .  ? A HOH 3006 ? 1_555 K  ? B K  . ? A K  1102 ? 1_555 O ? F HOH .  ? A HOH 3074 ? 1_555 110.0 ? 
15 O ? F HOH .  ? A HOH 3035 ? 1_645 K  ? B K  . ? A K  1102 ? 1_555 O ? F HOH .  ? A HOH 3074 ? 1_555 59.7  ? 
16 O ? A GLN 11 ? A GLN 11   ? 1_555 K  ? B K  . ? A K  1102 ? 1_555 O ? F HOH .  ? A HOH 3075 ? 1_555 89.8  ? 
17 O ? A VAL 13 ? A VAL 13   ? 1_555 K  ? B K  . ? A K  1102 ? 1_555 O ? F HOH .  ? A HOH 3075 ? 1_555 147.6 ? 
18 O ? A PRO 29 ? A PRO 29   ? 1_545 K  ? B K  . ? A K  1102 ? 1_555 O ? F HOH .  ? A HOH 3075 ? 1_555 101.0 ? 
19 O ? F HOH .  ? A HOH 3006 ? 1_555 K  ? B K  . ? A K  1102 ? 1_555 O ? F HOH .  ? A HOH 3075 ? 1_555 95.6  ? 
20 O ? F HOH .  ? A HOH 3035 ? 1_645 K  ? B K  . ? A K  1102 ? 1_555 O ? F HOH .  ? A HOH 3075 ? 1_555 89.8  ? 
21 O ? F HOH .  ? A HOH 3074 ? 1_555 K  ? B K  . ? A K  1102 ? 1_555 O ? F HOH .  ? A HOH 3075 ? 1_555 71.2  ? 
22 N ? A ARG 52 ? A ARG 52   ? 1_555 NA ? C NA . ? A NA 1103 ? 1_555 O ? A THR 66 ? A THR 66   ? 1_555 95.1  ? 
23 N ? A ARG 52 ? A ARG 52   ? 1_555 NA ? C NA . ? A NA 1103 ? 1_555 O ? A GLY 68 ? A GLY 68   ? 1_555 119.9 ? 
24 O ? A THR 66 ? A THR 66   ? 1_555 NA ? C NA . ? A NA 1103 ? 1_555 O ? A GLY 68 ? A GLY 68   ? 1_555 121.0 ? 
25 N ? A ARG 52 ? A ARG 52   ? 1_555 NA ? C NA . ? A NA 1103 ? 1_555 O ? F HOH .  ? A HOH 3037 ? 1_555 116.8 ? 
26 O ? A THR 66 ? A THR 66   ? 1_555 NA ? C NA . ? A NA 1103 ? 1_555 O ? F HOH .  ? A HOH 3037 ? 1_555 76.8  ? 
27 O ? A GLY 68 ? A GLY 68   ? 1_555 NA ? C NA . ? A NA 1103 ? 1_555 O ? F HOH .  ? A HOH 3037 ? 1_555 117.2 ? 
# 
_pdbx_modification_feature.ordinal                            1 
_pdbx_modification_feature.label_comp_id                      CYS 
_pdbx_modification_feature.label_asym_id                      A 
_pdbx_modification_feature.label_seq_id                       3 
_pdbx_modification_feature.label_alt_id                       ? 
_pdbx_modification_feature.modified_residue_label_comp_id     CYS 
_pdbx_modification_feature.modified_residue_label_asym_id     A 
_pdbx_modification_feature.modified_residue_label_seq_id      48 
_pdbx_modification_feature.modified_residue_label_alt_id      ? 
_pdbx_modification_feature.auth_comp_id                       CYS 
_pdbx_modification_feature.auth_asym_id                       A 
_pdbx_modification_feature.auth_seq_id                        3 
_pdbx_modification_feature.PDB_ins_code                       ? 
_pdbx_modification_feature.symmetry                           1_555 
_pdbx_modification_feature.modified_residue_auth_comp_id      CYS 
_pdbx_modification_feature.modified_residue_auth_asym_id      A 
_pdbx_modification_feature.modified_residue_auth_seq_id       48 
_pdbx_modification_feature.modified_residue_PDB_ins_code      ? 
_pdbx_modification_feature.modified_residue_symmetry          1_555 
_pdbx_modification_feature.comp_id_linking_atom               SG 
_pdbx_modification_feature.modified_residue_id_linking_atom   SG 
_pdbx_modification_feature.modified_residue_id                . 
_pdbx_modification_feature.ref_pcm_id                         . 
_pdbx_modification_feature.ref_comp_id                        . 
_pdbx_modification_feature.type                               None 
_pdbx_modification_feature.category                           'Disulfide bridge' 
# 
_struct_sheet.id               A 
_struct_sheet.type             ? 
_struct_sheet.number_strands   3 
_struct_sheet.details          ? 
# 
loop_
_struct_sheet_order.sheet_id 
_struct_sheet_order.range_id_1 
_struct_sheet_order.range_id_2 
_struct_sheet_order.offset 
_struct_sheet_order.sense 
A 1 2 ? parallel      
A 2 3 ? anti-parallel 
# 
loop_
_struct_sheet_range.sheet_id 
_struct_sheet_range.id 
_struct_sheet_range.beg_label_comp_id 
_struct_sheet_range.beg_label_asym_id 
_struct_sheet_range.beg_label_seq_id 
_struct_sheet_range.pdbx_beg_PDB_ins_code 
_struct_sheet_range.end_label_comp_id 
_struct_sheet_range.end_label_asym_id 
_struct_sheet_range.end_label_seq_id 
_struct_sheet_range.pdbx_end_PDB_ins_code 
_struct_sheet_range.beg_auth_comp_id 
_struct_sheet_range.beg_auth_asym_id 
_struct_sheet_range.beg_auth_seq_id 
_struct_sheet_range.end_auth_comp_id 
_struct_sheet_range.end_auth_asym_id 
_struct_sheet_range.end_auth_seq_id 
A 1 ARG A 32 ? LYS A 37 ? ARG A 32 LYS A 37 
A 2 ARG A 50 ? VAL A 55 ? ARG A 50 VAL A 55 
A 3 THR A 66 ? ILE A 67 ? THR A 66 ILE A 67 
# 
loop_
_pdbx_struct_sheet_hbond.sheet_id 
_pdbx_struct_sheet_hbond.range_id_1 
_pdbx_struct_sheet_hbond.range_id_2 
_pdbx_struct_sheet_hbond.range_1_label_atom_id 
_pdbx_struct_sheet_hbond.range_1_label_comp_id 
_pdbx_struct_sheet_hbond.range_1_label_asym_id 
_pdbx_struct_sheet_hbond.range_1_label_seq_id 
_pdbx_struct_sheet_hbond.range_1_PDB_ins_code 
_pdbx_struct_sheet_hbond.range_1_auth_atom_id 
_pdbx_struct_sheet_hbond.range_1_auth_comp_id 
_pdbx_struct_sheet_hbond.range_1_auth_asym_id 
_pdbx_struct_sheet_hbond.range_1_auth_seq_id 
_pdbx_struct_sheet_hbond.range_2_label_atom_id 
_pdbx_struct_sheet_hbond.range_2_label_comp_id 
_pdbx_struct_sheet_hbond.range_2_label_asym_id 
_pdbx_struct_sheet_hbond.range_2_label_seq_id 
_pdbx_struct_sheet_hbond.range_2_PDB_ins_code 
_pdbx_struct_sheet_hbond.range_2_auth_atom_id 
_pdbx_struct_sheet_hbond.range_2_auth_comp_id 
_pdbx_struct_sheet_hbond.range_2_auth_asym_id 
_pdbx_struct_sheet_hbond.range_2_auth_seq_id 
A 1 2 N VAL A 34 ? N VAL A 34 O VAL A 53 ? O VAL A 53 
A 2 3 N ARG A 52 ? N ARG A 52 O THR A 66 ? O THR A 66 
# 
loop_
_struct_site.id 
_struct_site.pdbx_evidence_code 
_struct_site.pdbx_auth_asym_id 
_struct_site.pdbx_auth_comp_id 
_struct_site.pdbx_auth_seq_id 
_struct_site.pdbx_auth_ins_code 
_struct_site.pdbx_num_residues 
_struct_site.details 
AC1 Software A K   1102 ? 6 'BINDING SITE FOR RESIDUE K A 1102'   
AC2 Software A NA  1103 ? 6 'BINDING SITE FOR RESIDUE NA A 1103'  
AC3 Software A NA  1104 ? 5 'BINDING SITE FOR RESIDUE NA A 1104'  
AC4 Software A TLA 1101 ? 8 'BINDING SITE FOR RESIDUE TLA A 1101' 
# 
loop_
_struct_site_gen.id 
_struct_site_gen.site_id 
_struct_site_gen.pdbx_num_res 
_struct_site_gen.label_comp_id 
_struct_site_gen.label_asym_id 
_struct_site_gen.label_seq_id 
_struct_site_gen.pdbx_auth_ins_code 
_struct_site_gen.auth_comp_id 
_struct_site_gen.auth_asym_id 
_struct_site_gen.auth_seq_id 
_struct_site_gen.label_atom_id 
_struct_site_gen.label_alt_id 
_struct_site_gen.symmetry 
_struct_site_gen.details 
1  AC1 6 GLN A 11 ? GLN A 11   . ? 1_555 ? 
2  AC1 6 VAL A 13 ? VAL A 13   . ? 1_555 ? 
3  AC1 6 PRO A 29 ? PRO A 29   . ? 1_545 ? 
4  AC1 6 HOH F .  ? HOH A 3006 . ? 1_555 ? 
5  AC1 6 HOH F .  ? HOH A 3074 . ? 1_555 ? 
6  AC1 6 HOH F .  ? HOH A 3075 . ? 1_555 ? 
7  AC2 6 ARG A 50 ? ARG A 50   . ? 1_555 ? 
8  AC2 6 VAL A 51 ? VAL A 51   . ? 1_555 ? 
9  AC2 6 ARG A 52 ? ARG A 52   . ? 1_555 ? 
10 AC2 6 THR A 66 ? THR A 66   . ? 1_555 ? 
11 AC2 6 GLY A 68 ? GLY A 68   . ? 1_555 ? 
12 AC2 6 HOH F .  ? HOH A 3037 . ? 1_555 ? 
13 AC3 5 LYS A 6  ? LYS A 6    . ? 1_555 ? 
14 AC3 5 TRP A 9  ? TRP A 9    . ? 1_555 ? 
15 AC3 5 PRO A 10 ? PRO A 10   . ? 1_555 ? 
16 AC3 5 GLN A 11 ? GLN A 11   . ? 1_555 ? 
17 AC3 5 HOH F .  ? HOH A 3076 . ? 1_555 ? 
18 AC4 8 ARG A 2  ? ARG A 2    . ? 1_555 ? 
19 AC4 8 LYS A 21 ? LYS A 21   . ? 1_455 ? 
20 AC4 8 ARG A 32 ? ARG A 32   . ? 1_455 ? 
21 AC4 8 ARG A 47 ? ARG A 47   . ? 1_555 ? 
22 AC4 8 CYS A 48 ? CYS A 48   . ? 1_555 ? 
23 AC4 8 ARG A 58 ? ARG A 58   . ? 1_465 ? 
24 AC4 8 HOH F .  ? HOH A 3012 . ? 1_555 ? 
25 AC4 8 HOH F .  ? HOH A 3023 . ? 1_555 ? 
# 
_pdbx_entry_details.entry_id                   1VBW 
_pdbx_entry_details.compound_details           ? 
_pdbx_entry_details.source_details             ? 
_pdbx_entry_details.nonpolymer_details         ? 
_pdbx_entry_details.sequence_details           ? 
_pdbx_entry_details.has_ligand_of_interest     ? 
_pdbx_entry_details.has_protein_modification   Y 
# 
loop_
_pdbx_validate_rmsd_angle.id 
_pdbx_validate_rmsd_angle.PDB_model_num 
_pdbx_validate_rmsd_angle.auth_atom_id_1 
_pdbx_validate_rmsd_angle.auth_asym_id_1 
_pdbx_validate_rmsd_angle.auth_comp_id_1 
_pdbx_validate_rmsd_angle.auth_seq_id_1 
_pdbx_validate_rmsd_angle.PDB_ins_code_1 
_pdbx_validate_rmsd_angle.label_alt_id_1 
_pdbx_validate_rmsd_angle.auth_atom_id_2 
_pdbx_validate_rmsd_angle.auth_asym_id_2 
_pdbx_validate_rmsd_angle.auth_comp_id_2 
_pdbx_validate_rmsd_angle.auth_seq_id_2 
_pdbx_validate_rmsd_angle.PDB_ins_code_2 
_pdbx_validate_rmsd_angle.label_alt_id_2 
_pdbx_validate_rmsd_angle.auth_atom_id_3 
_pdbx_validate_rmsd_angle.auth_asym_id_3 
_pdbx_validate_rmsd_angle.auth_comp_id_3 
_pdbx_validate_rmsd_angle.auth_seq_id_3 
_pdbx_validate_rmsd_angle.PDB_ins_code_3 
_pdbx_validate_rmsd_angle.label_alt_id_3 
_pdbx_validate_rmsd_angle.angle_value 
_pdbx_validate_rmsd_angle.angle_target_value 
_pdbx_validate_rmsd_angle.angle_deviation 
_pdbx_validate_rmsd_angle.angle_standard_deviation 
_pdbx_validate_rmsd_angle.linker_flag 
1 1 NE  A ARG 26 ? ? CZ A ARG 26 ? ? NH1 A ARG 26 ? ? 127.20 120.30 6.90   0.50 N 
2 1 NE  A ARG 26 ? ? CZ A ARG 26 ? ? NH2 A ARG 26 ? ? 110.62 120.30 -9.68  0.50 N 
3 1 CD  A ARG 52 ? ? NE A ARG 52 ? ? CZ  A ARG 52 ? ? 110.86 123.60 -12.74 1.40 N 
4 1 NH1 A ARG 52 ? ? CZ A ARG 52 ? ? NH2 A ARG 52 ? ? 130.48 119.40 11.08  1.10 N 
5 1 NE  A ARG 52 ? ? CZ A ARG 52 ? ? NH1 A ARG 52 ? ? 115.36 120.30 -4.94  0.50 N 
6 1 NE  A ARG 52 ? ? CZ A ARG 52 ? ? NH2 A ARG 52 ? ? 114.12 120.30 -6.18  0.50 N 
# 
loop_
_pdbx_validate_torsion.id 
_pdbx_validate_torsion.PDB_model_num 
_pdbx_validate_torsion.auth_comp_id 
_pdbx_validate_torsion.auth_asym_id 
_pdbx_validate_torsion.auth_seq_id 
_pdbx_validate_torsion.PDB_ins_code 
_pdbx_validate_torsion.label_alt_id 
_pdbx_validate_torsion.phi 
_pdbx_validate_torsion.psi 
1 1 CYS A 3  ? ? 82.45  4.70  
2 1 LYS A 44 ? ? -90.37 47.64 
# 
loop_
_chem_comp_atom.comp_id 
_chem_comp_atom.atom_id 
_chem_comp_atom.type_symbol 
_chem_comp_atom.pdbx_aromatic_flag 
_chem_comp_atom.pdbx_stereo_config 
_chem_comp_atom.pdbx_ordinal 
ALA N    N  N N 1   
ALA CA   C  N S 2   
ALA C    C  N N 3   
ALA O    O  N N 4   
ALA CB   C  N N 5   
ALA OXT  O  N N 6   
ALA H    H  N N 7   
ALA H2   H  N N 8   
ALA HA   H  N N 9   
ALA HB1  H  N N 10  
ALA HB2  H  N N 11  
ALA HB3  H  N N 12  
ALA HXT  H  N N 13  
ARG N    N  N N 14  
ARG CA   C  N S 15  
ARG C    C  N N 16  
ARG O    O  N N 17  
ARG CB   C  N N 18  
ARG CG   C  N N 19  
ARG CD   C  N N 20  
ARG NE   N  N N 21  
ARG CZ   C  N N 22  
ARG NH1  N  N N 23  
ARG NH2  N  N N 24  
ARG OXT  O  N N 25  
ARG H    H  N N 26  
ARG H2   H  N N 27  
ARG HA   H  N N 28  
ARG HB2  H  N N 29  
ARG HB3  H  N N 30  
ARG HG2  H  N N 31  
ARG HG3  H  N N 32  
ARG HD2  H  N N 33  
ARG HD3  H  N N 34  
ARG HE   H  N N 35  
ARG HH11 H  N N 36  
ARG HH12 H  N N 37  
ARG HH21 H  N N 38  
ARG HH22 H  N N 39  
ARG HXT  H  N N 40  
ASN N    N  N N 41  
ASN CA   C  N S 42  
ASN C    C  N N 43  
ASN O    O  N N 44  
ASN CB   C  N N 45  
ASN CG   C  N N 46  
ASN OD1  O  N N 47  
ASN ND2  N  N N 48  
ASN OXT  O  N N 49  
ASN H    H  N N 50  
ASN H2   H  N N 51  
ASN HA   H  N N 52  
ASN HB2  H  N N 53  
ASN HB3  H  N N 54  
ASN HD21 H  N N 55  
ASN HD22 H  N N 56  
ASN HXT  H  N N 57  
ASP N    N  N N 58  
ASP CA   C  N S 59  
ASP C    C  N N 60  
ASP O    O  N N 61  
ASP CB   C  N N 62  
ASP CG   C  N N 63  
ASP OD1  O  N N 64  
ASP OD2  O  N N 65  
ASP OXT  O  N N 66  
ASP H    H  N N 67  
ASP H2   H  N N 68  
ASP HA   H  N N 69  
ASP HB2  H  N N 70  
ASP HB3  H  N N 71  
ASP HD2  H  N N 72  
ASP HXT  H  N N 73  
CYS N    N  N N 74  
CYS CA   C  N R 75  
CYS C    C  N N 76  
CYS O    O  N N 77  
CYS CB   C  N N 78  
CYS SG   S  N N 79  
CYS OXT  O  N N 80  
CYS H    H  N N 81  
CYS H2   H  N N 82  
CYS HA   H  N N 83  
CYS HB2  H  N N 84  
CYS HB3  H  N N 85  
CYS HG   H  N N 86  
CYS HXT  H  N N 87  
GLN N    N  N N 88  
GLN CA   C  N S 89  
GLN C    C  N N 90  
GLN O    O  N N 91  
GLN CB   C  N N 92  
GLN CG   C  N N 93  
GLN CD   C  N N 94  
GLN OE1  O  N N 95  
GLN NE2  N  N N 96  
GLN OXT  O  N N 97  
GLN H    H  N N 98  
GLN H2   H  N N 99  
GLN HA   H  N N 100 
GLN HB2  H  N N 101 
GLN HB3  H  N N 102 
GLN HG2  H  N N 103 
GLN HG3  H  N N 104 
GLN HE21 H  N N 105 
GLN HE22 H  N N 106 
GLN HXT  H  N N 107 
GLU N    N  N N 108 
GLU CA   C  N S 109 
GLU C    C  N N 110 
GLU O    O  N N 111 
GLU CB   C  N N 112 
GLU CG   C  N N 113 
GLU CD   C  N N 114 
GLU OE1  O  N N 115 
GLU OE2  O  N N 116 
GLU OXT  O  N N 117 
GLU H    H  N N 118 
GLU H2   H  N N 119 
GLU HA   H  N N 120 
GLU HB2  H  N N 121 
GLU HB3  H  N N 122 
GLU HG2  H  N N 123 
GLU HG3  H  N N 124 
GLU HE2  H  N N 125 
GLU HXT  H  N N 126 
GLY N    N  N N 127 
GLY CA   C  N N 128 
GLY C    C  N N 129 
GLY O    O  N N 130 
GLY OXT  O  N N 131 
GLY H    H  N N 132 
GLY H2   H  N N 133 
GLY HA2  H  N N 134 
GLY HA3  H  N N 135 
GLY HXT  H  N N 136 
HOH O    O  N N 137 
HOH H1   H  N N 138 
HOH H2   H  N N 139 
ILE N    N  N N 140 
ILE CA   C  N S 141 
ILE C    C  N N 142 
ILE O    O  N N 143 
ILE CB   C  N S 144 
ILE CG1  C  N N 145 
ILE CG2  C  N N 146 
ILE CD1  C  N N 147 
ILE OXT  O  N N 148 
ILE H    H  N N 149 
ILE H2   H  N N 150 
ILE HA   H  N N 151 
ILE HB   H  N N 152 
ILE HG12 H  N N 153 
ILE HG13 H  N N 154 
ILE HG21 H  N N 155 
ILE HG22 H  N N 156 
ILE HG23 H  N N 157 
ILE HD11 H  N N 158 
ILE HD12 H  N N 159 
ILE HD13 H  N N 160 
ILE HXT  H  N N 161 
K   K    K  N N 162 
LEU N    N  N N 163 
LEU CA   C  N S 164 
LEU C    C  N N 165 
LEU O    O  N N 166 
LEU CB   C  N N 167 
LEU CG   C  N N 168 
LEU CD1  C  N N 169 
LEU CD2  C  N N 170 
LEU OXT  O  N N 171 
LEU H    H  N N 172 
LEU H2   H  N N 173 
LEU HA   H  N N 174 
LEU HB2  H  N N 175 
LEU HB3  H  N N 176 
LEU HG   H  N N 177 
LEU HD11 H  N N 178 
LEU HD12 H  N N 179 
LEU HD13 H  N N 180 
LEU HD21 H  N N 181 
LEU HD22 H  N N 182 
LEU HD23 H  N N 183 
LEU HXT  H  N N 184 
LYS N    N  N N 185 
LYS CA   C  N S 186 
LYS C    C  N N 187 
LYS O    O  N N 188 
LYS CB   C  N N 189 
LYS CG   C  N N 190 
LYS CD   C  N N 191 
LYS CE   C  N N 192 
LYS NZ   N  N N 193 
LYS OXT  O  N N 194 
LYS H    H  N N 195 
LYS H2   H  N N 196 
LYS HA   H  N N 197 
LYS HB2  H  N N 198 
LYS HB3  H  N N 199 
LYS HG2  H  N N 200 
LYS HG3  H  N N 201 
LYS HD2  H  N N 202 
LYS HD3  H  N N 203 
LYS HE2  H  N N 204 
LYS HE3  H  N N 205 
LYS HZ1  H  N N 206 
LYS HZ2  H  N N 207 
LYS HZ3  H  N N 208 
LYS HXT  H  N N 209 
NA  NA   NA N N 210 
PHE N    N  N N 211 
PHE CA   C  N S 212 
PHE C    C  N N 213 
PHE O    O  N N 214 
PHE CB   C  N N 215 
PHE CG   C  Y N 216 
PHE CD1  C  Y N 217 
PHE CD2  C  Y N 218 
PHE CE1  C  Y N 219 
PHE CE2  C  Y N 220 
PHE CZ   C  Y N 221 
PHE OXT  O  N N 222 
PHE H    H  N N 223 
PHE H2   H  N N 224 
PHE HA   H  N N 225 
PHE HB2  H  N N 226 
PHE HB3  H  N N 227 
PHE HD1  H  N N 228 
PHE HD2  H  N N 229 
PHE HE1  H  N N 230 
PHE HE2  H  N N 231 
PHE HZ   H  N N 232 
PHE HXT  H  N N 233 
PRO N    N  N N 234 
PRO CA   C  N S 235 
PRO C    C  N N 236 
PRO O    O  N N 237 
PRO CB   C  N N 238 
PRO CG   C  N N 239 
PRO CD   C  N N 240 
PRO OXT  O  N N 241 
PRO H    H  N N 242 
PRO HA   H  N N 243 
PRO HB2  H  N N 244 
PRO HB3  H  N N 245 
PRO HG2  H  N N 246 
PRO HG3  H  N N 247 
PRO HD2  H  N N 248 
PRO HD3  H  N N 249 
PRO HXT  H  N N 250 
SER N    N  N N 251 
SER CA   C  N S 252 
SER C    C  N N 253 
SER O    O  N N 254 
SER CB   C  N N 255 
SER OG   O  N N 256 
SER OXT  O  N N 257 
SER H    H  N N 258 
SER H2   H  N N 259 
SER HA   H  N N 260 
SER HB2  H  N N 261 
SER HB3  H  N N 262 
SER HG   H  N N 263 
SER HXT  H  N N 264 
THR N    N  N N 265 
THR CA   C  N S 266 
THR C    C  N N 267 
THR O    O  N N 268 
THR CB   C  N R 269 
THR OG1  O  N N 270 
THR CG2  C  N N 271 
THR OXT  O  N N 272 
THR H    H  N N 273 
THR H2   H  N N 274 
THR HA   H  N N 275 
THR HB   H  N N 276 
THR HG1  H  N N 277 
THR HG21 H  N N 278 
THR HG22 H  N N 279 
THR HG23 H  N N 280 
THR HXT  H  N N 281 
TLA O1   O  N N 282 
TLA O11  O  N N 283 
TLA C1   C  N N 284 
TLA C2   C  N R 285 
TLA O2   O  N N 286 
TLA C3   C  N R 287 
TLA O3   O  N N 288 
TLA C4   C  N N 289 
TLA O4   O  N N 290 
TLA O41  O  N N 291 
TLA H11  H  N N 292 
TLA H2   H  N N 293 
TLA HA   H  N N 294 
TLA H3   H  N N 295 
TLA HB   H  N N 296 
TLA H41  H  N N 297 
TRP N    N  N N 298 
TRP CA   C  N S 299 
TRP C    C  N N 300 
TRP O    O  N N 301 
TRP CB   C  N N 302 
TRP CG   C  Y N 303 
TRP CD1  C  Y N 304 
TRP CD2  C  Y N 305 
TRP NE1  N  Y N 306 
TRP CE2  C  Y N 307 
TRP CE3  C  Y N 308 
TRP CZ2  C  Y N 309 
TRP CZ3  C  Y N 310 
TRP CH2  C  Y N 311 
TRP OXT  O  N N 312 
TRP H    H  N N 313 
TRP H2   H  N N 314 
TRP HA   H  N N 315 
TRP HB2  H  N N 316 
TRP HB3  H  N N 317 
TRP HD1  H  N N 318 
TRP HE1  H  N N 319 
TRP HE3  H  N N 320 
TRP HZ2  H  N N 321 
TRP HZ3  H  N N 322 
TRP HH2  H  N N 323 
TRP HXT  H  N N 324 
VAL N    N  N N 325 
VAL CA   C  N S 326 
VAL C    C  N N 327 
VAL O    O  N N 328 
VAL CB   C  N N 329 
VAL CG1  C  N N 330 
VAL CG2  C  N N 331 
VAL OXT  O  N N 332 
VAL H    H  N N 333 
VAL H2   H  N N 334 
VAL HA   H  N N 335 
VAL HB   H  N N 336 
VAL HG11 H  N N 337 
VAL HG12 H  N N 338 
VAL HG13 H  N N 339 
VAL HG21 H  N N 340 
VAL HG22 H  N N 341 
VAL HG23 H  N N 342 
VAL HXT  H  N N 343 
# 
loop_
_chem_comp_bond.comp_id 
_chem_comp_bond.atom_id_1 
_chem_comp_bond.atom_id_2 
_chem_comp_bond.value_order 
_chem_comp_bond.pdbx_aromatic_flag 
_chem_comp_bond.pdbx_stereo_config 
_chem_comp_bond.pdbx_ordinal 
ALA N   CA   sing N N 1   
ALA N   H    sing N N 2   
ALA N   H2   sing N N 3   
ALA CA  C    sing N N 4   
ALA CA  CB   sing N N 5   
ALA CA  HA   sing N N 6   
ALA C   O    doub N N 7   
ALA C   OXT  sing N N 8   
ALA CB  HB1  sing N N 9   
ALA CB  HB2  sing N N 10  
ALA CB  HB3  sing N N 11  
ALA OXT HXT  sing N N 12  
ARG N   CA   sing N N 13  
ARG N   H    sing N N 14  
ARG N   H2   sing N N 15  
ARG CA  C    sing N N 16  
ARG CA  CB   sing N N 17  
ARG CA  HA   sing N N 18  
ARG C   O    doub N N 19  
ARG C   OXT  sing N N 20  
ARG CB  CG   sing N N 21  
ARG CB  HB2  sing N N 22  
ARG CB  HB3  sing N N 23  
ARG CG  CD   sing N N 24  
ARG CG  HG2  sing N N 25  
ARG CG  HG3  sing N N 26  
ARG CD  NE   sing N N 27  
ARG CD  HD2  sing N N 28  
ARG CD  HD3  sing N N 29  
ARG NE  CZ   sing N N 30  
ARG NE  HE   sing N N 31  
ARG CZ  NH1  sing N N 32  
ARG CZ  NH2  doub N N 33  
ARG NH1 HH11 sing N N 34  
ARG NH1 HH12 sing N N 35  
ARG NH2 HH21 sing N N 36  
ARG NH2 HH22 sing N N 37  
ARG OXT HXT  sing N N 38  
ASN N   CA   sing N N 39  
ASN N   H    sing N N 40  
ASN N   H2   sing N N 41  
ASN CA  C    sing N N 42  
ASN CA  CB   sing N N 43  
ASN CA  HA   sing N N 44  
ASN C   O    doub N N 45  
ASN C   OXT  sing N N 46  
ASN CB  CG   sing N N 47  
ASN CB  HB2  sing N N 48  
ASN CB  HB3  sing N N 49  
ASN CG  OD1  doub N N 50  
ASN CG  ND2  sing N N 51  
ASN ND2 HD21 sing N N 52  
ASN ND2 HD22 sing N N 53  
ASN OXT HXT  sing N N 54  
ASP N   CA   sing N N 55  
ASP N   H    sing N N 56  
ASP N   H2   sing N N 57  
ASP CA  C    sing N N 58  
ASP CA  CB   sing N N 59  
ASP CA  HA   sing N N 60  
ASP C   O    doub N N 61  
ASP C   OXT  sing N N 62  
ASP CB  CG   sing N N 63  
ASP CB  HB2  sing N N 64  
ASP CB  HB3  sing N N 65  
ASP CG  OD1  doub N N 66  
ASP CG  OD2  sing N N 67  
ASP OD2 HD2  sing N N 68  
ASP OXT HXT  sing N N 69  
CYS N   CA   sing N N 70  
CYS N   H    sing N N 71  
CYS N   H2   sing N N 72  
CYS CA  C    sing N N 73  
CYS CA  CB   sing N N 74  
CYS CA  HA   sing N N 75  
CYS C   O    doub N N 76  
CYS C   OXT  sing N N 77  
CYS CB  SG   sing N N 78  
CYS CB  HB2  sing N N 79  
CYS CB  HB3  sing N N 80  
CYS SG  HG   sing N N 81  
CYS OXT HXT  sing N N 82  
GLN N   CA   sing N N 83  
GLN N   H    sing N N 84  
GLN N   H2   sing N N 85  
GLN CA  C    sing N N 86  
GLN CA  CB   sing N N 87  
GLN CA  HA   sing N N 88  
GLN C   O    doub N N 89  
GLN C   OXT  sing N N 90  
GLN CB  CG   sing N N 91  
GLN CB  HB2  sing N N 92  
GLN CB  HB3  sing N N 93  
GLN CG  CD   sing N N 94  
GLN CG  HG2  sing N N 95  
GLN CG  HG3  sing N N 96  
GLN CD  OE1  doub N N 97  
GLN CD  NE2  sing N N 98  
GLN NE2 HE21 sing N N 99  
GLN NE2 HE22 sing N N 100 
GLN OXT HXT  sing N N 101 
GLU N   CA   sing N N 102 
GLU N   H    sing N N 103 
GLU N   H2   sing N N 104 
GLU CA  C    sing N N 105 
GLU CA  CB   sing N N 106 
GLU CA  HA   sing N N 107 
GLU C   O    doub N N 108 
GLU C   OXT  sing N N 109 
GLU CB  CG   sing N N 110 
GLU CB  HB2  sing N N 111 
GLU CB  HB3  sing N N 112 
GLU CG  CD   sing N N 113 
GLU CG  HG2  sing N N 114 
GLU CG  HG3  sing N N 115 
GLU CD  OE1  doub N N 116 
GLU CD  OE2  sing N N 117 
GLU OE2 HE2  sing N N 118 
GLU OXT HXT  sing N N 119 
GLY N   CA   sing N N 120 
GLY N   H    sing N N 121 
GLY N   H2   sing N N 122 
GLY CA  C    sing N N 123 
GLY CA  HA2  sing N N 124 
GLY CA  HA3  sing N N 125 
GLY C   O    doub N N 126 
GLY C   OXT  sing N N 127 
GLY OXT HXT  sing N N 128 
HOH O   H1   sing N N 129 
HOH O   H2   sing N N 130 
ILE N   CA   sing N N 131 
ILE N   H    sing N N 132 
ILE N   H2   sing N N 133 
ILE CA  C    sing N N 134 
ILE CA  CB   sing N N 135 
ILE CA  HA   sing N N 136 
ILE C   O    doub N N 137 
ILE C   OXT  sing N N 138 
ILE CB  CG1  sing N N 139 
ILE CB  CG2  sing N N 140 
ILE CB  HB   sing N N 141 
ILE CG1 CD1  sing N N 142 
ILE CG1 HG12 sing N N 143 
ILE CG1 HG13 sing N N 144 
ILE CG2 HG21 sing N N 145 
ILE CG2 HG22 sing N N 146 
ILE CG2 HG23 sing N N 147 
ILE CD1 HD11 sing N N 148 
ILE CD1 HD12 sing N N 149 
ILE CD1 HD13 sing N N 150 
ILE OXT HXT  sing N N 151 
LEU N   CA   sing N N 152 
LEU N   H    sing N N 153 
LEU N   H2   sing N N 154 
LEU CA  C    sing N N 155 
LEU CA  CB   sing N N 156 
LEU CA  HA   sing N N 157 
LEU C   O    doub N N 158 
LEU C   OXT  sing N N 159 
LEU CB  CG   sing N N 160 
LEU CB  HB2  sing N N 161 
LEU CB  HB3  sing N N 162 
LEU CG  CD1  sing N N 163 
LEU CG  CD2  sing N N 164 
LEU CG  HG   sing N N 165 
LEU CD1 HD11 sing N N 166 
LEU CD1 HD12 sing N N 167 
LEU CD1 HD13 sing N N 168 
LEU CD2 HD21 sing N N 169 
LEU CD2 HD22 sing N N 170 
LEU CD2 HD23 sing N N 171 
LEU OXT HXT  sing N N 172 
LYS N   CA   sing N N 173 
LYS N   H    sing N N 174 
LYS N   H2   sing N N 175 
LYS CA  C    sing N N 176 
LYS CA  CB   sing N N 177 
LYS CA  HA   sing N N 178 
LYS C   O    doub N N 179 
LYS C   OXT  sing N N 180 
LYS CB  CG   sing N N 181 
LYS CB  HB2  sing N N 182 
LYS CB  HB3  sing N N 183 
LYS CG  CD   sing N N 184 
LYS CG  HG2  sing N N 185 
LYS CG  HG3  sing N N 186 
LYS CD  CE   sing N N 187 
LYS CD  HD2  sing N N 188 
LYS CD  HD3  sing N N 189 
LYS CE  NZ   sing N N 190 
LYS CE  HE2  sing N N 191 
LYS CE  HE3  sing N N 192 
LYS NZ  HZ1  sing N N 193 
LYS NZ  HZ2  sing N N 194 
LYS NZ  HZ3  sing N N 195 
LYS OXT HXT  sing N N 196 
PHE N   CA   sing N N 197 
PHE N   H    sing N N 198 
PHE N   H2   sing N N 199 
PHE CA  C    sing N N 200 
PHE CA  CB   sing N N 201 
PHE CA  HA   sing N N 202 
PHE C   O    doub N N 203 
PHE C   OXT  sing N N 204 
PHE CB  CG   sing N N 205 
PHE CB  HB2  sing N N 206 
PHE CB  HB3  sing N N 207 
PHE CG  CD1  doub Y N 208 
PHE CG  CD2  sing Y N 209 
PHE CD1 CE1  sing Y N 210 
PHE CD1 HD1  sing N N 211 
PHE CD2 CE2  doub Y N 212 
PHE CD2 HD2  sing N N 213 
PHE CE1 CZ   doub Y N 214 
PHE CE1 HE1  sing N N 215 
PHE CE2 CZ   sing Y N 216 
PHE CE2 HE2  sing N N 217 
PHE CZ  HZ   sing N N 218 
PHE OXT HXT  sing N N 219 
PRO N   CA   sing N N 220 
PRO N   CD   sing N N 221 
PRO N   H    sing N N 222 
PRO CA  C    sing N N 223 
PRO CA  CB   sing N N 224 
PRO CA  HA   sing N N 225 
PRO C   O    doub N N 226 
PRO C   OXT  sing N N 227 
PRO CB  CG   sing N N 228 
PRO CB  HB2  sing N N 229 
PRO CB  HB3  sing N N 230 
PRO CG  CD   sing N N 231 
PRO CG  HG2  sing N N 232 
PRO CG  HG3  sing N N 233 
PRO CD  HD2  sing N N 234 
PRO CD  HD3  sing N N 235 
PRO OXT HXT  sing N N 236 
SER N   CA   sing N N 237 
SER N   H    sing N N 238 
SER N   H2   sing N N 239 
SER CA  C    sing N N 240 
SER CA  CB   sing N N 241 
SER CA  HA   sing N N 242 
SER C   O    doub N N 243 
SER C   OXT  sing N N 244 
SER CB  OG   sing N N 245 
SER CB  HB2  sing N N 246 
SER CB  HB3  sing N N 247 
SER OG  HG   sing N N 248 
SER OXT HXT  sing N N 249 
THR N   CA   sing N N 250 
THR N   H    sing N N 251 
THR N   H2   sing N N 252 
THR CA  C    sing N N 253 
THR CA  CB   sing N N 254 
THR CA  HA   sing N N 255 
THR C   O    doub N N 256 
THR C   OXT  sing N N 257 
THR CB  OG1  sing N N 258 
THR CB  CG2  sing N N 259 
THR CB  HB   sing N N 260 
THR OG1 HG1  sing N N 261 
THR CG2 HG21 sing N N 262 
THR CG2 HG22 sing N N 263 
THR CG2 HG23 sing N N 264 
THR OXT HXT  sing N N 265 
TLA O1  C1   doub N N 266 
TLA O11 C1   sing N N 267 
TLA O11 H11  sing N N 268 
TLA C1  C2   sing N N 269 
TLA C2  O2   sing N N 270 
TLA C2  C3   sing N N 271 
TLA C2  H2   sing N N 272 
TLA O2  HA   sing N N 273 
TLA C3  O3   sing N N 274 
TLA C3  C4   sing N N 275 
TLA C3  H3   sing N N 276 
TLA O3  HB   sing N N 277 
TLA C4  O4   doub N N 278 
TLA C4  O41  sing N N 279 
TLA O41 H41  sing N N 280 
TRP N   CA   sing N N 281 
TRP N   H    sing N N 282 
TRP N   H2   sing N N 283 
TRP CA  C    sing N N 284 
TRP CA  CB   sing N N 285 
TRP CA  HA   sing N N 286 
TRP C   O    doub N N 287 
TRP C   OXT  sing N N 288 
TRP CB  CG   sing N N 289 
TRP CB  HB2  sing N N 290 
TRP CB  HB3  sing N N 291 
TRP CG  CD1  doub Y N 292 
TRP CG  CD2  sing Y N 293 
TRP CD1 NE1  sing Y N 294 
TRP CD1 HD1  sing N N 295 
TRP CD2 CE2  doub Y N 296 
TRP CD2 CE3  sing Y N 297 
TRP NE1 CE2  sing Y N 298 
TRP NE1 HE1  sing N N 299 
TRP CE2 CZ2  sing Y N 300 
TRP CE3 CZ3  doub Y N 301 
TRP CE3 HE3  sing N N 302 
TRP CZ2 CH2  doub Y N 303 
TRP CZ2 HZ2  sing N N 304 
TRP CZ3 CH2  sing Y N 305 
TRP CZ3 HZ3  sing N N 306 
TRP CH2 HH2  sing N N 307 
TRP OXT HXT  sing N N 308 
VAL N   CA   sing N N 309 
VAL N   H    sing N N 310 
VAL N   H2   sing N N 311 
VAL CA  C    sing N N 312 
VAL CA  CB   sing N N 313 
VAL CA  HA   sing N N 314 
VAL C   O    doub N N 315 
VAL C   OXT  sing N N 316 
VAL CB  CG1  sing N N 317 
VAL CB  CG2  sing N N 318 
VAL CB  HB   sing N N 319 
VAL CG1 HG11 sing N N 320 
VAL CG1 HG12 sing N N 321 
VAL CG1 HG13 sing N N 322 
VAL CG2 HG21 sing N N 323 
VAL CG2 HG22 sing N N 324 
VAL CG2 HG23 sing N N 325 
VAL OXT HXT  sing N N 326 
# 
_pdbx_initial_refinement_model.id               1 
_pdbx_initial_refinement_model.entity_id_list   ? 
_pdbx_initial_refinement_model.type             'experimental model' 
_pdbx_initial_refinement_model.source_name      PDB 
_pdbx_initial_refinement_model.accession_code   2CI2 
_pdbx_initial_refinement_model.details          'PDB ENTRY 2CI2' 
# 
_atom_sites.entry_id                    1VBW 
_atom_sites.fract_transf_matrix[1][1]   0.04239805 
_atom_sites.fract_transf_matrix[1][2]   0.00937591 
_atom_sites.fract_transf_matrix[1][3]   -0.01484122 
_atom_sites.fract_transf_matrix[2][1]   0.02540580 
_atom_sites.fract_transf_matrix[2][2]   -0.01729417 
_atom_sites.fract_transf_matrix[2][3]   0.03217716 
_atom_sites.fract_transf_matrix[3][1]   0.00766344 
_atom_sites.fract_transf_matrix[3][2]   -0.03070267 
_atom_sites.fract_transf_matrix[3][3]   -0.01876884 
_atom_sites.fract_transf_vector[1]      -0.017393 
_atom_sites.fract_transf_vector[2]      0.045972 
_atom_sites.fract_transf_vector[3]      0.029227 
# 
loop_
_atom_type.symbol 
C  
K  
N  
NA 
O  
S  
# 
loop_
_atom_site.group_PDB 
_atom_site.id 
_atom_site.type_symbol 
_atom_site.label_atom_id 
_atom_site.label_alt_id 
_atom_site.label_comp_id 
_atom_site.label_asym_id 
_atom_site.label_entity_id 
_atom_site.label_seq_id 
_atom_site.pdbx_PDB_ins_code 
_atom_site.Cartn_x 
_atom_site.Cartn_y 
_atom_site.Cartn_z 
_atom_site.occupancy 
_atom_site.B_iso_or_equiv 
_atom_site.pdbx_formal_charge 
_atom_site.auth_seq_id 
_atom_site.auth_comp_id 
_atom_site.auth_asym_id 
_atom_site.auth_atom_id 
_atom_site.pdbx_PDB_model_num 
ATOM   1   N  N   . SER A 1 1  ? -7.324  -7.028  18.341  1.00 21.12 ? 1    SER A N   1 
ATOM   2   C  CA  . SER A 1 1  ? -8.178  -5.934  17.844  1.00 15.18 ? 1    SER A CA  1 
ATOM   3   C  C   . SER A 1 1  ? -7.491  -5.160  16.749  1.00 13.91 ? 1    SER A C   1 
ATOM   4   O  O   . SER A 1 1  ? -7.402  -3.916  16.718  1.00 22.28 ? 1    SER A O   1 
ATOM   5   C  CB  . SER A 1 1  ? -8.694  -4.967  18.917  1.00 19.08 ? 1    SER A CB  1 
ATOM   6   O  OG  . SER A 1 1  ? -9.347  -5.777  19.933  1.00 25.79 ? 1    SER A OG  1 
ATOM   7   N  N   . ARG A 1 2  ? -6.998  -5.823  15.737  1.00 14.82 ? 2    ARG A N   1 
ATOM   8   C  CA  . ARG A 1 2  ? -6.151  -5.172  14.683  1.00 13.93 ? 2    ARG A CA  1 
ATOM   9   C  C   . ARG A 1 2  ? -7.073  -4.555  13.643  1.00 11.68 ? 2    ARG A C   1 
ATOM   10  O  O   . ARG A 1 2  ? -8.268  -4.527  13.646  1.00 13.40 ? 2    ARG A O   1 
ATOM   11  C  CB  . ARG A 1 2  ? -5.284  -6.310  14.213  1.00 14.16 ? 2    ARG A CB  1 
ATOM   12  C  CG  . ARG A 1 2  ? -4.300  -6.755  15.287  1.00 15.91 ? 2    ARG A CG  1 
ATOM   13  C  CD  . ARG A 1 2  ? -3.553  -8.010  14.843  1.00 17.79 ? 2    ARG A CD  1 
ATOM   14  N  NE  . ARG A 1 2  ? -2.555  -8.384  15.812  1.00 18.59 ? 2    ARG A NE  1 
ATOM   15  C  CZ  . ARG A 1 2  ? -1.817  -9.454  15.745  1.00 14.93 ? 2    ARG A CZ  1 
ATOM   16  N  NH1 . ARG A 1 2  ? -1.937  -10.357 14.776  1.00 19.82 ? 2    ARG A NH1 1 
ATOM   17  N  NH2 . ARG A 1 2  ? -0.938  -9.662  16.714  1.00 17.08 ? 2    ARG A NH2 1 
ATOM   18  N  N   . CYS A 1 3  ? -6.411  -3.852  12.689  1.00 11.75 ? 3    CYS A N   1 
ATOM   19  C  CA  . CYS A 1 3  ? -7.040  -3.164  11.522  1.00 10.41 ? 3    CYS A CA  1 
ATOM   20  C  C   . CYS A 1 3  ? -7.638  -1.754  11.776  1.00 9.53  ? 3    CYS A C   1 
ATOM   21  O  O   . CYS A 1 3  ? -8.213  -1.169  10.831  1.00 10.16 ? 3    CYS A O   1 
ATOM   22  C  CB  . CYS A 1 3  ? -8.073  -3.996  10.760  1.00 9.38  ? 3    CYS A CB  1 
ATOM   23  S  SG  . CYS A 1 3  ? -7.411  -5.150  9.537   1.00 8.93  ? 3    CYS A SG  1 
ATOM   24  N  N   . GLN A 1 4  ? -7.500  -1.178  12.940  1.00 11.68 ? 4    GLN A N   1 
ATOM   25  C  CA  . GLN A 1 4  ? -8.049  0.148   13.199  1.00 13.28 ? 4    GLN A CA  1 
ATOM   26  C  C   . GLN A 1 4  ? -7.156  1.209   12.580  1.00 11.77 ? 4    GLN A C   1 
ATOM   27  O  O   . GLN A 1 4  ? -6.035  0.957   12.178  1.00 13.40 ? 4    GLN A O   1 
ATOM   28  C  CB  . GLN A 1 4  ? -8.195  0.423   14.733  1.00 19.56 ? 4    GLN A CB  1 
ATOM   29  C  CG  . GLN A 1 4  ? -9.097  -0.578  15.394  1.00 28.82 ? 4    GLN A CG  1 
ATOM   30  C  CD  . GLN A 1 4  ? -9.400  -0.462  16.859  1.00 28.95 ? 4    GLN A CD  1 
ATOM   31  O  OE1 . GLN A 1 4  ? -9.446  0.604   17.455  1.00 41.46 ? 4    GLN A OE1 1 
ATOM   32  N  NE2 . GLN A 1 4  ? -9.619  -1.632  17.454  1.00 42.04 ? 4    GLN A NE2 1 
ATOM   33  N  N   . GLY A 1 5  ? -7.737  2.422   12.527  1.00 11.37 ? 5    GLY A N   1 
ATOM   34  C  CA  . GLY A 1 5  ? -6.989  3.511   11.925  1.00 11.20 ? 5    GLY A CA  1 
ATOM   35  C  C   . GLY A 1 5  ? -7.337  3.674   10.457  1.00 9.29  ? 5    GLY A C   1 
ATOM   36  O  O   . GLY A 1 5  ? -8.268  3.065   9.930   1.00 10.08 ? 5    GLY A O   1 
ATOM   37  N  N   . LYS A 1 6  ? -6.588  4.576   9.804   1.00 7.98  ? 6    LYS A N   1 
ATOM   38  C  CA  . LYS A 1 6  ? -6.801  4.731   8.386   1.00 7.33  ? 6    LYS A CA  1 
ATOM   39  C  C   . LYS A 1 6  ? -6.450  3.440   7.676   1.00 7.27  ? 6    LYS A C   1 
ATOM   40  O  O   . LYS A 1 6  ? -5.390  2.856   7.923   1.00 7.99  ? 6    LYS A O   1 
ATOM   41  C  CB  . LYS A 1 6  ? -5.985  5.924   7.846   1.00 8.26  ? 6    LYS A CB  1 
ATOM   42  C  CG  . LYS A 1 6  ? -6.250  6.219   6.401   1.00 7.99  ? 6    LYS A CG  1 
ATOM   43  C  CD  . LYS A 1 6  ? -5.678  7.561   5.972   1.00 8.04  ? 6    LYS A CD  1 
ATOM   44  C  CE  . LYS A 1 6  ? -5.928  7.836   4.520   1.00 8.54  ? 6    LYS A CE  1 
ATOM   45  N  NZ  . LYS A 1 6  ? -5.317  9.142   4.105   1.00 9.54  ? 6    LYS A NZ  1 
ATOM   46  N  N   . SER A 1 7  ? -7.318  3.018   6.746   1.00 6.96  ? 7    SER A N   1 
ATOM   47  C  CA  . SER A 1 7  ? -7.086  1.727   6.136   1.00 7.95  ? 7    SER A CA  1 
ATOM   48  C  C   . SER A 1 7  ? -7.110  1.710   4.604   1.00 6.21  ? 7    SER A C   1 
ATOM   49  O  O   . SER A 1 7  ? -6.876  0.684   4.010   1.00 7.09  ? 7    SER A O   1 
ATOM   50  C  CB  . SER A 1 7  ? -8.028  0.690   6.737   1.00 12.66 ? 7    SER A CB  1 
ATOM   51  O  OG  . SER A 1 7  ? -9.321  1.127   6.601   1.00 12.53 ? 7    SER A OG  1 
ATOM   52  N  N   . SER A 1 8  ? -7.351  2.881   3.979   1.00 6.77  ? 8    SER A N   1 
ATOM   53  C  CA  A SER A 1 8  ? -7.163  2.960   2.526   0.60 6.39  ? 8    SER A CA  1 
ATOM   54  C  CA  B SER A 1 8  ? -7.386  3.061   2.538   0.40 7.76  ? 8    SER A CA  1 
ATOM   55  C  C   . SER A 1 8  ? -6.709  4.371   2.190   1.00 6.01  ? 8    SER A C   1 
ATOM   56  O  O   . SER A 1 8  ? -7.047  5.335   2.884   1.00 6.78  ? 8    SER A O   1 
ATOM   57  C  CB  A SER A 1 8  ? -8.424  2.523   1.766   0.60 9.34  ? 8    SER A CB  1 
ATOM   58  C  CB  B SER A 1 8  ? -8.826  3.141   1.965   0.40 10.41 ? 8    SER A CB  1 
ATOM   59  O  OG  A SER A 1 8  ? -8.148  2.364   0.384   0.60 9.32  ? 8    SER A OG  1 
ATOM   60  O  OG  B SER A 1 8  ? -9.318  1.827   1.915   0.40 11.29 ? 8    SER A OG  1 
ATOM   61  N  N   . TRP A 1 9  ? -5.936  4.437   1.134   1.00 5.70  ? 9    TRP A N   1 
ATOM   62  C  CA  . TRP A 1 9  ? -5.287  5.686   0.699   1.00 5.45  ? 9    TRP A CA  1 
ATOM   63  C  C   . TRP A 1 9  ? -5.579  5.953   -0.770  1.00 5.88  ? 9    TRP A C   1 
ATOM   64  O  O   . TRP A 1 9  ? -4.693  5.934   -1.630  1.00 6.11  ? 9    TRP A O   1 
ATOM   65  C  CB  . TRP A 1 9  ? -3.755  5.596   0.902   1.00 5.69  ? 9    TRP A CB  1 
ATOM   66  C  CG  . TRP A 1 9  ? -3.385  5.658   2.349   1.00 5.51  ? 9    TRP A CG  1 
ATOM   67  C  CD1 . TRP A 1 9  ? -2.948  6.754   3.000   1.00 6.21  ? 9    TRP A CD1 1 
ATOM   68  C  CD2 . TRP A 1 9  ? -3.398  4.577   3.320   1.00 5.41  ? 9    TRP A CD2 1 
ATOM   69  N  NE1 . TRP A 1 9  ? -2.698  6.485   4.336   1.00 6.73  ? 9    TRP A NE1 1 
ATOM   70  C  CE2 . TRP A 1 9  ? -2.961  5.134   4.541   1.00 5.77  ? 9    TRP A CE2 1 
ATOM   71  C  CE3 . TRP A 1 9  ? -3.700  3.224   3.277   1.00 5.65  ? 9    TRP A CE3 1 
ATOM   72  C  CZ2 . TRP A 1 9  ? -2.851  4.387   5.709   1.00 6.31  ? 9    TRP A CZ2 1 
ATOM   73  C  CZ3 . TRP A 1 9  ? -3.611  2.474   4.437   1.00 5.98  ? 9    TRP A CZ3 1 
ATOM   74  C  CH2 . TRP A 1 9  ? -3.190  3.056   5.649   1.00 6.35  ? 9    TRP A CH2 1 
ATOM   75  N  N   . PRO A 1 10 ? -6.850  6.200   -1.088  1.00 6.39  ? 10   PRO A N   1 
ATOM   76  C  CA  . PRO A 1 10 ? -7.191  6.334   -2.534  1.00 7.22  ? 10   PRO A CA  1 
ATOM   77  C  C   . PRO A 1 10 ? -6.495  7.481   -3.194  1.00 6.33  ? 10   PRO A C   1 
ATOM   78  O  O   . PRO A 1 10 ? -6.295  7.425   -4.431  1.00 7.00  ? 10   PRO A O   1 
ATOM   79  C  CB  . PRO A 1 10 ? -8.725  6.550   -2.476  1.00 9.81  ? 10   PRO A CB  1 
ATOM   80  C  CG  . PRO A 1 10 ? -8.999  7.103   -1.117  1.00 9.47  ? 10   PRO A CG  1 
ATOM   81  C  CD  . PRO A 1 10 ? -8.012  6.329   -0.221  1.00 8.17  ? 10   PRO A CD  1 
ATOM   82  N  N   . GLN A 1 11 ? -6.108  8.545   -2.496  1.00 6.26  ? 11   GLN A N   1 
ATOM   83  C  CA  . GLN A 1 11 ? -5.470  9.671   -3.134  1.00 6.61  ? 11   GLN A CA  1 
ATOM   84  C  C   . GLN A 1 11 ? -4.039  9.407   -3.529  1.00 6.88  ? 11   GLN A C   1 
ATOM   85  O  O   . GLN A 1 11 ? -3.430  10.258  -4.209  1.00 8.33  ? 11   GLN A O   1 
ATOM   86  C  CB  . GLN A 1 11 ? -5.502  10.942  -2.261  1.00 8.66  ? 11   GLN A CB  1 
ATOM   87  C  CG  . GLN A 1 11 ? -6.896  11.432  -1.967  1.00 11.87 ? 11   GLN A CG  1 
ATOM   88  C  CD  . GLN A 1 11 ? -6.843  12.810  -1.280  1.00 18.35 ? 11   GLN A CD  1 
ATOM   89  O  OE1 . GLN A 1 11 ? -6.188  13.743  -1.715  1.00 28.50 ? 11   GLN A OE1 1 
ATOM   90  N  NE2 . GLN A 1 11 ? -7.489  12.906  -0.129  1.00 45.23 ? 11   GLN A NE2 1 
ATOM   91  N  N   . LEU A 1 12 ? -3.451  8.266   -3.124  1.00 6.04  ? 12   LEU A N   1 
ATOM   92  C  CA  A LEU A 1 12 ? -2.059  7.996   -3.488  0.94 5.93  ? 12   LEU A CA  1 
ATOM   93  C  CA  B LEU A 1 12 ? -2.075  7.938   -3.457  0.06 3.77  ? 12   LEU A CA  1 
ATOM   94  C  C   . LEU A 1 12 ? -1.879  7.405   -4.870  1.00 6.18  ? 12   LEU A C   1 
ATOM   95  O  O   . LEU A 1 12 ? -0.734  7.308   -5.332  1.00 6.86  ? 12   LEU A O   1 
ATOM   96  C  CB  A LEU A 1 12 ? -1.388  7.151   -2.418  0.94 5.88  ? 12   LEU A CB  1 
ATOM   97  C  CB  B LEU A 1 12 ? -1.504  6.922   -2.447  0.06 6.39  ? 12   LEU A CB  1 
ATOM   98  C  CG  A LEU A 1 12 ? -1.256  7.824   -1.049  0.94 6.24  ? 12   LEU A CG  1 
ATOM   99  C  CG  B LEU A 1 12 ? -0.914  7.582   -1.193  0.06 7.80  ? 12   LEU A CG  1 
ATOM   100 C  CD1 A LEU A 1 12 ? -0.658  6.867   -0.044  0.94 6.76  ? 12   LEU A CD1 1 
ATOM   101 C  CD1 B LEU A 1 12 ? 0.110   8.638   -1.571  0.06 7.14  ? 12   LEU A CD1 1 
ATOM   102 C  CD2 A LEU A 1 12 ? -0.374  9.090   -1.152  0.94 9.29  ? 12   LEU A CD2 1 
ATOM   103 C  CD2 B LEU A 1 12 ? -2.033  8.172   -0.356  0.06 6.49  ? 12   LEU A CD2 1 
ATOM   104 N  N   . VAL A 1 13 ? -2.965  7.063   -5.570  1.00 5.98  ? 13   VAL A N   1 
ATOM   105 C  CA  . VAL A 1 13 ? -2.768  6.658   -6.965  1.00 6.07  ? 13   VAL A CA  1 
ATOM   106 C  C   . VAL A 1 13 ? -2.186  7.835   -7.722  1.00 6.60  ? 13   VAL A C   1 
ATOM   107 O  O   . VAL A 1 13 ? -2.537  8.981   -7.529  1.00 7.34  ? 13   VAL A O   1 
ATOM   108 C  CB  . VAL A 1 13 ? -4.041  6.135   -7.636  1.00 6.81  ? 13   VAL A CB  1 
ATOM   109 C  CG1 . VAL A 1 13 ? -4.543  4.914   -6.860  1.00 8.45  ? 13   VAL A CG1 1 
ATOM   110 C  CG2 . VAL A 1 13 ? -5.113  7.207   -7.764  1.00 8.56  ? 13   VAL A CG2 1 
ATOM   111 N  N   . GLY A 1 14 ? -1.214  7.497   -8.614  1.00 7.15  ? 14   GLY A N   1 
ATOM   112 C  CA  . GLY A 1 14 ? -0.524  8.545   -9.340  1.00 7.98  ? 14   GLY A CA  1 
ATOM   113 C  C   . GLY A 1 14 ? 0.676   9.100   -8.652  1.00 8.44  ? 14   GLY A C   1 
ATOM   114 O  O   . GLY A 1 14 ? 1.459   9.785   -9.325  1.00 10.73 ? 14   GLY A O   1 
ATOM   115 N  N   . SER A 1 15 ? 0.868   8.834   -7.372  1.00 7.96  ? 15   SER A N   1 
ATOM   116 C  CA  . SER A 1 15 ? 2.044   9.221   -6.617  1.00 8.51  ? 15   SER A CA  1 
ATOM   117 C  C   . SER A 1 15 ? 3.167   8.217   -6.882  1.00 7.01  ? 15   SER A C   1 
ATOM   118 O  O   . SER A 1 15 ? 2.937   7.127   -7.375  1.00 7.60  ? 15   SER A O   1 
ATOM   119 C  CB  . SER A 1 15 ? 1.744   9.247   -5.093  1.00 11.18 ? 15   SER A CB  1 
ATOM   120 O  OG  A SER A 1 15 ? 0.727   10.218  -4.819  0.67 15.08 ? 15   SER A OG  1 
ATOM   121 O  OG  B SER A 1 15 ? 2.913   9.536   -4.375  0.33 22.92 ? 15   SER A OG  1 
ATOM   122 N  N   . THR A 1 16 ? 4.382   8.579   -6.493  1.00 8.24  ? 16   THR A N   1 
ATOM   123 C  CA  . THR A 1 16 ? 5.437   7.554   -6.519  1.00 8.50  ? 16   THR A CA  1 
ATOM   124 C  C   . THR A 1 16 ? 5.239   6.604   -5.358  1.00 7.86  ? 16   THR A C   1 
ATOM   125 O  O   . THR A 1 16 ? 4.671   6.893   -4.278  1.00 7.74  ? 16   THR A O   1 
ATOM   126 C  CB  A THR A 1 16 ? 6.826   8.184   -6.370  0.89 10.16 ? 16   THR A CB  1 
ATOM   127 C  CB  B THR A 1 16 ? 6.836   8.189   -6.499  0.11 9.68  ? 16   THR A CB  1 
ATOM   128 O  OG1 A THR A 1 16 ? 6.933   8.763   -5.027  0.89 9.95  ? 16   THR A OG1 1 
ATOM   129 O  OG1 B THR A 1 16 ? 7.783   7.269   -7.055  0.11 12.89 ? 16   THR A OG1 1 
ATOM   130 C  CG2 A THR A 1 16 ? 7.019   9.305   -7.381  0.89 12.13 ? 16   THR A CG2 1 
ATOM   131 C  CG2 B THR A 1 16 ? 7.322   8.460   -5.082  0.11 13.73 ? 16   THR A CG2 1 
ATOM   132 N  N   . GLY A 1 17 ? 5.765   5.360   -5.560  1.00 7.28  ? 17   GLY A N   1 
ATOM   133 C  CA  . GLY A 1 17 ? 5.688   4.389   -4.488  1.00 7.36  ? 17   GLY A CA  1 
ATOM   134 C  C   . GLY A 1 17 ? 6.356   4.837   -3.218  1.00 6.34  ? 17   GLY A C   1 
ATOM   135 O  O   . GLY A 1 17 ? 5.866   4.562   -2.114  1.00 6.74  ? 17   GLY A O   1 
ATOM   136 N  N   . ALA A 1 18 ? 7.518   5.500   -3.329  1.00 6.73  ? 18   ALA A N   1 
ATOM   137 C  CA  . ALA A 1 18 ? 8.222   5.959   -2.130  1.00 6.82  ? 18   ALA A CA  1 
ATOM   138 C  C   . ALA A 1 18 ? 7.425   6.989   -1.369  1.00 6.53  ? 18   ALA A C   1 
ATOM   139 O  O   . ALA A 1 18 ? 7.325   6.918   -0.125  1.00 6.66  ? 18   ALA A O   1 
ATOM   140 C  CB  . ALA A 1 18 ? 9.575   6.577   -2.560  1.00 8.45  ? 18   ALA A CB  1 
ATOM   141 N  N   . ALA A 1 19 ? 6.839   7.943   -2.102  1.00 6.50  ? 19   ALA A N   1 
ATOM   142 C  CA  . ALA A 1 19 ? 6.028   8.958   -1.414  1.00 7.06  ? 19   ALA A CA  1 
ATOM   143 C  C   . ALA A 1 19 ? 4.872   8.264   -0.696  1.00 6.32  ? 19   ALA A C   1 
ATOM   144 O  O   . ALA A 1 19 ? 4.517   8.620   0.450   1.00 7.30  ? 19   ALA A O   1 
ATOM   145 C  CB  . ALA A 1 19 ? 5.531   10.014  -2.359  1.00 9.11  ? 19   ALA A CB  1 
ATOM   146 N  N   . ALA A 1 20 ? 4.230   7.324   -1.387  1.00 6.01  ? 20   ALA A N   1 
ATOM   147 C  CA  . ALA A 1 20 ? 3.107   6.617   -0.804  1.00 6.36  ? 20   ALA A CA  1 
ATOM   148 C  C   . ALA A 1 20 ? 3.466   5.854   0.439   1.00 5.83  ? 20   ALA A C   1 
ATOM   149 O  O   . ALA A 1 20 ? 2.758   5.889   1.454   1.00 6.63  ? 20   ALA A O   1 
ATOM   150 C  CB  . ALA A 1 20 ? 2.496   5.705   -1.864  1.00 6.82  ? 20   ALA A CB  1 
ATOM   151 N  N   . LYS A 1 21 ? 4.594   5.103   0.395   1.00 6.00  ? 21   LYS A N   1 
ATOM   152 C  CA  . LYS A 1 21 ? 5.030   4.349   1.568   1.00 6.23  ? 21   LYS A CA  1 
ATOM   153 C  C   . LYS A 1 21 ? 5.148   5.245   2.790   1.00 5.91  ? 21   LYS A C   1 
ATOM   154 O  O   . LYS A 1 21 ? 4.689   4.901   3.868   1.00 6.44  ? 21   LYS A O   1 
ATOM   155 C  CB  . LYS A 1 21 ? 6.363   3.647   1.263   1.00 6.95  ? 21   LYS A CB  1 
ATOM   156 C  CG  . LYS A 1 21 ? 7.043   3.008   2.429   1.00 7.29  ? 21   LYS A CG  1 
ATOM   157 C  CD  . LYS A 1 21 ? 8.231   2.142   1.990   1.00 10.33 ? 21   LYS A CD  1 
ATOM   158 C  CE  . LYS A 1 21 ? 9.041   1.580   3.140   1.00 9.74  ? 21   LYS A CE  1 
ATOM   159 N  NZ  . LYS A 1 21 ? 8.277   0.443   3.754   1.00 8.42  ? 21   LYS A NZ  1 
ATOM   160 N  N   . ALA A 1 22 ? 5.792   6.404   2.611   1.00 6.82  ? 22   ALA A N   1 
ATOM   161 C  CA  . ALA A 1 22 ? 5.970   7.279   3.735   1.00 8.42  ? 22   ALA A CA  1 
ATOM   162 C  C   . ALA A 1 22 ? 4.673   7.857   4.248   1.00 7.13  ? 22   ALA A C   1 
ATOM   163 O  O   . ALA A 1 22 ? 4.471   7.950   5.455   1.00 8.02  ? 22   ALA A O   1 
ATOM   164 C  CB  . ALA A 1 22 ? 6.927   8.456   3.283   1.00 12.22 ? 22   ALA A CB  1 
ATOM   165 N  N   . VAL A 1 23 ? 3.745   8.235   3.346   1.00 7.04  ? 23   VAL A N   1 
ATOM   166 C  CA  . VAL A 1 23 ? 2.462   8.752   3.819   1.00 6.76  ? 23   VAL A CA  1 
ATOM   167 C  C   . VAL A 1 23 ? 1.713   7.658   4.593   1.00 6.35  ? 23   VAL A C   1 
ATOM   168 O  O   . VAL A 1 23 ? 1.202   7.934   5.677   1.00 7.04  ? 23   VAL A O   1 
ATOM   169 C  CB  . VAL A 1 23 ? 1.606   9.226   2.638   1.00 6.90  ? 23   VAL A CB  1 
ATOM   170 C  CG1 . VAL A 1 23 ? 0.164   9.523   3.070   1.00 7.86  ? 23   VAL A CG1 1 
ATOM   171 C  CG2 . VAL A 1 23 ? 2.193   10.479  1.971   1.00 8.77  ? 23   VAL A CG2 1 
ATOM   172 N  N   . ILE A 1 24 ? 1.651   6.473   4.017   1.00 5.51  ? 24   ILE A N   1 
ATOM   173 C  CA  . ILE A 1 24 ? 0.881   5.367   4.648   1.00 5.23  ? 24   ILE A CA  1 
ATOM   174 C  C   . ILE A 1 24 ? 1.428   5.088   6.016   1.00 5.65  ? 24   ILE A C   1 
ATOM   175 O  O   . ILE A 1 24 ? 0.687   4.949   7.005   1.00 6.04  ? 24   ILE A O   1 
ATOM   176 C  CB  . ILE A 1 24 ? 0.993   4.142   3.716   1.00 4.92  ? 24   ILE A CB  1 
ATOM   177 C  CG1 . ILE A 1 24 ? 0.226   4.358   2.431   1.00 5.53  ? 24   ILE A CG1 1 
ATOM   178 C  CG2 . ILE A 1 24 ? 0.507   2.881   4.457   1.00 6.24  ? 24   ILE A CG2 1 
ATOM   179 C  CD1 . ILE A 1 24 ? 0.644   3.430   1.341   1.00 6.37  ? 24   ILE A CD1 1 
ATOM   180 N  N   . GLU A 1 25 ? 2.752   4.936   6.128   1.00 5.65  ? 25   GLU A N   1 
ATOM   181 C  CA  . GLU A 1 25 ? 3.341   4.493   7.376   1.00 6.28  ? 25   GLU A CA  1 
ATOM   182 C  C   . GLU A 1 25 ? 3.308   5.580   8.432   1.00 7.78  ? 25   GLU A C   1 
ATOM   183 O  O   . GLU A 1 25 ? 3.395   5.229   9.628   1.00 10.12 ? 25   GLU A O   1 
ATOM   184 C  CB  . GLU A 1 25 ? 4.794   4.028   7.129   1.00 7.18  ? 25   GLU A CB  1 
ATOM   185 C  CG  . GLU A 1 25 ? 4.797   2.707   6.376   1.00 6.89  ? 25   GLU A CG  1 
ATOM   186 C  CD  . GLU A 1 25 ? 6.187   2.120   6.084   1.00 8.48  ? 25   GLU A CD  1 
ATOM   187 O  OE1 . GLU A 1 25 ? 7.197   2.611   6.633   1.00 13.57 ? 25   GLU A OE1 1 
ATOM   188 O  OE2 . GLU A 1 25 ? 6.233   1.082   5.419   1.00 6.95  ? 25   GLU A OE2 1 
ATOM   189 N  N   . ARG A 1 26 ? 3.263   6.848   8.054   1.00 8.62  ? 26   ARG A N   1 
ATOM   190 C  CA  . ARG A 1 26 ? 3.099   7.986   8.960   1.00 10.28 ? 26   ARG A CA  1 
ATOM   191 C  C   . ARG A 1 26 ? 1.650   8.067   9.426   1.00 9.18  ? 26   ARG A C   1 
ATOM   192 O  O   . ARG A 1 26 ? 1.377   8.289   10.613  1.00 14.30 ? 26   ARG A O   1 
ATOM   193 C  CB  . ARG A 1 26 ? 3.541   9.307   8.267   1.00 13.16 ? 26   ARG A CB  1 
ATOM   194 C  CG  . ARG A 1 26 ? 5.040   9.571   8.024   1.00 12.81 ? 26   ARG A CG  1 
ATOM   195 C  CD  . ARG A 1 26 ? 5.515   10.531  6.945   1.00 14.31 ? 26   ARG A CD  1 
ATOM   196 N  NE  . ARG A 1 26 ? 5.138   11.919  7.232   1.00 15.62 ? 26   ARG A NE  1 
ATOM   197 C  CZ  . ARG A 1 26 ? 6.018   12.813  7.637   1.00 23.04 ? 26   ARG A CZ  1 
ATOM   198 N  NH1 . ARG A 1 26 ? 7.278   12.617  7.890   1.00 38.67 ? 26   ARG A NH1 1 
ATOM   199 N  NH2 . ARG A 1 26 ? 5.450   13.991  7.779   1.00 28.04 ? 26   ARG A NH2 1 
ATOM   200 N  N   . GLU A 1 27 ? 0.692   7.904   8.508   1.00 6.17  ? 27   GLU A N   1 
ATOM   201 C  CA  . GLU A 1 27 ? -0.727  8.064   8.869   1.00 5.79  ? 27   GLU A CA  1 
ATOM   202 C  C   . GLU A 1 27 ? -1.246  6.900   9.693   1.00 6.04  ? 27   GLU A C   1 
ATOM   203 O  O   . GLU A 1 27 ? -2.120  7.145   10.564  1.00 6.89  ? 27   GLU A O   1 
ATOM   204 C  CB  . GLU A 1 27 ? -1.575  8.231   7.606   1.00 5.74  ? 27   GLU A CB  1 
ATOM   205 C  CG  . GLU A 1 27 ? -1.307  9.589   6.959   1.00 6.21  ? 27   GLU A CG  1 
ATOM   206 C  CD  . GLU A 1 27 ? -2.212  9.947   5.834   1.00 6.45  ? 27   GLU A CD  1 
ATOM   207 O  OE1 . GLU A 1 27 ? -2.820  9.040   5.263   1.00 8.12  ? 27   GLU A OE1 1 
ATOM   208 O  OE2 . GLU A 1 27 ? -2.328  11.142  5.523   1.00 9.47  ? 27   GLU A OE2 1 
ATOM   209 N  N   . ASN A 1 28 ? -0.795  5.684   9.435   1.00 6.03  ? 28   ASN A N   1 
ATOM   210 C  CA  . ASN A 1 28 ? -1.166  4.546   10.258  1.00 5.73  ? 28   ASN A CA  1 
ATOM   211 C  C   . ASN A 1 28 ? 0.119   3.865   10.708  1.00 6.11  ? 28   ASN A C   1 
ATOM   212 O  O   . ASN A 1 28 ? 0.720   3.064   9.964   1.00 7.04  ? 28   ASN A O   1 
ATOM   213 C  CB  . ASN A 1 28 ? -2.053  3.573   9.499   1.00 6.29  ? 28   ASN A CB  1 
ATOM   214 C  CG  . ASN A 1 28 ? -2.652  2.536   10.438  1.00 6.91  ? 28   ASN A CG  1 
ATOM   215 O  OD1 . ASN A 1 28 ? -2.030  2.252   11.490  1.00 8.00  ? 28   ASN A OD1 1 
ATOM   216 N  ND2 . ASN A 1 28 ? -3.809  2.018   10.156  1.00 7.66  ? 28   ASN A ND2 1 
ATOM   217 N  N   . PRO A 1 29 ? 0.553   4.117   11.961  1.00 6.61  ? 29   PRO A N   1 
ATOM   218 C  CA  . PRO A 1 29 ? 1.784   3.540   12.458  1.00 7.32  ? 29   PRO A CA  1 
ATOM   219 C  C   . PRO A 1 29 ? 1.750   2.053   12.667  1.00 7.24  ? 29   PRO A C   1 
ATOM   220 O  O   . PRO A 1 29 ? 2.804   1.435   12.961  1.00 9.19  ? 29   PRO A O   1 
ATOM   221 C  CB  . PRO A 1 29 ? 2.030   4.274   13.780  1.00 11.23 ? 29   PRO A CB  1 
ATOM   222 C  CG  . PRO A 1 29 ? 0.689   4.738   14.216  1.00 15.79 ? 29   PRO A CG  1 
ATOM   223 C  CD  . PRO A 1 29 ? -0.096  5.015   12.968  1.00 9.17  ? 29   PRO A CD  1 
ATOM   224 N  N   . ARG A 1 30 ? 0.594   1.434   12.494  1.00 6.57  ? 30   ARG A N   1 
ATOM   225 C  CA  . ARG A 1 30 ? 0.429   -0.020  12.660  1.00 6.52  ? 30   ARG A CA  1 
ATOM   226 C  C   . ARG A 1 30 ? 0.502   -0.774  11.350  1.00 5.90  ? 30   ARG A C   1 
ATOM   227 O  O   . ARG A 1 30 ? 0.194   -1.970  11.335  1.00 6.80  ? 30   ARG A O   1 
ATOM   228 C  CB  . ARG A 1 30 ? -0.880  -0.263  13.370  1.00 9.10  ? 30   ARG A CB  1 
ATOM   229 C  CG  . ARG A 1 30 ? -0.838  0.356   14.808  1.00 12.19 ? 30   ARG A CG  1 
ATOM   230 C  CD  . ARG A 1 30 ? -2.088  0.152   15.607  1.00 14.56 ? 30   ARG A CD  1 
ATOM   231 N  NE  . ARG A 1 30 ? -3.242  0.837   15.084  1.00 28.12 ? 30   ARG A NE  1 
ATOM   232 C  CZ  . ARG A 1 30 ? -4.455  0.878   15.601  1.00 38.94 ? 30   ARG A CZ  1 
ATOM   233 N  NH1 . ARG A 1 30 ? -4.778  0.236   16.748  1.00 49.07 ? 30   ARG A NH1 1 
ATOM   234 N  NH2 . ARG A 1 30 ? -5.370  1.583   14.955  1.00 66.03 ? 30   ARG A NH2 1 
ATOM   235 N  N   . VAL A 1 31 ? 0.973   -0.125  10.288  1.00 5.89  ? 31   VAL A N   1 
ATOM   236 C  CA  . VAL A 1 31 ? 1.143   -0.844  9.028   1.00 5.57  ? 31   VAL A CA  1 
ATOM   237 C  C   . VAL A 1 31 ? 2.540   -0.592  8.467   1.00 5.45  ? 31   VAL A C   1 
ATOM   238 O  O   . VAL A 1 31 ? 3.167   0.428   8.705   1.00 6.30  ? 31   VAL A O   1 
ATOM   239 C  CB  . VAL A 1 31 ? 0.088   -0.470  7.975   1.00 6.02  ? 31   VAL A CB  1 
ATOM   240 C  CG1 . VAL A 1 31 ? -1.321  -0.658  8.528   1.00 7.25  ? 31   VAL A CG1 1 
ATOM   241 C  CG2 . VAL A 1 31 ? 0.287   0.927   7.424   1.00 7.40  ? 31   VAL A CG2 1 
ATOM   242 N  N   . ARG A 1 32 ? 2.956   -1.547  7.643   1.00 5.75  ? 32   ARG A N   1 
ATOM   243 C  CA  . ARG A 1 32 ? 4.124   -1.413  6.795   1.00 5.83  ? 32   ARG A CA  1 
ATOM   244 C  C   . ARG A 1 32 ? 3.675   -1.522  5.364   1.00 5.34  ? 32   ARG A C   1 
ATOM   245 O  O   . ARG A 1 32 ? 2.923   -2.453  4.992   1.00 6.40  ? 32   ARG A O   1 
ATOM   246 C  CB  . ARG A 1 32 ? 5.150   -2.536  7.121   1.00 6.65  ? 32   ARG A CB  1 
ATOM   247 C  CG  . ARG A 1 32 ? 6.296   -2.585  6.139   1.00 6.94  ? 32   ARG A CG  1 
ATOM   248 C  CD  . ARG A 1 32 ? 7.405   -3.525  6.603   1.00 9.19  ? 32   ARG A CD  1 
ATOM   249 N  NE  . ARG A 1 32 ? 8.411   -3.728  5.590   1.00 9.01  ? 32   ARG A NE  1 
ATOM   250 C  CZ  . ARG A 1 32 ? 8.432   -4.737  4.696   1.00 9.15  ? 32   ARG A CZ  1 
ATOM   251 N  NH1 . ARG A 1 32 ? 7.527   -5.719  4.772   1.00 11.20 ? 32   ARG A NH1 1 
ATOM   252 N  NH2 . ARG A 1 32 ? 9.380   -4.772  3.784   1.00 12.19 ? 32   ARG A NH2 1 
ATOM   253 N  N   . ALA A 1 33 ? 4.126   -0.560  4.540   1.00 5.34  ? 33   ALA A N   1 
ATOM   254 C  CA  . ALA A 1 33 ? 3.802   -0.558  3.122   1.00 5.75  ? 33   ALA A CA  1 
ATOM   255 C  C   . ALA A 1 33 ? 4.868   -1.337  2.364   1.00 6.80  ? 33   ALA A C   1 
ATOM   256 O  O   . ALA A 1 33 ? 6.074   -1.159  2.563   1.00 10.03 ? 33   ALA A O   1 
ATOM   257 C  CB  . ALA A 1 33 ? 3.734   0.871   2.635   1.00 7.81  ? 33   ALA A CB  1 
ATOM   258 N  N   . VAL A 1 34 ? 4.419   -2.160  1.438   1.00 6.60  ? 34   VAL A N   1 
ATOM   259 C  CA  A VAL A 1 34 ? 5.208   -3.097  0.642   0.56 9.71  ? 34   VAL A CA  1 
ATOM   260 C  CA  B VAL A 1 34 ? 5.330   -3.001  0.654   0.44 10.33 ? 34   VAL A CA  1 
ATOM   261 C  C   . VAL A 1 34 ? 5.068   -2.690  -0.822  1.00 7.93  ? 34   VAL A C   1 
ATOM   262 O  O   . VAL A 1 34 ? 3.961   -2.802  -1.313  1.00 9.26  ? 34   VAL A O   1 
ATOM   263 C  CB  A VAL A 1 34 ? 4.734   -4.540  0.877   0.56 13.63 ? 34   VAL A CB  1 
ATOM   264 C  CB  B VAL A 1 34 ? 5.177   -4.482  0.932   0.44 14.30 ? 34   VAL A CB  1 
ATOM   265 C  CG1 A VAL A 1 34 ? 3.283   -4.751  0.552   0.56 27.84 ? 34   VAL A CG1 1 
ATOM   266 C  CG1 B VAL A 1 34 ? 5.196   -4.796  2.434   0.44 21.45 ? 34   VAL A CG1 1 
ATOM   267 C  CG2 A VAL A 1 34 ? 5.633   -5.545  0.136   0.56 19.90 ? 34   VAL A CG2 1 
ATOM   268 C  CG2 B VAL A 1 34 ? 3.861   -5.048  0.469   0.44 14.16 ? 34   VAL A CG2 1 
ATOM   269 N  N   . ILE A 1 35 ? 6.130   -2.255  -1.507  1.00 8.29  ? 35   ILE A N   1 
ATOM   270 C  CA  A ILE A 1 35 ? 6.078   -1.887  -2.911  0.54 7.32  ? 35   ILE A CA  1 
ATOM   271 C  CA  B ILE A 1 35 ? 6.014   -1.869  -2.918  0.46 7.60  ? 35   ILE A CA  1 
ATOM   272 C  C   . ILE A 1 35 ? 6.159   -3.144  -3.768  1.00 7.32  ? 35   ILE A C   1 
ATOM   273 O  O   . ILE A 1 35 ? 7.105   -3.918  -3.611  1.00 10.00 ? 35   ILE A O   1 
ATOM   274 C  CB  A ILE A 1 35 ? 7.259   -0.950  -3.280  0.54 9.54  ? 35   ILE A CB  1 
ATOM   275 C  CB  B ILE A 1 35 ? 7.029   -0.768  -3.304  0.46 9.61  ? 35   ILE A CB  1 
ATOM   276 C  CG1 A ILE A 1 35 ? 7.270   0.223   -2.326  0.54 10.34 ? 35   ILE A CG1 1 
ATOM   277 C  CG1 B ILE A 1 35 ? 6.587   0.648   -2.940  0.46 9.31  ? 35   ILE A CG1 1 
ATOM   278 C  CG2 A ILE A 1 35 ? 7.148   -0.604  -4.746  0.54 10.81 ? 35   ILE A CG2 1 
ATOM   279 C  CG2 B ILE A 1 35 ? 7.378   -0.883  -4.779  0.46 11.17 ? 35   ILE A CG2 1 
ATOM   280 C  CD1 A ILE A 1 35 ? 6.126   1.161   -2.626  0.54 15.43 ? 35   ILE A CD1 1 
ATOM   281 C  CD1 B ILE A 1 35 ? 6.296   0.790   -1.470  0.46 15.96 ? 35   ILE A CD1 1 
ATOM   282 N  N   . ILE A 1 36 ? 5.215   -3.336  -4.662  1.00 6.86  ? 36   ILE A N   1 
ATOM   283 C  CA  . ILE A 1 36 ? 5.163   -4.527  -5.488  1.00 7.25  ? 36   ILE A CA  1 
ATOM   284 C  C   . ILE A 1 36 ? 4.736   -4.115  -6.889  1.00 6.66  ? 36   ILE A C   1 
ATOM   285 O  O   . ILE A 1 36 ? 3.783   -3.356  -7.041  1.00 7.13  ? 36   ILE A O   1 
ATOM   286 C  CB  A ILE A 1 36 ? 4.274   -5.574  -4.767  0.47 8.54  ? 36   ILE A CB  1 
ATOM   287 C  CB  B ILE A 1 36 ? 4.145   -5.580  -5.005  0.53 9.14  ? 36   ILE A CB  1 
ATOM   288 C  CG1 A ILE A 1 36 ? 4.162   -6.872  -5.581  0.47 9.08  ? 36   ILE A CG1 1 
ATOM   289 C  CG1 B ILE A 1 36 ? 4.280   -5.879  -3.533  0.53 10.04 ? 36   ILE A CG1 1 
ATOM   290 C  CG2 A ILE A 1 36 ? 2.954   -4.974  -4.344  0.47 9.31  ? 36   ILE A CG2 1 
ATOM   291 C  CG2 B ILE A 1 36 ? 4.332   -6.819  -5.863  0.53 9.85  ? 36   ILE A CG2 1 
ATOM   292 C  CD1 A ILE A 1 36 ? 3.561   -7.975  -4.733  0.47 10.66 ? 36   ILE A CD1 1 
ATOM   293 C  CD1 B ILE A 1 36 ? 3.199   -6.822  -3.025  0.53 14.57 ? 36   ILE A CD1 1 
ATOM   294 N  N   . LYS A 1 37 ? 5.408   -4.624  -7.902  1.00 8.06  ? 37   LYS A N   1 
ATOM   295 C  CA  . LYS A 1 37 ? 5.032   -4.289  -9.270  1.00 8.45  ? 37   LYS A CA  1 
ATOM   296 C  C   . LYS A 1 37 ? 3.709   -4.950  -9.630  1.00 7.36  ? 37   LYS A C   1 
ATOM   297 O  O   . LYS A 1 37 ? 3.514   -6.158  -9.392  1.00 7.96  ? 37   LYS A O   1 
ATOM   298 C  CB  A LYS A 1 37 ? 6.095   -4.767  -10.279 0.58 12.37 ? 37   LYS A CB  1 
ATOM   299 C  CB  B LYS A 1 37 ? 6.161   -4.616  -10.260 0.42 11.57 ? 37   LYS A CB  1 
ATOM   300 C  CG  A LYS A 1 37 ? 5.863   -4.333  -11.727 0.58 15.75 ? 37   LYS A CG  1 
ATOM   301 C  CG  B LYS A 1 37 ? 7.360   -3.731  -9.976  0.42 15.51 ? 37   LYS A CG  1 
ATOM   302 C  CD  A LYS A 1 37 ? 7.111   -4.486  -12.596 0.58 22.77 ? 37   LYS A CD  1 
ATOM   303 C  CD  B LYS A 1 37 ? 7.411   -2.397  -10.731 0.42 22.78 ? 37   LYS A CD  1 
ATOM   304 C  CE  A LYS A 1 37 ? 6.827   -4.253  -14.080 0.58 21.89 ? 37   LYS A CE  1 
ATOM   305 C  CE  B LYS A 1 37 ? 8.633   -1.596  -10.330 0.42 21.83 ? 37   LYS A CE  1 
ATOM   306 N  NZ  A LYS A 1 37 ? 7.539   -5.226  -14.945 0.58 25.04 ? 37   LYS A NZ  1 
ATOM   307 N  NZ  B LYS A 1 37 ? 8.740   -0.126  -10.405 0.42 11.80 ? 37   LYS A NZ  1 
ATOM   308 N  N   . VAL A 1 38 ? 2.820   -4.189  -10.269 1.00 7.92  ? 38   VAL A N   1 
ATOM   309 C  CA  . VAL A 1 38 ? 1.584   -4.744  -10.811 1.00 8.33  ? 38   VAL A CA  1 
ATOM   310 C  C   . VAL A 1 38 ? 1.895   -5.996  -11.642 1.00 8.49  ? 38   VAL A C   1 
ATOM   311 O  O   . VAL A 1 38 ? 2.844   -5.993  -12.433 1.00 10.31 ? 38   VAL A O   1 
ATOM   312 C  CB  A VAL A 1 38 ? 0.922   -3.656  -11.700 0.80 9.48  ? 38   VAL A CB  1 
ATOM   313 C  CB  B VAL A 1 38 ? 0.793   -3.770  -11.706 0.20 9.87  ? 38   VAL A CB  1 
ATOM   314 C  CG1 A VAL A 1 38 ? -0.163  -4.284  -12.582 0.80 10.53 ? 38   VAL A CG1 1 
ATOM   315 C  CG1 B VAL A 1 38 ? 0.230   -2.624  -10.891 0.20 9.91  ? 38   VAL A CG1 1 
ATOM   316 C  CG2 A VAL A 1 38 ? 0.405   -2.536  -10.837 0.80 10.50 ? 38   VAL A CG2 1 
ATOM   317 C  CG2 B VAL A 1 38 ? 1.668   -3.269  -12.847 0.20 14.98 ? 38   VAL A CG2 1 
ATOM   318 N  N   . GLY A 1 39 ? 1.108   -7.048  -11.394 1.00 10.15 ? 39   GLY A N   1 
ATOM   319 C  CA  . GLY A 1 39 ? 1.235   -8.282  -12.123 1.00 12.31 ? 39   GLY A CA  1 
ATOM   320 C  C   . GLY A 1 39 ? 2.180   -9.275  -11.514 1.00 10.89 ? 39   GLY A C   1 
ATOM   321 O  O   . GLY A 1 39 ? 2.299   -10.404 -12.044 1.00 14.89 ? 39   GLY A O   1 
ATOM   322 N  N   . SER A 1 40 ? 2.863   -8.915  -10.436 1.00 8.80  ? 40   SER A N   1 
ATOM   323 C  CA  A SER A 1 40 ? 3.831   -9.874  -9.913  0.53 8.59  ? 40   SER A CA  1 
ATOM   324 C  CA  B SER A 1 40 ? 3.850   -9.730  -9.757  0.47 8.78  ? 40   SER A CA  1 
ATOM   325 C  C   . SER A 1 40 ? 3.266   -10.802 -8.835  1.00 10.46 ? 40   SER A C   1 
ATOM   326 O  O   . SER A 1 40 ? 4.006   -11.771 -8.519  1.00 12.49 ? 40   SER A O   1 
ATOM   327 C  CB  A SER A 1 40 ? 5.026   -9.138  -9.332  0.53 10.85 ? 40   SER A CB  1 
ATOM   328 C  CB  B SER A 1 40 ? 4.739   -8.918  -8.795  0.47 9.55  ? 40   SER A CB  1 
ATOM   329 O  OG  A SER A 1 40 ? 4.638   -8.415  -8.173  0.53 10.42 ? 40   SER A OG  1 
ATOM   330 O  OG  B SER A 1 40 ? 5.548   -8.048  -9.552  0.47 13.69 ? 40   SER A OG  1 
ATOM   331 N  N   . GLY A 1 41 ? 2.051   -10.578 -8.410  1.00 11.56 ? 41   GLY A N   1 
ATOM   332 C  CA  . GLY A 1 41 ? 1.589   -11.648 -7.470  1.00 10.34 ? 41   GLY A CA  1 
ATOM   333 C  C   . GLY A 1 41 ? 2.055   -11.398 -6.047  1.00 11.38 ? 41   GLY A C   1 
ATOM   334 O  O   . GLY A 1 41 ? 3.167   -10.924 -5.747  1.00 16.88 ? 41   GLY A O   1 
ATOM   335 N  N   . ALA A 1 42 ? 1.222   -11.779 -5.122  1.00 12.32 ? 42   ALA A N   1 
ATOM   336 C  CA  . ALA A 1 42 ? 1.490   -11.628 -3.677  1.00 11.24 ? 42   ALA A CA  1 
ATOM   337 C  C   . ALA A 1 42 ? 0.518   -12.564 -2.985  1.00 9.32  ? 42   ALA A C   1 
ATOM   338 O  O   . ALA A 1 42 ? -0.540  -12.912 -3.531  1.00 9.32  ? 42   ALA A O   1 
ATOM   339 C  CB  . ALA A 1 42 ? 1.289   -10.202 -3.214  1.00 13.51 ? 42   ALA A CB  1 
ATOM   340 N  N   . THR A 1 43 ? 0.857   -12.985 -1.762  1.00 9.64  ? 43   THR A N   1 
ATOM   341 C  CA  . THR A 1 43 ? 0.040   -14.000 -1.089  1.00 9.48  ? 43   THR A CA  1 
ATOM   342 C  C   . THR A 1 43 ? -1.376  -13.552 -0.956  1.00 8.86  ? 43   THR A C   1 
ATOM   343 O  O   . THR A 1 43 ? -1.700  -12.427 -0.570  1.00 10.99 ? 43   THR A O   1 
ATOM   344 C  CB  A THR A 1 43 ? 0.524   -14.386 0.320   0.62 10.18 ? 43   THR A CB  1 
ATOM   345 C  CB  B THR A 1 43 ? 0.619   -14.079 0.349   0.38 10.95 ? 43   THR A CB  1 
ATOM   346 O  OG1 A THR A 1 43 ? 0.595   -13.202 1.107   0.62 11.04 ? 43   THR A OG1 1 
ATOM   347 O  OG1 B THR A 1 43 ? 2.056   -14.035 0.308   0.38 14.64 ? 43   THR A OG1 1 
ATOM   348 C  CG2 A THR A 1 43 ? 1.882   -15.088 0.241   0.62 14.58 ? 43   THR A CG2 1 
ATOM   349 C  CG2 B THR A 1 43 ? 0.166   -15.384 0.961   0.38 16.66 ? 43   THR A CG2 1 
ATOM   350 N  N   . LYS A 1 44 ? -2.287  -14.501 -1.212  1.00 10.47 ? 44   LYS A N   1 
ATOM   351 C  CA  . LYS A 1 44 ? -3.711  -14.187 -1.149  1.00 10.86 ? 44   LYS A CA  1 
ATOM   352 C  C   . LYS A 1 44 ? -4.306  -14.417 0.222   1.00 11.89 ? 44   LYS A C   1 
ATOM   353 O  O   . LYS A 1 44 ? -5.385  -14.995 0.335   1.00 30.66 ? 44   LYS A O   1 
ATOM   354 C  CB  . LYS A 1 44 ? -4.461  -15.006 -2.192  1.00 12.07 ? 44   LYS A CB  1 
ATOM   355 C  CG  . LYS A 1 44 ? -4.021  -14.643 -3.590  1.00 12.58 ? 44   LYS A CG  1 
ATOM   356 C  CD  . LYS A 1 44 ? -4.548  -13.295 -3.966  1.00 15.36 ? 44   LYS A CD  1 
ATOM   357 C  CE  . LYS A 1 44 ? -4.463  -13.037 -5.457  1.00 17.71 ? 44   LYS A CE  1 
ATOM   358 N  NZ  . LYS A 1 44 ? -4.967  -11.726 -5.878  1.00 19.21 ? 44   LYS A NZ  1 
ATOM   359 N  N   . ASP A 1 45 ? -3.690  -13.951 1.261   1.00 10.30 ? 45   ASP A N   1 
ATOM   360 C  CA  . ASP A 1 45 ? -4.132  -14.011 2.642   1.00 9.30  ? 45   ASP A CA  1 
ATOM   361 C  C   . ASP A 1 45 ? -4.456  -12.570 3.105   1.00 8.68  ? 45   ASP A C   1 
ATOM   362 O  O   . ASP A 1 45 ? -4.399  -11.607 2.316   1.00 10.63 ? 45   ASP A O   1 
ATOM   363 C  CB  . ASP A 1 45 ? -3.163  -14.701 3.565   1.00 10.24 ? 45   ASP A CB  1 
ATOM   364 C  CG  . ASP A 1 45 ? -1.828  -14.011 3.669   1.00 9.49  ? 45   ASP A CG  1 
ATOM   365 O  OD1 . ASP A 1 45 ? -1.012  -14.461 4.543   1.00 15.30 ? 45   ASP A OD1 1 
ATOM   366 O  OD2 . ASP A 1 45 ? -1.560  -13.067 2.897   1.00 9.48  ? 45   ASP A OD2 1 
ATOM   367 N  N   . PHE A 1 46 ? -4.827  -12.438 4.342   1.00 8.43  ? 46   PHE A N   1 
ATOM   368 C  CA  . PHE A 1 46 ? -5.298  -11.154 4.888   1.00 7.26  ? 46   PHE A CA  1 
ATOM   369 C  C   . PHE A 1 46 ? -4.473  -10.840 6.114   1.00 7.10  ? 46   PHE A C   1 
ATOM   370 O  O   . PHE A 1 46 ? -4.425  -11.641 7.057   1.00 8.79  ? 46   PHE A O   1 
ATOM   371 C  CB  . PHE A 1 46 ? -6.777  -11.184 5.209   1.00 9.04  ? 46   PHE A CB  1 
ATOM   372 C  CG  . PHE A 1 46 ? -7.229  -9.838  5.761   1.00 8.81  ? 46   PHE A CG  1 
ATOM   373 C  CD1 . PHE A 1 46 ? -7.285  -9.631  7.137   1.00 11.34 ? 46   PHE A CD1 1 
ATOM   374 C  CD2 . PHE A 1 46 ? -7.611  -8.847  4.897   1.00 9.37  ? 46   PHE A CD2 1 
ATOM   375 C  CE1 . PHE A 1 46 ? -7.664  -8.399  7.623   1.00 13.70 ? 46   PHE A CE1 1 
ATOM   376 C  CE2 . PHE A 1 46 ? -7.953  -7.564  5.375   1.00 11.68 ? 46   PHE A CE2 1 
ATOM   377 C  CZ  . PHE A 1 46 ? -8.011  -7.389  6.743   1.00 14.53 ? 46   PHE A CZ  1 
ATOM   378 N  N   . ARG A 1 47 ? -3.891  -9.657  6.125   1.00 6.78  ? 47   ARG A N   1 
ATOM   379 C  CA  . ARG A 1 47 ? -3.088  -9.165  7.228   1.00 7.52  ? 47   ARG A CA  1 
ATOM   380 C  C   . ARG A 1 47 ? -3.431  -7.708  7.517   1.00 6.92  ? 47   ARG A C   1 
ATOM   381 O  O   . ARG A 1 47 ? -3.354  -6.859  6.629   1.00 8.33  ? 47   ARG A O   1 
ATOM   382 C  CB  . ARG A 1 47 ? -1.603  -9.242  6.807   1.00 10.22 ? 47   ARG A CB  1 
ATOM   383 C  CG  . ARG A 1 47 ? -1.010  -10.631 6.658   1.00 12.48 ? 47   ARG A CG  1 
ATOM   384 C  CD  . ARG A 1 47 ? -0.067  -11.045 7.834   1.00 13.34 ? 47   ARG A CD  1 
ATOM   385 N  NE  . ARG A 1 47 ? 0.955   -10.046 7.880   1.00 13.77 ? 47   ARG A NE  1 
ATOM   386 C  CZ  . ARG A 1 47 ? 1.904   -9.835  7.026   1.00 12.30 ? 47   ARG A CZ  1 
ATOM   387 N  NH1 . ARG A 1 47 ? 2.728   -8.792  7.160   1.00 13.11 ? 47   ARG A NH1 1 
ATOM   388 N  NH2 . ARG A 1 47 ? 2.125   -10.713 6.023   1.00 13.97 ? 47   ARG A NH2 1 
ATOM   389 N  N   . CYS A 1 48 ? -3.676  -7.387  8.789   1.00 6.52  ? 48   CYS A N   1 
ATOM   390 C  CA  . CYS A 1 48 ? -4.013  -6.053  9.210   1.00 7.09  ? 48   CYS A CA  1 
ATOM   391 C  C   . CYS A 1 48 ? -2.826  -5.096  9.265   1.00 6.44  ? 48   CYS A C   1 
ATOM   392 O  O   . CYS A 1 48 ? -3.025  -3.898  9.394   1.00 7.79  ? 48   CYS A O   1 
ATOM   393 C  CB  . CYS A 1 48 ? -4.684  -5.998  10.596  1.00 8.72  ? 48   CYS A CB  1 
ATOM   394 S  SG  . CYS A 1 48 ? -6.380  -6.611  10.597  1.00 9.69  ? 48   CYS A SG  1 
ATOM   395 N  N   . ASP A 1 49 ? -1.610  -5.661  9.207   1.00 6.24  ? 49   ASP A N   1 
ATOM   396 C  CA  . ASP A 1 49 ? -0.392  -4.887  9.377   1.00 6.34  ? 49   ASP A CA  1 
ATOM   397 C  C   . ASP A 1 49 ? 0.308   -4.584  8.052   1.00 5.58  ? 49   ASP A C   1 
ATOM   398 O  O   . ASP A 1 49 ? 1.411   -4.020  8.066   1.00 6.79  ? 49   ASP A O   1 
ATOM   399 C  CB  . ASP A 1 49 ? 0.593   -5.633  10.306  1.00 7.00  ? 49   ASP A CB  1 
ATOM   400 C  CG  . ASP A 1 49 ? 0.912   -7.025  9.808   1.00 7.18  ? 49   ASP A CG  1 
ATOM   401 O  OD1 . ASP A 1 49 ? 2.111   -7.316  9.580   1.00 9.12  ? 49   ASP A OD1 1 
ATOM   402 O  OD2 . ASP A 1 49 ? 0.004   -7.854  9.720   1.00 10.49 ? 49   ASP A OD2 1 
ATOM   403 N  N   . ARG A 1 50 ? -0.314  -4.944  6.934   1.00 5.67  ? 50   ARG A N   1 
ATOM   404 C  CA  . ARG A 1 50 ? 0.307   -4.861  5.620   1.00 5.85  ? 50   ARG A CA  1 
ATOM   405 C  C   . ARG A 1 50 ? -0.514  -3.946  4.701   1.00 5.30  ? 50   ARG A C   1 
ATOM   406 O  O   . ARG A 1 50 ? -1.732  -4.064  4.671   1.00 5.99  ? 50   ARG A O   1 
ATOM   407 C  CB  . ARG A 1 50 ? 0.314   -6.259  5.001   1.00 7.02  ? 50   ARG A CB  1 
ATOM   408 C  CG  . ARG A 1 50 ? 0.956   -6.366  3.625   1.00 8.43  ? 50   ARG A CG  1 
ATOM   409 C  CD  . ARG A 1 50 ? 1.040   -7.804  3.135   1.00 10.17 ? 50   ARG A CD  1 
ATOM   410 N  NE  . ARG A 1 50 ? -0.263  -8.448  3.090   1.00 9.52  ? 50   ARG A NE  1 
ATOM   411 C  CZ  . ARG A 1 50 ? -0.450  -9.764  3.108   1.00 10.86 ? 50   ARG A CZ  1 
ATOM   412 N  NH1 . ARG A 1 50 ? -1.688  -10.264 3.033   1.00 12.36 ? 50   ARG A NH1 1 
ATOM   413 N  NH2 . ARG A 1 50 ? 0.596   -10.591 3.238   1.00 13.02 ? 50   ARG A NH2 1 
ATOM   414 N  N   . VAL A 1 51 ? 0.193   -3.111  3.953   1.00 5.07  ? 51   VAL A N   1 
ATOM   415 C  CA  . VAL A 1 51 ? -0.420  -2.320  2.870   1.00 5.47  ? 51   VAL A CA  1 
ATOM   416 C  C   . VAL A 1 51 ? 0.415   -2.564  1.618   1.00 5.49  ? 51   VAL A C   1 
ATOM   417 O  O   . VAL A 1 51 ? 1.533   -2.047  1.527   1.00 6.73  ? 51   VAL A O   1 
ATOM   418 C  CB  . VAL A 1 51 ? -0.529  -0.839  3.200   1.00 5.50  ? 51   VAL A CB  1 
ATOM   419 C  CG1 . VAL A 1 51 ? -1.092  -0.069  2.002   1.00 6.56  ? 51   VAL A CG1 1 
ATOM   420 C  CG2 . VAL A 1 51 ? -1.407  -0.598  4.418   1.00 5.90  ? 51   VAL A CG2 1 
ATOM   421 N  N   . ARG A 1 52 ? -0.136  -3.282  0.674   1.00 6.31  ? 52   ARG A N   1 
ATOM   422 C  CA  . ARG A 1 52 ? 0.513   -3.429  -0.628  1.00 6.66  ? 52   ARG A CA  1 
ATOM   423 C  C   . ARG A 1 52 ? 0.379   -2.159  -1.442  1.00 6.20  ? 52   ARG A C   1 
ATOM   424 O  O   . ARG A 1 52 ? -0.740  -1.636  -1.569  1.00 7.75  ? 52   ARG A O   1 
ATOM   425 C  CB  . ARG A 1 52 ? -0.080  -4.630  -1.358  1.00 8.38  ? 52   ARG A CB  1 
ATOM   426 C  CG  . ARG A 1 52 ? 0.315   -5.909  -0.612  1.00 12.76 ? 52   ARG A CG  1 
ATOM   427 C  CD  . ARG A 1 52 ? -0.239  -7.147  -1.206  1.00 19.11 ? 52   ARG A CD  1 
ATOM   428 N  NE  . ARG A 1 52 ? 0.474   -8.257  -0.557  1.00 16.30 ? 52   ARG A NE  1 
ATOM   429 C  CZ  . ARG A 1 52 ? -0.344  -9.322  -0.388  1.00 14.04 ? 52   ARG A CZ  1 
ATOM   430 N  NH1 . ARG A 1 52 ? -1.569  -9.160  -0.814  1.00 24.62 ? 52   ARG A NH1 1 
ATOM   431 N  NH2 . ARG A 1 52 ? 0.223   -10.336 0.125   1.00 14.94 ? 52   ARG A NH2 1 
ATOM   432 N  N   . VAL A 1 53 ? 1.460   -1.708  -1.994  1.00 5.68  ? 53   VAL A N   1 
ATOM   433 C  CA  . VAL A 1 53 ? 1.527   -0.553  -2.850  1.00 5.91  ? 53   VAL A CA  1 
ATOM   434 C  C   . VAL A 1 53 ? 1.918   -1.047  -4.245  1.00 5.44  ? 53   VAL A C   1 
ATOM   435 O  O   . VAL A 1 53 ? 3.070   -1.332  -4.484  1.00 6.25  ? 53   VAL A O   1 
ATOM   436 C  CB  . VAL A 1 53 ? 2.492   0.501   -2.327  1.00 6.06  ? 53   VAL A CB  1 
ATOM   437 C  CG1 . VAL A 1 53 ? 2.509   1.711   -3.261  1.00 6.98  ? 53   VAL A CG1 1 
ATOM   438 C  CG2 . VAL A 1 53 ? 2.098   0.938   -0.906  1.00 7.29  ? 53   VAL A CG2 1 
ATOM   439 N  N   . TRP A 1 54 ? 0.885   -1.173  -5.099  1.00 5.83  ? 54   TRP A N   1 
ATOM   440 C  CA  . TRP A 1 54 ? 1.079   -1.749  -6.419  1.00 5.83  ? 54   TRP A CA  1 
ATOM   441 C  C   . TRP A 1 54 ? 1.536   -0.657  -7.389  1.00 5.78  ? 54   TRP A C   1 
ATOM   442 O  O   . TRP A 1 54 ? 0.834   0.346   -7.526  1.00 7.23  ? 54   TRP A O   1 
ATOM   443 C  CB  . TRP A 1 54 ? -0.216  -2.359  -6.918  1.00 6.81  ? 54   TRP A CB  1 
ATOM   444 C  CG  . TRP A 1 54 ? -0.659  -3.558  -6.127  1.00 6.83  ? 54   TRP A CG  1 
ATOM   445 C  CD1 . TRP A 1 54 ? -1.623  -3.607  -5.147  1.00 7.80  ? 54   TRP A CD1 1 
ATOM   446 C  CD2 . TRP A 1 54 ? -0.173  -4.888  -6.318  1.00 7.20  ? 54   TRP A CD2 1 
ATOM   447 N  NE1 . TRP A 1 54 ? -1.744  -4.914  -4.688  1.00 8.84  ? 54   TRP A NE1 1 
ATOM   448 C  CE2 . TRP A 1 54 ? -0.872  -5.714  -5.394  1.00 7.72  ? 54   TRP A CE2 1 
ATOM   449 C  CE3 . TRP A 1 54 ? 0.762   -5.472  -7.152  1.00 8.53  ? 54   TRP A CE3 1 
ATOM   450 C  CZ2 . TRP A 1 54 ? -0.631  -7.098  -5.295  1.00 8.95  ? 54   TRP A CZ2 1 
ATOM   451 C  CZ3 . TRP A 1 54 ? 1.000   -6.839  -7.071  1.00 9.78  ? 54   TRP A CZ3 1 
ATOM   452 C  CH2 . TRP A 1 54 ? 0.292   -7.616  -6.156  1.00 10.08 ? 54   TRP A CH2 1 
ATOM   453 N  N   . VAL A 1 55 ? 2.667   -0.881  -8.041  1.00 6.21  ? 55   VAL A N   1 
ATOM   454 C  CA  . VAL A 1 55 ? 3.287   0.176   -8.848  1.00 6.32  ? 55   VAL A CA  1 
ATOM   455 C  C   . VAL A 1 55 ? 3.505   -0.311  -10.278 1.00 6.83  ? 55   VAL A C   1 
ATOM   456 O  O   . VAL A 1 55 ? 3.638   -1.493  -10.606 1.00 7.75  ? 55   VAL A O   1 
ATOM   457 C  CB  . VAL A 1 55 ? 4.598   0.648   -8.258  1.00 6.85  ? 55   VAL A CB  1 
ATOM   458 C  CG1 . VAL A 1 55 ? 4.371   1.310   -6.888  1.00 7.65  ? 55   VAL A CG1 1 
ATOM   459 C  CG2 . VAL A 1 55 ? 5.642   -0.432  -8.176  1.00 8.02  ? 55   VAL A CG2 1 
ATOM   460 N  N   . THR A 1 56 ? 3.581   0.696   -11.173 1.00 7.50  ? 56   THR A N   1 
ATOM   461 C  CA  . THR A 1 56 ? 3.977   0.470   -12.559 1.00 8.45  ? 56   THR A CA  1 
ATOM   462 C  C   . THR A 1 56 ? 5.481   0.186   -12.626 1.00 8.16  ? 56   THR A C   1 
ATOM   463 O  O   . THR A 1 56 ? 6.236   0.288   -11.667 1.00 8.74  ? 56   THR A O   1 
ATOM   464 C  CB  . THR A 1 56 ? 3.663   1.696   -13.420 1.00 8.60  ? 56   THR A CB  1 
ATOM   465 O  OG1 . THR A 1 56 ? 4.607   2.713   -13.044 1.00 8.01  ? 56   THR A OG1 1 
ATOM   466 C  CG2 . THR A 1 56 ? 2.241   2.155   -13.278 1.00 10.01 ? 56   THR A CG2 1 
ATOM   467 N  N   . GLU A 1 57 ? 5.945   -0.076  -13.857 1.00 10.49 ? 57   GLU A N   1 
ATOM   468 C  CA  . GLU A 1 57 ? 7.381   -0.256  -14.122 1.00 11.93 ? 57   GLU A CA  1 
ATOM   469 C  C   . GLU A 1 57 ? 8.191   0.991   -13.840 1.00 10.83 ? 57   GLU A C   1 
ATOM   470 O  O   . GLU A 1 57 ? 9.413   0.916   -13.662 1.00 16.92 ? 57   GLU A O   1 
ATOM   471 C  CB  A GLU A 1 57 ? 7.457   -0.778  -15.575 0.55 16.12 ? 57   GLU A CB  1 
ATOM   472 C  CB  B GLU A 1 57 ? 7.621   -0.824  -15.529 0.45 16.92 ? 57   GLU A CB  1 
ATOM   473 C  CG  A GLU A 1 57 ? 6.872   0.089   -16.678 0.55 22.64 ? 57   GLU A CG  1 
ATOM   474 C  CG  B GLU A 1 57 ? 9.036   -1.321  -15.731 0.45 21.24 ? 57   GLU A CG  1 
ATOM   475 C  CD  A GLU A 1 57 ? 5.370   0.279   -16.744 0.55 31.18 ? 57   GLU A CD  1 
ATOM   476 C  CD  B GLU A 1 57 ? 9.527   -2.297  -14.680 0.45 27.94 ? 57   GLU A CD  1 
ATOM   477 O  OE1 A GLU A 1 57 ? 4.583   -0.483  -16.100 0.55 26.11 ? 57   GLU A OE1 1 
ATOM   478 O  OE1 B GLU A 1 57 ? 8.909   -3.356  -14.415 0.45 33.55 ? 57   GLU A OE1 1 
ATOM   479 O  OE2 A GLU A 1 57 ? 4.866   1.234   -17.390 0.55 51.41 ? 57   GLU A OE2 1 
ATOM   480 O  OE2 B GLU A 1 57 ? 10.590  -2.016  -14.074 0.45 36.08 ? 57   GLU A OE2 1 
ATOM   481 N  N   . ARG A 1 58 ? 7.552   2.163   -13.779 1.00 9.44  ? 58   ARG A N   1 
ATOM   482 C  CA  . ARG A 1 58 ? 8.240   3.414   -13.435 1.00 9.81  ? 58   ARG A CA  1 
ATOM   483 C  C   . ARG A 1 58 ? 8.096   3.770   -11.957 1.00 9.28  ? 58   ARG A C   1 
ATOM   484 O  O   . ARG A 1 58 ? 8.519   4.834   -11.496 1.00 10.87 ? 58   ARG A O   1 
ATOM   485 C  CB  . ARG A 1 58 ? 7.751   4.624   -14.229 1.00 10.67 ? 58   ARG A CB  1 
ATOM   486 C  CG  . ARG A 1 58 ? 7.969   4.380   -15.726 1.00 15.21 ? 58   ARG A CG  1 
ATOM   487 C  CD  . ARG A 1 58 ? 7.500   5.613   -16.520 1.00 14.73 ? 58   ARG A CD  1 
ATOM   488 N  NE  . ARG A 1 58 ? 7.415   5.213   -17.948 1.00 14.75 ? 58   ARG A NE  1 
ATOM   489 C  CZ  . ARG A 1 58 ? 6.770   5.931   -18.837 1.00 13.45 ? 58   ARG A CZ  1 
ATOM   490 N  NH1 . ARG A 1 58 ? 6.241   7.100   -18.469 1.00 12.97 ? 58   ARG A NH1 1 
ATOM   491 N  NH2 . ARG A 1 58 ? 6.738   5.511   -20.113 1.00 18.49 ? 58   ARG A NH2 1 
ATOM   492 N  N   . GLY A 1 59 ? 7.434   2.864   -11.209 1.00 8.29  ? 59   GLY A N   1 
ATOM   493 C  CA  . GLY A 1 59 ? 7.325   3.069   -9.760  1.00 8.53  ? 59   GLY A CA  1 
ATOM   494 C  C   . GLY A 1 59 ? 6.152   3.958   -9.347  1.00 7.47  ? 59   GLY A C   1 
ATOM   495 O  O   . GLY A 1 59 ? 6.151   4.385   -8.191  1.00 10.11 ? 59   GLY A O   1 
ATOM   496 N  N   . ILE A 1 60 ? 5.162   4.156   -10.186 1.00 6.62  ? 60   ILE A N   1 
ATOM   497 C  CA  . ILE A 1 60 ? 3.988   4.988   -9.887  1.00 6.50  ? 60   ILE A CA  1 
ATOM   498 C  C   . ILE A 1 60 ? 2.886   4.079   -9.347  1.00 5.93  ? 60   ILE A C   1 
ATOM   499 O  O   . ILE A 1 60 ? 2.612   3.032   -9.869  1.00 6.85  ? 60   ILE A O   1 
ATOM   500 C  CB  . ILE A 1 60 ? 3.530   5.742   -11.143 1.00 7.20  ? 60   ILE A CB  1 
ATOM   501 C  CG1 . ILE A 1 60 ? 4.649   6.684   -11.632 1.00 9.04  ? 60   ILE A CG1 1 
ATOM   502 C  CG2 . ILE A 1 60 ? 2.253   6.496   -10.868 1.00 8.49  ? 60   ILE A CG2 1 
ATOM   503 C  CD1 . ILE A 1 60 ? 5.015   7.774   -10.636 1.00 14.67 ? 60   ILE A CD1 1 
ATOM   504 N  N   . VAL A 1 61 ? 2.242   4.580   -8.269  1.00 6.20  ? 61   VAL A N   1 
ATOM   505 C  CA  . VAL A 1 61 ? 1.138   3.821   -7.679  1.00 5.54  ? 61   VAL A CA  1 
ATOM   506 C  C   . VAL A 1 61 ? -0.048  3.733   -8.634  1.00 5.99  ? 61   VAL A C   1 
ATOM   507 O  O   . VAL A 1 61 ? -0.550  4.745   -9.117  1.00 6.24  ? 61   VAL A O   1 
ATOM   508 C  CB  . VAL A 1 61 ? 0.727   4.497   -6.360  1.00 5.91  ? 61   VAL A CB  1 
ATOM   509 C  CG1 . VAL A 1 61 ? -0.439  3.742   -5.681  1.00 6.70  ? 61   VAL A CG1 1 
ATOM   510 C  CG2 . VAL A 1 61 ? 1.878   4.596   -5.389  1.00 7.13  ? 61   VAL A CG2 1 
ATOM   511 N  N   . ALA A 1 62 ? -0.489  2.489   -8.872  1.00 5.86  ? 62   ALA A N   1 
ATOM   512 C  CA  . ALA A 1 62 ? -1.448  2.201   -9.911  1.00 6.93  ? 62   ALA A CA  1 
ATOM   513 C  C   . ALA A 1 62 ? -2.703  1.523   -9.387  1.00 6.67  ? 62   ALA A C   1 
ATOM   514 O  O   . ALA A 1 62 ? -3.566  1.180   -10.207 1.00 8.04  ? 62   ALA A O   1 
ATOM   515 C  CB  . ALA A 1 62 ? -0.818  1.302   -10.979 1.00 13.26 ? 62   ALA A CB  1 
ATOM   516 N  N   . ARG A 1 63 ? -2.802  1.308   -8.089  1.00 6.69  ? 63   ARG A N   1 
ATOM   517 C  CA  . ARG A 1 63 ? -4.014  0.797   -7.441  1.00 6.78  ? 63   ARG A CA  1 
ATOM   518 C  C   . ARG A 1 63 ? -4.148  1.514   -6.080  1.00 6.44  ? 63   ARG A C   1 
ATOM   519 O  O   . ARG A 1 63 ? -3.104  1.885   -5.508  1.00 6.81  ? 63   ARG A O   1 
ATOM   520 C  CB  . ARG A 1 63 ? -3.954  -0.702  -7.144  1.00 8.13  ? 63   ARG A CB  1 
ATOM   521 C  CG  . ARG A 1 63 ? -3.673  -1.594  -8.363  1.00 8.41  ? 63   ARG A CG  1 
ATOM   522 C  CD  . ARG A 1 63 ? -4.897  -1.663  -9.288  1.00 11.25 ? 63   ARG A CD  1 
ATOM   523 N  NE  . ARG A 1 63 ? -4.683  -2.638  -10.348 1.00 11.83 ? 63   ARG A NE  1 
ATOM   524 C  CZ  . ARG A 1 63 ? -3.978  -2.477  -11.439 1.00 11.35 ? 63   ARG A CZ  1 
ATOM   525 N  NH1 . ARG A 1 63 ? -3.850  -3.475  -12.332 1.00 15.26 ? 63   ARG A NH1 1 
ATOM   526 N  NH2 . ARG A 1 63 ? -3.390  -1.289  -11.689 1.00 11.49 ? 63   ARG A NH2 1 
ATOM   527 N  N   . PRO A 1 64 ? -5.334  1.689   -5.544  1.00 7.22  ? 64   PRO A N   1 
ATOM   528 C  CA  . PRO A 1 64 ? -5.476  2.418   -4.219  1.00 7.12  ? 64   PRO A CA  1 
ATOM   529 C  C   . PRO A 1 64 ? -4.925  1.581   -3.085  1.00 6.63  ? 64   PRO A C   1 
ATOM   530 O  O   . PRO A 1 64 ? -5.434  0.476   -2.833  1.00 7.97  ? 64   PRO A O   1 
ATOM   531 C  CB  . PRO A 1 64 ? -7.020  2.602   -4.080  1.00 8.63  ? 64   PRO A CB  1 
ATOM   532 C  CG  . PRO A 1 64 ? -7.583  1.577   -4.969  1.00 12.79 ? 64   PRO A CG  1 
ATOM   533 C  CD  . PRO A 1 64 ? -6.653  1.310   -6.081  1.00 8.64  ? 64   PRO A CD  1 
ATOM   534 N  N   . PRO A 1 65 ? -3.878  2.005   -2.400  1.00 5.96  ? 65   PRO A N   1 
ATOM   535 C  CA  . PRO A 1 65 ? -3.333  1.177   -1.337  1.00 6.16  ? 65   PRO A CA  1 
ATOM   536 C  C   . PRO A 1 65 ? -4.337  0.977   -0.213  1.00 5.88  ? 65   PRO A C   1 
ATOM   537 O  O   . PRO A 1 65 ? -4.948  1.936   0.241   1.00 6.69  ? 65   PRO A O   1 
ATOM   538 C  CB  . PRO A 1 65 ? -2.097  1.951   -0.872  1.00 6.42  ? 65   PRO A CB  1 
ATOM   539 C  CG  . PRO A 1 65 ? -1.698  2.795   -2.058  1.00 6.78  ? 65   PRO A CG  1 
ATOM   540 C  CD  . PRO A 1 65 ? -3.026  3.193   -2.655  1.00 6.32  ? 65   PRO A CD  1 
ATOM   541 N  N   . THR A 1 66 ? -4.462  -0.268  0.235   1.00 5.98  ? 66   THR A N   1 
ATOM   542 C  CA  A THR A 1 66 ? -5.420  -0.554  1.313   0.39 5.81  ? 66   THR A CA  1 
ATOM   543 C  CA  B THR A 1 66 ? -5.436  -0.620  1.259   0.61 7.28  ? 66   THR A CA  1 
ATOM   544 C  C   . THR A 1 66 ? -4.802  -1.646  2.191   1.00 6.62  ? 66   THR A C   1 
ATOM   545 O  O   . THR A 1 66 ? -4.034  -2.488  1.731   1.00 8.06  ? 66   THR A O   1 
ATOM   546 C  CB  A THR A 1 66 ? -6.786  -1.089  0.840   0.39 9.03  ? 66   THR A CB  1 
ATOM   547 C  CB  B THR A 1 66 ? -6.671  -1.210  0.522   0.61 9.65  ? 66   THR A CB  1 
ATOM   548 O  OG1 A THR A 1 66 ? -6.611  -2.341  0.208   0.39 12.34 ? 66   THR A OG1 1 
ATOM   549 O  OG1 B THR A 1 66 ? -7.163  -0.174  -0.384  0.61 12.21 ? 66   THR A OG1 1 
ATOM   550 C  CG2 A THR A 1 66 ? -7.398  -0.241  -0.282  0.39 13.20 ? 66   THR A CG2 1 
ATOM   551 C  CG2 B THR A 1 66 ? -7.751  -1.531  1.519   0.61 10.54 ? 66   THR A CG2 1 
ATOM   552 N  N   . ILE A 1 67 ? -5.153  -1.621  3.463   1.00 6.41  ? 67   ILE A N   1 
ATOM   553 C  CA  . ILE A 1 67 ? -4.737  -2.679  4.384   1.00 6.19  ? 67   ILE A CA  1 
ATOM   554 C  C   . ILE A 1 67 ? -5.252  -4.020  3.885   1.00 6.53  ? 67   ILE A C   1 
ATOM   555 O  O   . ILE A 1 67 ? -6.398  -4.181  3.447   1.00 8.75  ? 67   ILE A O   1 
ATOM   556 C  CB  . ILE A 1 67 ? -5.237  -2.430  5.801   1.00 6.25  ? 67   ILE A CB  1 
ATOM   557 C  CG1 . ILE A 1 67 ? -4.565  -1.198  6.418   1.00 7.23  ? 67   ILE A CG1 1 
ATOM   558 C  CG2 . ILE A 1 67 ? -5.032  -3.664  6.665   1.00 7.67  ? 67   ILE A CG2 1 
ATOM   559 C  CD1 . ILE A 1 67 ? -5.001  -0.862  7.841   1.00 8.79  ? 67   ILE A CD1 1 
ATOM   560 N  N   . GLY A 1 68 ? -4.391  -5.021  3.947   1.00 6.75  ? 68   GLY A N   1 
ATOM   561 C  CA  . GLY A 1 68 ? -4.771  -6.414  3.719   1.00 8.38  ? 68   GLY A CA  1 
ATOM   562 C  C   . GLY A 1 68 ? -3.614  -7.291  3.351   1.00 8.70  ? 68   GLY A C   1 
ATOM   563 O  O   . GLY A 1 68 ? -2.554  -6.775  2.939   1.00 8.52  ? 68   GLY A O   1 
ATOM   564 O  OXT . GLY A 1 68 ? -3.831  -8.515  3.461   1.00 11.15 ? 68   GLY A OXT 1 
HETATM 565 K  K   . K   B 2 .  ? -3.510  11.139  -6.570  0.80 10.00 ? 1102 K   A K   1 
HETATM 566 NA NA  . NA  C 3 .  ? -2.570  -4.704  1.225   1.00 11.60 ? 1103 NA  A NA  1 
HETATM 567 NA NA  . NA  D 3 .  ? -5.710  9.053   0.799   1.00 13.23 ? 1104 NA  A NA  1 
HETATM 568 O  O1  . TLA E 4 .  ? -3.179  -10.496 12.205  1.00 14.99 ? 1101 TLA A O1  1 
HETATM 569 O  O11 . TLA E 4 .  ? -4.235  -9.241  10.776  1.00 18.35 ? 1101 TLA A O11 1 
HETATM 570 C  C1  . TLA E 4 .  ? -4.175  -10.036 11.673  1.00 11.61 ? 1101 TLA A C1  1 
HETATM 571 C  C2  . TLA E 4 .  ? -5.450  -10.874 11.844  1.00 11.68 ? 1101 TLA A C2  1 
HETATM 572 O  O2  . TLA E 4 .  ? -6.422  -10.384 11.003  1.00 15.75 ? 1101 TLA A O2  1 
HETATM 573 C  C3  . TLA E 4 .  ? -5.882  -10.862 13.294  1.00 11.63 ? 1101 TLA A C3  1 
HETATM 574 O  O3  . TLA E 4 .  ? -6.241  -9.553  13.695  1.00 14.56 ? 1101 TLA A O3  1 
HETATM 575 C  C4  . TLA E 4 .  ? -7.031  -11.825 13.502  1.00 12.81 ? 1101 TLA A C4  1 
HETATM 576 O  O4  . TLA E 4 .  ? -6.791  -12.980 13.157  1.00 17.27 ? 1101 TLA A O4  1 
HETATM 577 O  O41 . TLA E 4 .  ? -8.128  -11.405 13.960  1.00 13.01 ? 1101 TLA A O41 1 
HETATM 578 O  O   . HOH F 5 .  ? -3.297  -2.373  -1.364  1.00 8.01  ? 3001 HOH A O   1 
HETATM 579 O  O   . HOH F 5 .  ? -3.322  12.012  3.278   1.00 26.86 ? 3002 HOH A O   1 
HETATM 580 O  O   . HOH F 5 .  ? -0.354  -9.455  -9.150  1.00 16.04 ? 3003 HOH A O   1 
HETATM 581 O  O   . HOH F 5 .  ? 9.132   5.333   -5.831  1.00 10.55 ? 3004 HOH A O   1 
HETATM 582 O  O   . HOH F 5 .  ? -1.637  -0.134  -4.261  1.00 7.25  ? 3005 HOH A O   1 
HETATM 583 O  O   . HOH F 5 .  ? -4.408  11.885  -8.872  1.00 10.27 ? 3006 HOH A O   1 
HETATM 584 O  O   . HOH F 5 .  ? -4.318  5.526   11.272  1.00 9.01  ? 3007 HOH A O   1 
HETATM 585 O  O   . HOH F 5 .  ? 4.593   11.366  -5.651  1.00 18.52 ? 3008 HOH A O   1 
HETATM 586 O  O   . HOH F 5 .  ? 10.805  -1.385  -13.328 0.50 16.67 ? 3009 HOH A O   1 
HETATM 587 O  O   . HOH F 5 .  ? 5.696   11.049  1.290   1.00 15.21 ? 3010 HOH A O   1 
HETATM 588 O  O   . HOH F 5 .  ? 0.743   -3.831  13.282  1.00 7.42  ? 3011 HOH A O   1 
HETATM 589 O  O   . HOH F 5 .  ? -0.630  -10.185 11.116  1.00 15.22 ? 3012 HOH A O   1 
HETATM 590 O  O   . HOH F 5 .  ? -7.570  -2.258  -7.078  1.00 27.43 ? 3013 HOH A O   1 
HETATM 591 O  O   . HOH F 5 .  ? -1.431  -6.873  -9.832  1.00 20.83 ? 3014 HOH A O   1 
HETATM 592 O  O   . HOH F 5 .  ? 3.651   -12.094 -0.980  1.00 23.61 ? 3015 HOH A O   1 
HETATM 593 O  O   . HOH F 5 .  ? 7.806   -6.184  -7.361  1.00 21.11 ? 3016 HOH A O   1 
HETATM 594 O  O   . HOH F 5 .  ? -1.654  -4.992  13.800  1.00 20.79 ? 3017 HOH A O   1 
HETATM 595 O  O   . HOH F 5 .  ? 3.873   -5.448  8.606   1.00 10.99 ? 3018 HOH A O   1 
HETATM 596 O  O   . HOH F 5 .  ? 4.446   -7.995  -13.555 0.50 26.97 ? 3019 HOH A O   1 
HETATM 597 O  O   . HOH F 5 .  ? 7.983   2.864   -6.446  1.00 11.56 ? 3020 HOH A O   1 
HETATM 598 O  O   . HOH F 5 .  ? 9.391   0.666   -7.650  1.00 20.25 ? 3021 HOH A O   1 
HETATM 599 O  O   . HOH F 5 .  ? 6.385   -12.416 -9.571  1.00 15.58 ? 3022 HOH A O   1 
HETATM 600 O  O   . HOH F 5 .  ? -5.056  -14.958 13.024  1.00 12.00 ? 3023 HOH A O   1 
HETATM 601 O  O   . HOH F 5 .  ? 4.002   3.280   -17.312 0.50 25.01 ? 3024 HOH A O   1 
HETATM 602 O  O   . HOH F 5 .  ? -9.762  0.832   9.727   1.00 13.09 ? 3025 HOH A O   1 
HETATM 603 O  O   . HOH F 5 .  ? -2.602  -7.440  -12.517 1.00 24.91 ? 3026 HOH A O   1 
HETATM 604 O  O   . HOH F 5 .  ? -9.657  4.662   6.144   1.00 23.20 ? 3027 HOH A O   1 
HETATM 605 O  O   . HOH F 5 .  ? -2.409  12.110  -0.628  0.50 23.10 ? 3028 HOH A O   1 
HETATM 606 O  O   . HOH F 5 .  ? 9.836   1.379   6.815   1.00 14.75 ? 3029 HOH A O   1 
HETATM 607 O  O   . HOH F 5 .  ? 8.037   5.117   6.531   1.00 12.52 ? 3030 HOH A O   1 
HETATM 608 O  O   . HOH F 5 .  ? -10.349 3.312   13.257  1.00 21.89 ? 3031 HOH A O   1 
HETATM 609 O  O   . HOH F 5 .  ? -5.616  -14.688 5.967   1.00 20.40 ? 3032 HOH A O   1 
HETATM 610 O  O   . HOH F 5 .  ? 4.877   6.013   11.767  1.00 18.16 ? 3033 HOH A O   1 
HETATM 611 O  O   . HOH F 5 .  ? -3.986  14.165  -2.931  1.00 31.33 ? 3034 HOH A O   1 
HETATM 612 O  O   . HOH F 5 .  ? -11.115 -7.599  18.531  1.00 12.32 ? 3035 HOH A O   1 
HETATM 613 O  O   . HOH F 5 .  ? -4.158  -1.695  -3.837  1.00 11.87 ? 3036 HOH A O   1 
HETATM 614 O  O   . HOH F 5 .  ? -4.452  -4.735  -0.751  1.00 19.27 ? 3037 HOH A O   1 
HETATM 615 O  O   . HOH F 5 .  ? 2.984   -12.893 2.641   1.00 28.67 ? 3038 HOH A O   1 
HETATM 616 O  O   . HOH F 5 .  ? 3.247   -8.666  0.235   1.00 23.21 ? 3039 HOH A O   1 
HETATM 617 O  O   . HOH F 5 .  ? -11.638 4.773   -0.418  1.00 21.17 ? 3040 HOH A O   1 
HETATM 618 O  O   . HOH F 5 .  ? -2.010  13.394  6.789   1.00 23.67 ? 3041 HOH A O   1 
HETATM 619 O  O   . HOH F 5 .  ? -10.185 2.943   -1.308  1.00 28.72 ? 3042 HOH A O   1 
HETATM 620 O  O   . HOH F 5 .  ? 8.733   -2.889  -0.456  1.00 26.79 ? 3043 HOH A O   1 
HETATM 621 O  O   . HOH F 5 .  ? 8.389   -1.253  1.161   0.50 27.95 ? 3044 HOH A O   1 
HETATM 622 O  O   . HOH F 5 .  ? 1.979   11.782  -2.761  1.00 32.28 ? 3045 HOH A O   1 
HETATM 623 O  O   . HOH F 5 .  ? 1.101   -11.254 -14.192 1.00 22.11 ? 3046 HOH A O   1 
HETATM 624 O  O   . HOH F 5 .  ? -5.461  -5.479  18.607  1.00 30.51 ? 3047 HOH A O   1 
HETATM 625 O  O   . HOH F 5 .  ? -1.697  -16.400 6.206   1.00 30.65 ? 3048 HOH A O   1 
HETATM 626 O  O   . HOH F 5 .  ? 1.216   -13.267 5.096   1.00 18.30 ? 3049 HOH A O   1 
HETATM 627 O  O   . HOH F 5 .  ? 5.216   -6.146  6.300   1.00 17.38 ? 3050 HOH A O   1 
HETATM 628 O  O   . HOH F 5 .  ? -5.337  -1.884  15.551  1.00 33.96 ? 3051 HOH A O   1 
HETATM 629 O  O   . HOH F 5 .  ? -10.559 1.472   4.136   1.00 21.61 ? 3052 HOH A O   1 
HETATM 630 O  O   . HOH F 5 .  ? -9.445  6.387   3.642   1.00 28.10 ? 3053 HOH A O   1 
HETATM 631 O  O   . HOH F 5 .  ? -11.375 6.060   1.953   0.50 28.46 ? 3054 HOH A O   1 
HETATM 632 O  O   . HOH F 5 .  ? -10.622 11.522  -0.492  1.00 30.04 ? 3055 HOH A O   1 
HETATM 633 O  O   . HOH F 5 .  ? -3.982  -18.436 0.631   1.00 28.47 ? 3056 HOH A O   1 
HETATM 634 O  O   . HOH F 5 .  ? -5.055  -7.671  19.254  1.00 23.72 ? 3057 HOH A O   1 
HETATM 635 O  O   . HOH F 5 .  ? 10.609  -5.971  -13.490 1.00 29.52 ? 3058 HOH A O   1 
HETATM 636 O  O   . HOH F 5 .  ? 10.108  -2.069  -7.068  0.50 27.72 ? 3059 HOH A O   1 
HETATM 637 O  O   . HOH F 5 .  ? -1.793  -7.436  12.075  1.00 19.97 ? 3060 HOH A O   1 
HETATM 638 O  O   . HOH F 5 .  ? 2.832   -4.289  -14.741 0.50 25.07 ? 3061 HOH A O   1 
HETATM 639 O  O   . HOH F 5 .  ? -3.653  -6.199  -3.141  1.00 27.03 ? 3062 HOH A O   1 
HETATM 640 O  O   . HOH F 5 .  ? 1.327   -8.801  -15.656 0.50 29.89 ? 3063 HOH A O   1 
HETATM 641 O  O   . HOH F 5 .  ? -11.050 9.217   0.820   0.50 31.83 ? 3064 HOH A O   1 
HETATM 642 O  O   . HOH F 5 .  ? -4.430  -10.612 -0.458  1.00 32.85 ? 3065 HOH A O   1 
HETATM 643 O  O   . HOH F 5 .  ? -2.950  -2.627  11.782  0.50 22.25 ? 3066 HOH A O   1 
HETATM 644 O  O   . HOH F 5 .  ? -6.174  -2.689  19.256  0.50 22.46 ? 3067 HOH A O   1 
HETATM 645 O  O   . HOH F 5 .  ? -11.538 -2.855  16.425  1.00 24.76 ? 3068 HOH A O   1 
HETATM 646 O  O   . HOH F 5 .  ? 9.310   5.924   -8.736  1.00 28.37 ? 3069 HOH A O   1 
HETATM 647 O  O   . HOH F 5 .  ? 9.478   7.379   -12.239 1.00 22.58 ? 3070 HOH A O   1 
HETATM 648 O  O   . HOH F 5 .  ? 10.738  2.015   -11.194 1.00 26.63 ? 3071 HOH A O   1 
HETATM 649 O  O   . HOH F 5 .  ? 8.627   2.824   -18.943 0.50 21.15 ? 3072 HOH A O   1 
HETATM 650 O  O   . HOH F 5 .  ? 9.320   -4.040  -5.499  1.00 24.77 ? 3073 HOH A O   1 
HETATM 651 O  O   . HOH F 5 .  ? -0.860  11.537  -6.447  1.00 26.35 ? 3074 HOH A O   1 
HETATM 652 O  O   . HOH F 5 .  ? -3.096  13.379  -5.738  1.00 24.31 ? 3075 HOH A O   1 
HETATM 653 O  O   . HOH F 5 .  ? -3.050  10.175  0.936   1.00 24.11 ? 3076 HOH A O   1 
HETATM 654 O  O   . HOH F 5 .  ? -3.525  -8.913  -3.134  0.50 24.98 ? 3077 HOH A O   1 
HETATM 655 O  O   . HOH F 5 .  ? -7.390  -16.772 -1.458  1.00 28.10 ? 3078 HOH A O   1 
HETATM 656 O  O   . HOH F 5 .  ? -0.204  -16.785 2.625   0.70 23.90 ? 3079 HOH A O   1 
HETATM 657 O  O   . HOH F 5 .  ? -0.021  -17.204 4.000   0.30 20.45 ? 3080 HOH A O   1 
HETATM 658 O  O   . HOH F 5 .  ? -3.172  -3.165  15.819  1.00 30.96 ? 3081 HOH A O   1 
HETATM 659 O  O   . HOH F 5 .  ? 9.212   14.562  6.914   0.50 27.67 ? 3082 HOH A O   1 
HETATM 660 O  O   . HOH F 5 .  ? -11.428 -3.011  19.381  0.50 21.59 ? 3083 HOH A O   1 
HETATM 661 O  O   . HOH F 5 .  ? 8.561   -7.558  -14.329 0.50 19.97 ? 3084 HOH A O   1 
HETATM 662 O  O   . HOH F 5 .  ? 4.965   -11.254 -13.634 0.50 26.66 ? 3085 HOH A O   1 
HETATM 663 O  O   . HOH F 5 .  ? -6.936  11.026  5.326   0.50 23.84 ? 3086 HOH A O   1 
HETATM 664 O  O   . HOH F 5 .  ? 7.500   -9.815  0.002   0.50 31.04 ? 3087 HOH A O   1 
HETATM 665 O  O   . HOH F 5 .  ? -3.118  -3.672  -15.035 0.50 28.60 ? 3088 HOH A O   1 
HETATM 666 O  O   . HOH F 5 .  ? -6.764  -5.620  -11.495 0.50 33.03 ? 3089 HOH A O   1 
HETATM 667 O  O   . HOH F 5 .  ? -6.610  -5.342  0.488   1.00 29.58 ? 3090 HOH A O   1 
HETATM 668 O  O   . HOH F 5 .  ? 7.240   16.071  8.347   1.00 26.85 ? 3091 HOH A O   1 
HETATM 669 O  O   . HOH F 5 .  ? -1.772  -10.479 -3.899  0.50 24.14 ? 3092 HOH A O   1 
HETATM 670 O  O   . HOH F 5 .  ? 4.258   13.044  -2.502  0.50 23.01 ? 3093 HOH A O   1 
HETATM 671 O  O   . HOH F 5 .  ? -4.128  -0.226  11.999  0.70 20.83 ? 3094 HOH A O   1 
HETATM 672 O  O   . HOH F 5 .  ? -4.302  -0.834  13.369  0.30 12.61 ? 3095 HOH A O   1 
HETATM 673 O  O   . HOH F 5 .  ? -7.001  16.388  -1.774  1.00 34.34 ? 3096 HOH A O   1 
HETATM 674 O  O   . HOH F 5 .  ? -5.881  -8.997  1.365   1.00 23.73 ? 3097 HOH A O   1 
HETATM 675 O  O   . HOH F 5 .  ? -3.079  -6.189  -8.218  0.50 26.41 ? 3098 HOH A O   1 
HETATM 676 O  O   . HOH F 5 .  ? -7.298  5.118   15.250  0.50 23.40 ? 3099 HOH A O   1 
HETATM 677 O  O   . HOH F 5 .  ? 7.228   -6.737  -2.836  1.00 28.43 ? 3100 HOH A O   1 
HETATM 678 O  O   . HOH F 5 .  ? -7.023  -4.378  -9.234  1.00 36.09 ? 3101 HOH A O   1 
HETATM 679 O  O   . HOH F 5 .  ? -5.970  -3.346  -5.169  0.50 26.23 ? 3102 HOH A O   1 
HETATM 680 O  O   . HOH F 5 .  ? -10.185 -5.633  22.685  0.50 20.02 ? 3103 HOH A O   1 
HETATM 681 O  O   . HOH F 5 .  ? 8.204   -8.299  -10.173 0.50 23.13 ? 3104 HOH A O   1 
HETATM 682 O  O   . HOH F 5 .  ? 2.336   0.815   -17.061 0.50 21.16 ? 3105 HOH A O   1 
HETATM 683 O  O   . HOH F 5 .  ? 5.609   -8.541  -1.759  0.50 22.05 ? 3106 HOH A O   1 
HETATM 684 O  O   . HOH F 5 .  ? 4.206   -15.073 -1.308  0.50 23.16 ? 3107 HOH A O   1 
HETATM 685 O  O   . HOH F 5 .  ? -8.497  15.591  0.943   0.50 28.06 ? 3108 HOH A O   1 
HETATM 686 O  O   . HOH F 5 .  ? -1.853  -16.956 -0.186  0.50 17.84 ? 3109 HOH A O   1 
HETATM 687 O  O   . HOH F 5 .  ? 2.110   -1.790  -14.719 0.50 20.08 ? 3110 HOH A O   1 
HETATM 688 O  O   . HOH F 5 .  ? 2.629   -10.381 1.596   0.50 18.87 ? 3111 HOH A O   1 
HETATM 689 O  O   . HOH F 5 .  ? -8.194  -14.916 -0.326  1.00 31.92 ? 3112 HOH A O   1 
HETATM 690 O  O   . HOH F 5 .  ? 4.527   13.222  10.408  0.50 21.32 ? 3113 HOH A O   1 
HETATM 691 O  O   . HOH F 5 .  ? 3.846   -5.230  4.709   0.50 14.99 ? 3114 HOH A O   1 
HETATM 692 O  O   . HOH F 5 .  ? 11.092  2.276   -16.069 0.50 29.18 ? 3115 HOH A O   1 
HETATM 693 O  O   . HOH F 5 .  ? -4.221  16.437  -3.191  0.50 31.95 ? 3116 HOH A O   1 
HETATM 694 O  O   . HOH F 5 .  ? -1.558  -10.507 -11.347 0.50 24.93 ? 3117 HOH A O   1 
HETATM 695 O  O   . HOH F 5 .  ? -7.366  -6.452  21.954  0.50 21.39 ? 3118 HOH A O   1 
HETATM 696 O  O   . HOH F 5 .  ? 4.257   -8.502  5.045   0.50 12.04 ? 3119 HOH A O   1 
HETATM 697 O  O   . HOH F 5 .  ? 3.755   -10.216 3.702   0.50 12.23 ? 3120 HOH A O   1 
HETATM 698 O  O   . HOH F 5 .  ? 5.690   -9.054  3.249   0.50 13.86 ? 3121 HOH A O   1 
HETATM 699 O  O   . HOH F 5 .  ? 4.411   -9.355  4.019   0.50 14.87 ? 3122 HOH A O   1 
HETATM 700 O  O   . HOH F 5 .  ? -3.377  1.023   -13.563 0.50 20.18 ? 3123 HOH A O   1 
HETATM 701 O  O   . HOH F 5 .  ? 5.686   -9.954  2.228   0.50 14.88 ? 3124 HOH A O   1 
HETATM 702 O  O   . HOH F 5 .  ? 8.344   -8.141  3.106   0.50 15.06 ? 3125 HOH A O   1 
HETATM 703 O  O   . HOH F 5 .  ? 0.190   -0.681  -15.607 0.50 22.11 ? 3126 HOH A O   1 
HETATM 704 O  O   . HOH F 5 .  ? 6.812   -9.222  4.147   0.50 16.96 ? 3127 HOH A O   1 
HETATM 705 O  O   . HOH F 5 .  ? -1.782  -1.091  -14.216 0.50 14.38 ? 3128 HOH A O   1 
HETATM 706 O  O   . HOH F 5 .  ? 7.110   -8.073  3.358   0.50 20.25 ? 3129 HOH A O   1 
HETATM 707 O  O   . HOH F 5 .  ? -10.359 3.059   7.794   0.50 31.30 ? 3130 HOH A O   1 
HETATM 708 O  O   . HOH F 5 .  ? -6.007  -17.649 3.329   0.50 29.48 ? 3131 HOH A O   1 
HETATM 709 O  O   . HOH F 5 .  ? -7.717  3.521   18.042  0.50 45.64 ? 3132 HOH A O   1 
HETATM 710 O  O   . HOH F 5 .  ? -6.879  -4.342  22.024  0.50 28.97 ? 3133 HOH A O   1 
HETATM 711 O  O   . HOH F 5 .  ? -6.738  -13.850 7.967   0.50 35.63 ? 3134 HOH A O   1 
HETATM 712 O  O   . HOH F 5 .  ? -4.053  -2.479  11.635  0.50 33.41 ? 3135 HOH A O   1 
HETATM 713 O  O   . HOH F 5 .  ? -3.499  -3.706  13.371  0.50 13.46 ? 3136 HOH A O   1 
HETATM 714 O  O   . HOH F 5 .  ? -3.988  -7.555  -9.087  0.50 29.10 ? 3137 HOH A O   1 
HETATM 715 O  O   . HOH F 5 .  ? 10.504  -2.331  -18.697 0.50 30.44 ? 3138 HOH A O   1 
HETATM 716 O  O   . HOH F 5 .  ? -0.977  -2.196  -15.227 0.50 28.64 ? 3139 HOH A O   1 
HETATM 717 O  O   . HOH F 5 .  ? -3.595  2.911   13.779  1.00 23.60 ? 3140 HOH A O   1 
# 
loop_
_atom_site_anisotrop.id 
_atom_site_anisotrop.type_symbol 
_atom_site_anisotrop.pdbx_label_atom_id 
_atom_site_anisotrop.pdbx_label_alt_id 
_atom_site_anisotrop.pdbx_label_comp_id 
_atom_site_anisotrop.pdbx_label_asym_id 
_atom_site_anisotrop.pdbx_label_seq_id 
_atom_site_anisotrop.pdbx_PDB_ins_code 
_atom_site_anisotrop.U[1][1] 
_atom_site_anisotrop.U[2][2] 
_atom_site_anisotrop.U[3][3] 
_atom_site_anisotrop.U[1][2] 
_atom_site_anisotrop.U[1][3] 
_atom_site_anisotrop.U[2][3] 
_atom_site_anisotrop.pdbx_auth_seq_id 
_atom_site_anisotrop.pdbx_auth_comp_id 
_atom_site_anisotrop.pdbx_auth_asym_id 
_atom_site_anisotrop.pdbx_auth_atom_id 
1   N  N   . SER A 1  ? 0.2922 0.2475  0.2629  0.0680  0.0941  0.1053  1    SER A N   
2   C  CA  . SER A 1  ? 0.1835 0.2366  0.1566  0.0123  0.0311  0.0407  1    SER A CA  
3   C  C   . SER A 1  ? 0.1681 0.1996  0.1609  -0.0077 0.0221  0.0373  1    SER A C   
4   O  O   . SER A 1  ? 0.2296 0.1958  0.4210  -0.0343 0.0113  0.0541  1    SER A O   
5   C  CB  . SER A 1  ? 0.2419 0.2662  0.2170  0.0146  0.0713  -0.0044 1    SER A CB  
6   O  OG  . SER A 1  ? 0.4104 0.3725  0.1970  0.0860  0.1175  0.0713  1    SER A OG  
7   N  N   . ARG A 2  ? 0.1055 0.2969  0.1608  0.0177  0.0223  0.0462  2    ARG A N   
8   C  CA  . ARG A 2  ? 0.0819 0.3147  0.1329  0.0368  0.0167  0.0316  2    ARG A CA  
9   C  C   . ARG A 2  ? 0.0907 0.2102  0.1429  -0.0041 0.0026  0.0157  2    ARG A C   
10  O  O   . ARG A 2  ? 0.0916 0.2651  0.1525  -0.0051 0.0014  0.0284  2    ARG A O   
11  C  CB  . ARG A 2  ? 0.1334 0.2578  0.1468  0.0368  0.0029  0.0382  2    ARG A CB  
12  C  CG  . ARG A 2  ? 0.1760 0.2876  0.1411  0.0561  0.0192  0.0872  2    ARG A CG  
13  C  CD  . ARG A 2  ? 0.1898 0.2360  0.2502  0.0359  -0.0406 0.0640  2    ARG A CD  
14  N  NE  . ARG A 2  ? 0.1707 0.2641  0.2715  0.0292  -0.0175 0.1310  2    ARG A NE  
15  C  CZ  . ARG A 2  ? 0.1371 0.2011  0.2290  -0.0222 -0.0052 0.1168  2    ARG A CZ  
16  N  NH1 . ARG A 2  ? 0.1729 0.3321  0.2478  -0.0521 0.0225  0.0406  2    ARG A NH1 
17  N  NH2 . ARG A 2  ? 0.1247 0.2475  0.2766  -0.0077 -0.0339 0.0995  2    ARG A NH2 
18  N  N   . CYS A 3  ? 0.1302 0.1491  0.1672  -0.0270 0.0022  0.0159  3    CYS A N   
19  C  CA  . CYS A 3  ? 0.1134 0.1566  0.1257  -0.0141 0.0020  -0.0103 3    CYS A CA  
20  C  C   . CYS A 3  ? 0.1193 0.1426  0.1000  -0.0393 0.0330  0.0085  3    CYS A C   
21  O  O   . CYS A 3  ? 0.0880 0.1429  0.1552  -0.0147 0.0331  -0.0096 3    CYS A O   
22  C  CB  . CYS A 3  ? 0.1065 0.1341  0.1156  -0.0285 0.0264  0.0025  3    CYS A CB  
23  S  SG  . CYS A 3  ? 0.0965 0.1362  0.1066  -0.0065 0.0041  0.0218  3    CYS A SG  
24  N  N   . GLN A 4  ? 0.1946 0.1313  0.1179  -0.0689 0.0565  -0.0028 4    GLN A N   
25  C  CA  . GLN A 4  ? 0.2407 0.1208  0.1432  -0.0790 0.0954  0.0056  4    GLN A CA  
26  C  C   . GLN A 4  ? 0.1817 0.1443  0.1212  -0.0829 0.0260  0.0310  4    GLN A C   
27  O  O   . GLN A 4  ? 0.1705 0.1581  0.1805  -0.0706 0.0128  0.0603  4    GLN A O   
28  C  CB  . GLN A 4  ? 0.4474 0.1446  0.1514  -0.0083 0.1341  0.0101  4    GLN A CB  
29  C  CG  . GLN A 4  ? 0.2760 0.5203  0.2989  -0.0321 0.2142  0.1387  4    GLN A CG  
30  C  CD  . GLN A 4  ? 0.3298 0.5384  0.2319  -0.0020 0.0885  0.1589  4    GLN A CD  
31  O  OE1 . GLN A 4  ? 0.5434 0.6628  0.3690  -0.2350 0.1258  -0.0167 4    GLN A OE1 
32  N  NE2 . GLN A 4  ? 0.6683 0.6229  0.3063  -0.0177 0.0907  0.2600  4    GLN A NE2 
33  N  N   . GLY A 5  ? 0.1949 0.1495  0.0875  -0.0666 0.0181  0.0385  5    GLY A N   
34  C  CA  . GLY A 5  ? 0.1685 0.1459  0.1111  -0.0685 -0.0022 0.0499  5    GLY A CA  
35  C  C   . GLY A 5  ? 0.1064 0.1587  0.0879  -0.0364 0.0154  0.0407  5    GLY A C   
36  O  O   . GLY A 5  ? 0.1185 0.1479  0.1166  -0.0429 0.0151  0.0351  5    GLY A O   
37  N  N   . LYS A 6  ? 0.0964 0.1047  0.1023  -0.0097 0.0237  0.0261  6    LYS A N   
38  C  CA  . LYS A 6  ? 0.0695 0.1108  0.0983  0.0143  0.0253  0.0370  6    LYS A CA  
39  C  C   . LYS A 6  ? 0.0747 0.1125  0.0889  0.0178  0.0255  0.0403  6    LYS A C   
40  O  O   . LYS A 6  ? 0.0696 0.1253  0.1086  0.0235  0.0142  0.0458  6    LYS A O   
41  C  CB  . LYS A 6  ? 0.0836 0.1304  0.0998  -0.0025 0.0236  0.0414  6    LYS A CB  
42  C  CG  . LYS A 6  ? 0.0839 0.1020  0.1177  -0.0022 0.0141  0.0423  6    LYS A CG  
43  C  CD  . LYS A 6  ? 0.1066 0.0984  0.1005  0.0023  0.0207  0.0277  6    LYS A CD  
44  C  CE  . LYS A 6  ? 0.1191 0.0957  0.1097  0.0080  0.0050  0.0343  6    LYS A CE  
45  N  NZ  . LYS A 6  ? 0.1350 0.1081  0.1196  -0.0052 0.0054  0.0463  6    LYS A NZ  
46  N  N   . SER A 7  ? 0.0729 0.0991  0.0923  0.0194  0.0245  0.0398  7    SER A N   
47  C  CA  . SER A 7  ? 0.1143 0.0913  0.0966  0.0113  0.0312  0.0389  7    SER A CA  
48  C  C   . SER A 7  ? 0.0620 0.0792  0.0946  0.0026  0.0127  0.0352  7    SER A C   
49  O  O   . SER A 7  ? 0.0771 0.0910  0.1015  -0.0021 0.0053  0.0404  7    SER A O   
50  C  CB  . SER A 7  ? 0.1717 0.1180  0.1912  -0.0082 0.1338  0.0368  7    SER A CB  
51  O  OG  . SER A 7  ? 0.1481 0.1630  0.1648  -0.0537 0.0581  -0.0164 7    SER A OG  
52  N  N   . SER A 8  ? 0.0630 0.0992  0.0949  -0.0022 0.0216  0.0468  8    SER A N   
53  C  CA  A SER A 8  ? 0.0539 0.0958  0.0931  -0.0131 0.0031  0.0407  8    SER A CA  
54  C  CA  B SER A 8  ? 0.1181 0.0979  0.0788  -0.0276 0.0190  0.0249  8    SER A CA  
55  C  C   . SER A 8  ? 0.0616 0.0859  0.0810  -0.0048 0.0002  0.0341  8    SER A C   
56  O  O   . SER A 8  ? 0.0723 0.0912  0.0944  0.0091  0.0191  0.0333  8    SER A O   
57  C  CB  A SER A 8  ? 0.0941 0.1473  0.1137  -0.0492 -0.0019 0.0329  8    SER A CB  
58  C  CB  B SER A 8  ? 0.1379 0.1618  0.0959  -0.0882 -0.0067 0.0591  8    SER A CB  
59  O  OG  A SER A 8  ? 0.1107 0.1297  0.1139  0.0221  -0.0155 0.0252  8    SER A OG  
60  O  OG  B SER A 8  ? 0.1563 0.1613  0.1115  -0.0796 0.0020  0.0422  8    SER A OG  
61  N  N   . TRP A 9  ? 0.0619 0.0700  0.0846  0.0008  0.0064  0.0323  9    TRP A N   
62  C  CA  . TRP A 9  ? 0.0586 0.0697  0.0787  0.0014  0.0120  0.0351  9    TRP A CA  
63  C  C   . TRP A 9  ? 0.0683 0.0656  0.0894  0.0113  0.0016  0.0328  9    TRP A C   
64  O  O   . TRP A 9  ? 0.0810 0.0667  0.0844  0.0128  0.0150  0.0318  9    TRP A O   
65  C  CB  . TRP A 9  ? 0.0614 0.0753  0.0794  0.0033  0.0136  0.0363  9    TRP A CB  
66  C  CG  . TRP A 9  ? 0.0584 0.0698  0.0813  0.0078  0.0119  0.0276  9    TRP A CG  
67  C  CD1 . TRP A 9  ? 0.0701 0.0794  0.0863  0.0091  0.0071  0.0268  9    TRP A CD1 
68  C  CD2 . TRP A 9  ? 0.0483 0.0797  0.0776  0.0079  0.0091  0.0292  9    TRP A CD2 
69  N  NE1 . TRP A 9  ? 0.0777 0.0861  0.0919  0.0065  -0.0045 0.0170  9    TRP A NE1 
70  C  CE2 . TRP A 9  ? 0.0557 0.0852  0.0782  0.0105  0.0053  0.0233  9    TRP A CE2 
71  C  CE3 . TRP A 9  ? 0.0605 0.0699  0.0845  0.0089  0.0037  0.0334  9    TRP A CE3 
72  C  CZ2 . TRP A 9  ? 0.0639 0.1005  0.0754  0.0157  0.0075  0.0229  9    TRP A CZ2 
73  C  CZ3 . TRP A 9  ? 0.0497 0.0870  0.0906  0.0046  0.0119  0.0395  9    TRP A CZ3 
74  C  CH2 . TRP A 9  ? 0.0526 0.0996  0.0893  0.0103  0.0132  0.0336  9    TRP A CH2 
75  N  N   . PRO A 10 ? 0.0662 0.0987  0.0780  0.0062  0.0047  0.0324  10   PRO A N   
76  C  CA  . PRO A 10 ? 0.0806 0.1143  0.0795  -0.0015 -0.0069 0.0388  10   PRO A CA  
77  C  C   . PRO A 10 ? 0.0629 0.0965  0.0811  0.0090  -0.0034 0.0335  10   PRO A C   
78  O  O   . PRO A 10 ? 0.0836 0.1089  0.0733  0.0168  -0.0050 0.0312  10   PRO A O   
79  C  CB  . PRO A 10 ? 0.0732 0.1960  0.1037  -0.0021 0.0009  0.0668  10   PRO A CB  
80  C  CG  . PRO A 10 ? 0.0642 0.1626  0.1331  0.0259  0.0007  0.0506  10   PRO A CG  
81  C  CD  . PRO A 10 ? 0.0626 0.1401  0.1075  0.0226  0.0166  0.0557  10   PRO A CD  
82  N  N   . GLN A 11 ? 0.0734 0.0886  0.0757  0.0295  0.0155  0.0286  11   GLN A N   
83  C  CA  . GLN A 11 ? 0.0935 0.0704  0.0874  0.0252  0.0123  0.0299  11   GLN A CA  
84  C  C   . GLN A 11 ? 0.0909 0.0762  0.0942  0.0229  0.0139  0.0303  11   GLN A C   
85  O  O   . GLN A 11 ? 0.1062 0.0861  0.1243  0.0265  0.0278  0.0583  11   GLN A O   
86  C  CB  . GLN A 11 ? 0.1350 0.0895  0.1047  0.0291  0.0222  0.0183  11   GLN A CB  
87  C  CG  . GLN A 11 ? 0.1663 0.1208  0.1639  0.0735  0.0652  0.0303  11   GLN A CG  
88  C  CD  . GLN A 11 ? 0.2288 0.2164  0.2520  0.0971  0.0542  -0.0702 11   GLN A CD  
89  O  OE1 . GLN A 11 ? 0.7049 0.1187  0.2593  0.0129  0.0266  -0.0393 11   GLN A OE1 
90  N  NE2 . GLN A 11 ? 0.6419 0.6153  0.4615  -0.0748 0.3312  -0.3166 11   GLN A NE2 
91  N  N   . LEU A 12 ? 0.0733 0.0679  0.0885  0.0166  0.0123  0.0279  12   LEU A N   
92  C  CA  A LEU A 12 ? 0.0656 0.0889  0.0708  0.0112  0.0075  0.0278  12   LEU A CA  
93  C  CA  B LEU A 12 ? 0.0621 -0.0019 0.0828  -0.0259 0.0197  0.0377  12   LEU A CA  
94  C  C   . LEU A 12 ? 0.0717 0.0793  0.0838  0.0143  0.0038  0.0214  12   LEU A C   
95  O  O   . LEU A 12 ? 0.0709 0.1045  0.0852  0.0128  0.0110  0.0184  12   LEU A O   
96  C  CB  A LEU A 12 ? 0.0685 0.0715  0.0834  0.0070  0.0016  0.0251  12   LEU A CB  
97  C  CB  B LEU A 12 ? 0.0977 0.0559  0.0890  0.0205  -0.0135 0.0252  12   LEU A CB  
98  C  CG  A LEU A 12 ? 0.0787 0.0814  0.0770  -0.0036 -0.0011 0.0251  12   LEU A CG  
99  C  CG  B LEU A 12 ? 0.1341 0.0868  0.0754  0.0188  0.0034  0.0091  12   LEU A CG  
100 C  CD1 A LEU A 12 ? 0.0649 0.1073  0.0846  0.0074  0.0093  0.0312  12   LEU A CD1 
101 C  CD1 B LEU A 12 ? 0.1834 0.1287  -0.0407 -0.0268 0.0166  -0.0270 12   LEU A CD1 
102 C  CD2 A LEU A 12 ? 0.1555 0.1064  0.0910  -0.0430 0.0020  0.0179  12   LEU A CD2 
103 C  CD2 B LEU A 12 ? 0.1176 0.0347  0.0944  0.0182  0.0001  0.0300  12   LEU A CD2 
104 N  N   . VAL A 13 ? 0.0677 0.0754  0.0844  0.0118  -0.0007 0.0225  13   VAL A N   
105 C  CA  . VAL A 13 ? 0.0818 0.0697  0.0791  0.0152  0.0031  0.0249  13   VAL A CA  
106 C  C   . VAL A 13 ? 0.0898 0.0765  0.0846  0.0079  0.0073  0.0260  13   VAL A C   
107 O  O   . VAL A 13 ? 0.1145 0.0716  0.0930  0.0181  0.0219  0.0204  13   VAL A O   
108 C  CB  . VAL A 13 ? 0.0818 0.0929  0.0842  0.0176  -0.0120 0.0266  13   VAL A CB  
109 C  CG1 . VAL A 13 ? 0.0877 0.1041  0.1294  -0.0020 -0.0286 0.0417  13   VAL A CG1 
110 C  CG2 . VAL A 13 ? 0.0957 0.1243  0.1054  0.0332  -0.0057 0.0438  13   VAL A CG2 
111 N  N   . GLY A 14 ? 0.0944 0.0857  0.0914  0.0131  0.0130  0.0229  14   GLY A N   
112 C  CA  . GLY A 14 ? 0.1013 0.0933  0.1086  0.0092  0.0314  0.0285  14   GLY A CA  
113 C  C   . GLY A 14 ? 0.1217 0.0854  0.1135  0.0012  0.0311  0.0197  14   GLY A C   
114 O  O   . GLY A 14 ? 0.1404 0.1313  0.1360  -0.0303 0.0425  0.0176  14   GLY A O   
115 N  N   . SER A 15 ? 0.0899 0.0939  0.1186  0.0101  0.0127  0.0149  15   SER A N   
116 C  CA  . SER A 15 ? 0.0926 0.0972  0.1338  -0.0035 0.0237  0.0040  15   SER A CA  
117 C  C   . SER A 15 ? 0.0852 0.0737  0.1073  -0.0093 0.0193  0.0253  15   SER A C   
118 O  O   . SER A 15 ? 0.0856 0.0882  0.1152  0.0012  0.0185  0.0158  15   SER A O   
119 C  CB  . SER A 15 ? 0.0963 0.1920  0.1367  -0.0013 0.0207  -0.0374 15   SER A CB  
120 O  OG  A SER A 15 ? 0.1207 0.2247  0.2274  0.0157  0.0347  -0.0948 15   SER A OG  
121 O  OG  B SER A 15 ? 0.1687 0.5351  0.1669  -0.0513 -0.0372 -0.0087 15   SER A OG  
122 N  N   . THR A 16 ? 0.0884 0.1077  0.1170  -0.0052 0.0200  0.0257  16   THR A N   
123 C  CA  . THR A 16 ? 0.0911 0.1168  0.1151  0.0045  0.0042  0.0257  16   THR A CA  
124 C  C   . THR A 16 ? 0.0812 0.1187  0.0990  0.0024  0.0203  0.0175  16   THR A C   
125 O  O   . THR A 16 ? 0.0840 0.1071  0.1029  0.0052  0.0100  0.0097  16   THR A O   
126 C  CB  A THR A 16 ? 0.0907 0.1716  0.1235  -0.0208 0.0219  0.0332  16   THR A CB  
127 C  CB  B THR A 16 ? 0.0920 0.1342  0.1416  -0.0062 0.0002  0.0542  16   THR A CB  
128 O  OG1 A THR A 16 ? 0.1017 0.1413  0.1352  -0.0412 0.0095  0.0324  16   THR A OG1 
129 O  OG1 B THR A 16 ? 0.1143 0.2422  0.1332  0.0946  0.0119  0.1358  16   THR A OG1 
130 C  CG2 A THR A 16 ? 0.1075 0.2109  0.1424  -0.0273 0.0254  0.0666  16   THR A CG2 
131 C  CG2 B THR A 16 ? 0.1428 0.1804  0.1983  0.0260  -0.0942 0.0429  16   THR A CG2 
132 N  N   . GLY A 17 ? 0.0814 0.1074  0.0881  -0.0040 0.0166  0.0114  17   GLY A N   
133 C  CA  . GLY A 17 ? 0.0751 0.1107  0.0939  -0.0078 0.0099  0.0109  17   GLY A CA  
134 C  C   . GLY A 17 ? 0.0662 0.0808  0.0938  0.0005  0.0117  0.0112  17   GLY A C   
135 O  O   . GLY A 17 ? 0.0652 0.0918  0.0990  -0.0028 0.0218  0.0070  17   GLY A O   
136 N  N   . ALA A 18 ? 0.0603 0.1045  0.0911  0.0008  0.0212  0.0077  18   ALA A N   
137 C  CA  . ALA A 18 ? 0.0548 0.0947  0.1099  -0.0032 0.0181  0.0043  18   ALA A CA  
138 C  C   . ALA A 18 ? 0.0557 0.0856  0.1069  -0.0064 0.0204  0.0090  18   ALA A C   
139 O  O   . ALA A 18 ? 0.0628 0.0892  0.1012  -0.0089 0.0151  0.0047  18   ALA A O   
140 C  CB  . ALA A 18 ? 0.0595 0.1233  0.1385  -0.0092 0.0372  0.0022  18   ALA A CB  
141 N  N   . ALA A 19 ? 0.0587 0.0829  0.1055  -0.0076 0.0191  0.0083  19   ALA A N   
142 C  CA  . ALA A 19 ? 0.0694 0.0744  0.1244  -0.0055 0.0255  0.0179  19   ALA A CA  
143 C  C   . ALA A 19 ? 0.0645 0.0711  0.1045  -0.0016 0.0223  0.0125  19   ALA A C   
144 O  O   . ALA A 19 ? 0.0812 0.0798  0.1162  -0.0116 0.0214  0.0022  19   ALA A O   
145 C  CB  . ALA A 19 ? 0.1036 0.0799  0.1627  -0.0024 0.0342  0.0397  19   ALA A CB  
146 N  N   . ALA A 20 ? 0.0579 0.0724  0.0983  -0.0031 0.0097  0.0187  20   ALA A N   
147 C  CA  . ALA A 20 ? 0.0628 0.0778  0.1011  -0.0085 0.0253  0.0071  20   ALA A CA  
148 C  C   . ALA A 20 ? 0.0647 0.0630  0.0939  -0.0091 0.0289  0.0043  20   ALA A C   
149 O  O   . ALA A 20 ? 0.0711 0.0778  0.1029  -0.0093 0.0301  0.0046  20   ALA A O   
150 C  CB  . ALA A 20 ? 0.0640 0.0942  0.1010  -0.0149 0.0224  -0.0002 20   ALA A CB  
151 N  N   . LYS A 21 ? 0.0663 0.0635  0.0983  -0.0037 0.0327  0.0134  21   LYS A N   
152 C  CA  . LYS A 21 ? 0.0726 0.0596  0.1044  0.0010  0.0241  0.0056  21   LYS A CA  
153 C  C   . LYS A 21 ? 0.0597 0.0690  0.0959  0.0024  0.0207  0.0134  21   LYS A C   
154 O  O   . LYS A 21 ? 0.0687 0.0808  0.0952  0.0002  0.0204  0.0087  21   LYS A O   
155 C  CB  . LYS A 21 ? 0.0767 0.0779  0.1094  0.0048  0.0326  0.0125  21   LYS A CB  
156 C  CG  . LYS A 21 ? 0.0717 0.0903  0.1151  0.0110  0.0288  0.0222  21   LYS A CG  
157 C  CD  . LYS A 21 ? 0.1074 0.1268  0.1582  0.0433  0.0529  0.0468  21   LYS A CD  
158 C  CE  . LYS A 21 ? 0.0706 0.1293  0.1704  0.0248  0.0431  0.0476  21   LYS A CE  
159 N  NZ  . LYS A 21 ? 0.0969 0.0969  0.1263  0.0090  0.0184  0.0190  21   LYS A NZ  
160 N  N   . ALA A 22 ? 0.0704 0.0721  0.1168  -0.0050 0.0289  -0.0097 22   ALA A N   
161 C  CA  . ALA A 22 ? 0.0741 0.1010  0.1446  -0.0255 0.0519  -0.0270 22   ALA A CA  
162 C  C   . ALA A 22 ? 0.0765 0.0733  0.1213  -0.0137 0.0432  -0.0049 22   ALA A C   
163 O  O   . ALA A 22 ? 0.0882 0.0942  0.1223  0.0022  0.0447  0.0039  22   ALA A O   
164 C  CB  . ALA A 22 ? 0.1059 0.1232  0.2353  -0.0570 0.0870  -0.0657 22   ALA A CB  
165 N  N   . VAL A 23 ? 0.0813 0.0636  0.1228  -0.0157 0.0448  -0.0006 23   VAL A N   
166 C  CA  . VAL A 23 ? 0.0774 0.0694  0.1100  -0.0120 0.0449  -0.0016 23   VAL A CA  
167 C  C   . VAL A 23 ? 0.0743 0.0617  0.1053  -0.0023 0.0346  0.0065  23   VAL A C   
168 O  O   . VAL A 23 ? 0.0792 0.0811  0.1072  -0.0062 0.0434  0.0006  23   VAL A O   
169 C  CB  . VAL A 23 ? 0.0795 0.0736  0.1092  -0.0044 0.0459  0.0058  23   VAL A CB  
170 C  CG1 . VAL A 23 ? 0.0844 0.1029  0.1114  0.0102  0.0402  0.0093  23   VAL A CG1 
171 C  CG2 . VAL A 23 ? 0.1152 0.0629  0.1551  -0.0082 0.0423  0.0091  23   VAL A CG2 
172 N  N   . ILE A 24 ? 0.0586 0.0586  0.0921  -0.0042 0.0275  0.0080  24   ILE A N   
173 C  CA  . ILE A 24 ? 0.0545 0.0597  0.0847  0.0008  0.0221  0.0110  24   ILE A CA  
174 C  C   . ILE A 24 ? 0.0583 0.0709  0.0856  -0.0043 0.0210  0.0087  24   ILE A C   
175 O  O   . ILE A 24 ? 0.0561 0.0967  0.0765  0.0014  0.0187  0.0088  24   ILE A O   
176 C  CB  . ILE A 24 ? 0.0508 0.0615  0.0745  -0.0038 0.0163  0.0134  24   ILE A CB  
177 C  CG1 . ILE A 24 ? 0.0646 0.0669  0.0788  -0.0044 0.0051  0.0251  24   ILE A CG1 
178 C  CG2 . ILE A 24 ? 0.0835 0.0704  0.0834  -0.0022 0.0109  0.0285  24   ILE A CG2 
179 C  CD1 . ILE A 24 ? 0.0872 0.0701  0.0845  -0.0046 0.0053  0.0151  24   ILE A CD1 
180 N  N   . GLU A 25 ? 0.0602 0.0844  0.0700  -0.0048 0.0148  0.0057  25   GLU A N   
181 C  CA  . GLU A 25 ? 0.0539 0.1075  0.0771  -0.0021 0.0093  -0.0009 25   GLU A CA  
182 C  C   . GLU A 25 ? 0.0513 0.1420  0.1023  -0.0040 0.0184  -0.0376 25   GLU A C   
183 O  O   . GLU A 25 ? 0.1038 0.1821  0.0988  -0.0415 0.0277  -0.0399 25   GLU A O   
184 C  CB  . GLU A 25 ? 0.0610 0.1102  0.1017  0.0095  0.0148  -0.0098 25   GLU A CB  
185 C  CG  . GLU A 25 ? 0.0566 0.0912  0.1140  0.0000  0.0157  -0.0010 25   GLU A CG  
186 C  CD  . GLU A 25 ? 0.0588 0.1200  0.1433  -0.0066 0.0206  -0.0298 25   GLU A CD  
187 O  OE1 . GLU A 25 ? 0.0622 0.2110  0.2425  -0.0029 0.0036  -0.1002 25   GLU A OE1 
188 O  OE2 . GLU A 25 ? 0.0627 0.0950  0.1065  0.0046  0.0116  0.0079  25   GLU A OE2 
189 N  N   . ARG A 26 ? 0.0589 0.1277  0.1409  0.0184  -0.0014 -0.0568 26   ARG A N   
190 C  CA  . ARG A 26 ? 0.0657 0.1512  0.1737  0.0083  0.0003  -0.0714 26   ARG A CA  
191 C  C   . ARG A 26 ? 0.0723 0.1569  0.1195  0.0296  -0.0047 -0.0531 26   ARG A C   
192 O  O   . ARG A 26 ? 0.0969 0.3202  0.1261  0.0720  -0.0220 -0.1042 26   ARG A O   
193 C  CB  . ARG A 26 ? 0.0962 0.1380  0.2657  -0.0167 0.0265  -0.0861 26   ARG A CB  
194 C  CG  . ARG A 26 ? 0.1260 0.1216  0.2391  0.0084  0.0068  0.0324  26   ARG A CG  
195 C  CD  . ARG A 26 ? 0.1972 0.1334  0.2133  -0.0322 0.0211  0.0071  26   ARG A CD  
196 N  NE  . ARG A 26 ? 0.2414 0.1219  0.2301  -0.0241 -0.0204 0.0106  26   ARG A NE  
197 C  CZ  . ARG A 26 ? 0.2363 0.1493  0.4895  0.0087  -0.1105 -0.0651 26   ARG A CZ  
198 N  NH1 . ARG A 26 ? 0.3251 0.2832  0.8611  0.1068  -0.3317 -0.2425 26   ARG A NH1 
199 N  NH2 . ARG A 26 ? 0.2269 0.1663  0.6721  0.0134  -0.0674 -0.1215 26   ARG A NH2 
200 N  N   . GLU A 27 ? 0.0654 0.0800  0.0888  0.0128  0.0060  0.0023  27   GLU A N   
201 C  CA  . GLU A 27 ? 0.0616 0.0792  0.0792  0.0100  0.0179  0.0158  27   GLU A CA  
202 C  C   . GLU A 27 ? 0.0747 0.0789  0.0761  0.0161  0.0108  0.0142  27   GLU A C   
203 O  O   . GLU A 27 ? 0.0743 0.0918  0.0956  0.0226  0.0273  0.0157  27   GLU A O   
204 C  CB  . GLU A 27 ? 0.0729 0.0730  0.0721  0.0017  0.0117  0.0147  27   GLU A CB  
205 C  CG  . GLU A 27 ? 0.0792 0.0649  0.0918  -0.0003 0.0185  0.0151  27   GLU A CG  
206 C  CD  . GLU A 27 ? 0.0923 0.0677  0.0852  0.0074  0.0219  0.0189  27   GLU A CD  
207 O  OE1 . GLU A 27 ? 0.1122 0.0797  0.1167  0.0036  -0.0127 0.0211  27   GLU A OE1 
208 O  OE2 . GLU A 27 ? 0.1538 0.0762  0.1297  0.0091  0.0034  0.0308  27   GLU A OE2 
209 N  N   . ASN A 28 ? 0.0830 0.0733  0.0728  0.0197  0.0151  0.0192  28   ASN A N   
210 C  CA  . ASN A 28 ? 0.0701 0.0776  0.0702  0.0136  0.0113  0.0236  28   ASN A CA  
211 C  C   . ASN A 28 ? 0.0734 0.0737  0.0849  0.0138  0.0026  0.0274  28   ASN A C   
212 O  O   . ASN A 28 ? 0.0745 0.1137  0.0792  0.0333  0.0101  0.0246  28   ASN A O   
213 C  CB  . ASN A 28 ? 0.0709 0.0872  0.0810  0.0114  -0.0005 0.0277  28   ASN A CB  
214 C  CG  . ASN A 28 ? 0.0816 0.0746  0.1063  0.0133  0.0062  0.0331  28   ASN A CG  
215 O  OD1 . ASN A 28 ? 0.0969 0.1039  0.1030  0.0074  -0.0045 0.0504  28   ASN A OD1 
216 N  ND2 . ASN A 28 ? 0.0873 0.0924  0.1112  -0.0017 -0.0085 0.0302  28   ASN A ND2 
217 N  N   . PRO A 29 ? 0.0836 0.0862  0.0812  0.0079  -0.0058 0.0255  29   PRO A N   
218 C  CA  . PRO A 29 ? 0.0759 0.1068  0.0956  0.0010  -0.0080 0.0246  29   PRO A CA  
219 C  C   . PRO A 29 ? 0.0723 0.1113  0.0918  0.0105  -0.0057 0.0484  29   PRO A C   
220 O  O   . PRO A 29 ? 0.0755 0.1493  0.1243  0.0200  0.0014  0.0802  29   PRO A O   
221 C  CB  . PRO A 29 ? 0.1593 0.1605  0.1069  0.0218  -0.0509 0.0059  29   PRO A CB  
222 C  CG  . PRO A 29 ? 0.2096 0.2632  0.1272  0.0984  -0.0641 -0.0644 29   PRO A CG  
223 C  CD  . PRO A 29 ? 0.1468 0.1022  0.0995  0.0407  -0.0149 0.0037  29   PRO A CD  
224 N  N   . ARG A 30 ? 0.0862 0.0889  0.0746  0.0180  0.0027  0.0224  30   ARG A N   
225 C  CA  . ARG A 30 ? 0.0973 0.0818  0.0688  0.0275  0.0118  0.0291  30   ARG A CA  
226 C  C   . ARG A 30 ? 0.0772 0.0755  0.0715  0.0167  -0.0049 0.0289  30   ARG A C   
227 O  O   . ARG A 30 ? 0.0856 0.0908  0.0821  -0.0030 0.0000  0.0377  30   ARG A O   
228 C  CB  . ARG A 30 ? 0.1349 0.0919  0.1189  0.0190  0.0458  0.0388  30   ARG A CB  
229 C  CG  . ARG A 30 ? 0.2043 0.1286  0.1300  0.0181  0.0885  0.0100  30   ARG A CG  
230 C  CD  . ARG A 30 ? 0.1850 0.2008  0.1674  0.0119  0.0829  0.0128  30   ARG A CD  
231 N  NE  . ARG A 30 ? 0.1802 0.3803  0.5081  0.0241  -0.0058 0.0860  30   ARG A NE  
232 C  CZ  . ARG A 30 ? 0.2491 0.6165  0.6140  0.1574  0.0865  0.1609  30   ARG A CZ  
233 N  NH1 . ARG A 30 ? 0.6056 0.5377  0.7213  -0.1031 0.2619  0.0970  30   ARG A NH1 
234 N  NH2 . ARG A 30 ? 0.3238 1.2263  0.9586  0.3347  -0.1290 0.1926  30   ARG A NH2 
235 N  N   . VAL A 31 ? 0.0756 0.0802  0.0681  0.0152  0.0052  0.0244  31   VAL A N   
236 C  CA  . VAL A 31 ? 0.0605 0.0804  0.0709  0.0012  0.0054  0.0200  31   VAL A CA  
237 C  C   . VAL A 31 ? 0.0678 0.0733  0.0659  0.0059  0.0052  0.0288  31   VAL A C   
238 O  O   . VAL A 31 ? 0.0751 0.0764  0.0879  0.0042  0.0027  0.0224  31   VAL A O   
239 C  CB  . VAL A 31 ? 0.0707 0.0843  0.0737  0.0043  0.0029  0.0266  31   VAL A CB  
240 C  CG1 . VAL A 31 ? 0.0608 0.1279  0.0868  0.0143  0.0008  0.0249  31   VAL A CG1 
241 C  CG2 . VAL A 31 ? 0.0845 0.0948  0.1019  0.0099  -0.0123 0.0383  31   VAL A CG2 
242 N  N   . ARG A 32 ? 0.0571 0.0834  0.0780  0.0025  0.0092  0.0246  32   ARG A N   
243 C  CA  . ARG A 32 ? 0.0578 0.0875  0.0761  0.0094  0.0060  0.0217  32   ARG A CA  
244 C  C   . ARG A 32 ? 0.0567 0.0664  0.0796  0.0042  0.0076  0.0167  32   ARG A C   
245 O  O   . ARG A 32 ? 0.0795 0.0824  0.0814  -0.0114 0.0019  0.0213  32   ARG A O   
246 C  CB  . ARG A 32 ? 0.0724 0.1005  0.0799  0.0205  0.0086  0.0330  32   ARG A CB  
247 C  CG  . ARG A 32 ? 0.0638 0.1032  0.0966  0.0233  0.0028  0.0360  32   ARG A CG  
248 C  CD  . ARG A 32 ? 0.0869 0.1248  0.1375  0.0482  0.0202  0.0463  32   ARG A CD  
249 N  NE  . ARG A 32 ? 0.0860 0.1229  0.1335  0.0205  0.0172  0.0383  32   ARG A NE  
250 C  CZ  . ARG A 32 ? 0.0881 0.1289  0.1308  0.0173  0.0094  0.0337  32   ARG A CZ  
251 N  NH1 . ARG A 32 ? 0.1073 0.1446  0.1736  0.0015  0.0170  0.0154  32   ARG A NH1 
252 N  NH2 . ARG A 32 ? 0.1117 0.1934  0.1580  0.0428  0.0332  0.0371  32   ARG A NH2 
253 N  N   . ALA A 33 ? 0.0533 0.0751  0.0746  0.0051  0.0082  0.0189  33   ALA A N   
254 C  CA  . ALA A 33 ? 0.0615 0.0846  0.0725  0.0057  0.0015  0.0192  33   ALA A CA  
255 C  C   . ALA A 33 ? 0.0635 0.1141  0.0807  0.0074  0.0075  0.0144  33   ALA A C   
256 O  O   . ALA A 33 ? 0.0582 0.2117  0.1112  -0.0034 0.0132  -0.0264 33   ALA A O   
257 C  CB  . ALA A 33 ? 0.1178 0.0913  0.0875  -0.0131 -0.0169 0.0267  33   ALA A CB  
258 N  N   . VAL A 34 ? 0.0767 0.0961  0.0781  0.0166  0.0095  0.0147  34   VAL A N   
259 C  CA  A VAL A 34 ? 0.1220 0.1602  0.0866  0.0829  -0.0038 -0.0010 34   VAL A CA  
260 C  CA  B VAL A 34 ? 0.1575 0.1491  0.0859  0.1062  -0.0088 0.0141  34   VAL A CA  
261 C  C   . VAL A 34 ? 0.0830 0.1390  0.0793  0.0524  -0.0083 -0.0023 34   VAL A C   
262 O  O   . VAL A 34 ? 0.0735 0.1994  0.0789  0.0301  0.0070  0.0217  34   VAL A O   
263 C  CB  A VAL A 34 ? 0.3128 0.1182  0.0867  0.1353  -0.0165 0.0167  34   VAL A CB  
264 C  CB  B VAL A 34 ? 0.3005 0.1403  0.1026  0.1201  -0.0405 0.0043  34   VAL A CB  
265 C  CG1 A VAL A 34 ? 0.3103 0.1528  0.5946  -0.0142 0.0494  -0.1592 34   VAL A CG1 
266 C  CG1 B VAL A 34 ? 0.6026 0.1048  0.1076  0.1626  -0.1134 0.0225  34   VAL A CG1 
267 C  CG2 A VAL A 34 ? 0.4340 0.1874  0.1346  0.2039  0.0247  0.0023  34   VAL A CG2 
268 C  CG2 B VAL A 34 ? 0.3010 0.1156  0.1212  0.0855  -0.0050 0.0048  34   VAL A CG2 
269 N  N   . ILE A 35 ? 0.0802 0.1273  0.1075  0.0183  -0.0060 -0.0012 35   ILE A N   
270 C  CA  A ILE A 35 ? 0.0693 0.1002  0.1086  0.0109  0.0070  0.0033  35   ILE A CA  
271 C  CA  B ILE A 35 ? 0.0791 0.1047  0.1052  0.0083  0.0096  -0.0028 35   ILE A CA  
272 C  C   . ILE A 35 ? 0.0790 0.0978  0.1015  0.0219  0.0130  0.0058  35   ILE A C   
273 O  O   . ILE A 35 ? 0.0966 0.1338  0.1494  0.0453  -0.0135 -0.0105 35   ILE A O   
274 C  CB  A ILE A 35 ? 0.0927 0.1427  0.1270  -0.0229 0.0220  -0.0235 35   ILE A CB  
275 C  CB  B ILE A 35 ? 0.1122 0.1074  0.1455  -0.0027 0.0344  -0.0070 35   ILE A CB  
276 C  CG1 A ILE A 35 ? 0.0880 0.1334  0.1716  -0.0034 0.0164  -0.0361 35   ILE A CG1 
277 C  CG1 B ILE A 35 ? 0.0727 0.1129  0.1684  0.0006  -0.0307 -0.0343 35   ILE A CG1 
278 C  CG2 A ILE A 35 ? 0.1416 0.1309  0.1382  -0.0381 0.0200  0.0116  35   ILE A CG2 
279 C  CG2 B ILE A 35 ? 0.0824 0.1919  0.1501  -0.0363 0.0518  -0.0289 35   ILE A CG2 
280 C  CD1 A ILE A 35 ? 0.1077 0.1381  0.3403  0.0085  0.0180  -0.0069 35   ILE A CD1 
281 C  CD1 B ILE A 35 ? 0.2764 0.1452  0.1850  0.0411  0.0265  -0.0451 35   ILE A CD1 
282 N  N   . ILE A 36 ? 0.0784 0.0934  0.0888  0.0214  0.0139  0.0055  36   ILE A N   
283 C  CA  . ILE A 36 ? 0.1061 0.0760  0.0935  0.0170  0.0050  0.0138  36   ILE A CA  
284 C  C   . ILE A 36 ? 0.0905 0.0744  0.0880  0.0127  0.0124  0.0076  36   ILE A C   
285 O  O   . ILE A 36 ? 0.0978 0.0832  0.0899  0.0135  0.0184  0.0193  36   ILE A O   
286 C  CB  A ILE A 36 ? 0.1244 0.0785  0.1216  0.0221  0.0096  0.0346  36   ILE A CB  
287 C  CB  B ILE A 36 ? 0.1510 0.0750  0.1211  0.0079  0.0115  0.0275  36   ILE A CB  
288 C  CG1 A ILE A 36 ? 0.1345 0.0734  0.1370  0.0195  0.0029  0.0371  36   ILE A CG1 
289 C  CG1 B ILE A 36 ? 0.1489 0.1123  0.1203  0.0005  -0.0036 0.0349  36   ILE A CG1 
290 C  CG2 A ILE A 36 ? 0.1098 0.0797  0.1642  0.0079  0.0249  0.0508  36   ILE A CG2 
291 C  CG2 B ILE A 36 ? 0.1329 0.0888  0.1524  -0.0073 0.0178  0.0011  36   ILE A CG2 
292 C  CD1 A ILE A 36 ? 0.1597 0.0888  0.1568  -0.0081 0.0345  0.0190  36   ILE A CD1 
293 C  CD1 B ILE A 36 ? 0.2612 0.1685  0.1238  -0.0873 -0.0559 0.0892  36   ILE A CD1 
294 N  N   . LYS A 37 ? 0.1111 0.0965  0.0986  0.0184  0.0088  -0.0001 37   LYS A N   
295 C  CA  . LYS A 37 ? 0.1148 0.1121  0.0940  0.0132  0.0204  -0.0126 37   LYS A CA  
296 C  C   . LYS A 37 ? 0.1083 0.0830  0.0883  0.0161  0.0113  0.0065  37   LYS A C   
297 O  O   . LYS A 37 ? 0.1324 0.0760  0.0939  0.0158  0.0007  0.0087  37   LYS A O   
298 C  CB  A LYS A 37 ? 0.1286 0.2113  0.1300  -0.0225 0.0596  -0.0375 37   LYS A CB  
299 C  CB  B LYS A 37 ? 0.1095 0.2207  0.1096  0.0441  0.0264  0.0077  37   LYS A CB  
300 C  CG  A LYS A 37 ? 0.1756 0.3100  0.1127  -0.0150 0.0527  -0.0703 37   LYS A CG  
301 C  CG  B LYS A 37 ? 0.1284 0.1766  0.2841  0.0255  0.0980  -0.0221 37   LYS A CG  
302 C  CD  A LYS A 37 ? 0.2860 0.4045  0.1746  0.1148  0.1419  0.0530  37   LYS A CD  
303 C  CD  B LYS A 37 ? 0.2599 0.1802  0.4254  0.0625  0.1694  0.0185  37   LYS A CD  
304 C  CE  A LYS A 37 ? 0.3268 0.3169  0.1879  0.0974  0.1585  0.1180  37   LYS A CE  
305 C  CE  B LYS A 37 ? 0.2767 0.1804  0.3722  0.0126  0.2398  0.0416  37   LYS A CE  
306 N  NZ  A LYS A 37 ? 0.2238 0.4734  0.2542  -0.0554 0.1170  -0.1141 37   LYS A NZ  
307 N  NZ  B LYS A 37 ? 0.1579 0.1694  0.1212  0.1120  0.0633  0.0501  37   LYS A NZ  
308 N  N   . VAL A 38 ? 0.1238 0.0795  0.0977  0.0231  -0.0022 0.0077  38   VAL A N   
309 C  CA  . VAL A 38 ? 0.1175 0.0761  0.1227  0.0155  -0.0147 0.0181  38   VAL A CA  
310 C  C   . VAL A 38 ? 0.1275 0.0867  0.1086  0.0188  -0.0208 0.0158  38   VAL A C   
311 O  O   . VAL A 38 ? 0.1940 0.0955  0.1020  0.0121  -0.0020 -0.0010 38   VAL A O   
312 C  CB  A VAL A 38 ? 0.1572 0.0856  0.1172  0.0254  -0.0246 0.0256  38   VAL A CB  
313 C  CB  B VAL A 38 ? 0.1418 0.1308  0.1025  0.0686  -0.0033 0.0126  38   VAL A CB  
314 C  CG1 A VAL A 38 ? 0.1414 0.1054  0.1532  0.0374  -0.0332 0.0040  38   VAL A CG1 
315 C  CG1 B VAL A 38 ? 0.1083 0.0798  0.1886  0.0148  -0.0791 -0.0522 38   VAL A CG1 
316 C  CG2 A VAL A 38 ? 0.1689 0.0863  0.1436  0.0363  -0.0246 0.0205  38   VAL A CG2 
317 C  CG2 B VAL A 38 ? 0.1891 0.1267  0.2533  0.0814  0.0534  0.1225  38   VAL A CG2 
318 N  N   . GLY A 39 ? 0.1708 0.0827  0.1322  0.0047  -0.0425 0.0117  39   GLY A N   
319 C  CA  . GLY A 39 ? 0.2289 0.0870  0.1520  0.0096  -0.0579 0.0038  39   GLY A CA  
320 C  C   . GLY A 39 ? 0.2385 0.0669  0.1083  0.0079  -0.0222 0.0165  39   GLY A C   
321 O  O   . GLY A 39 ? 0.3458 0.0734  0.1465  0.0163  -0.0498 -0.0056 39   GLY A O   
322 N  N   . SER A 40 ? 0.1514 0.0804  0.1027  0.0128  0.0059  0.0164  40   SER A N   
323 C  CA  A SER A 40 ? 0.1397 0.0612  0.1256  0.0006  0.0138  0.0259  40   SER A CA  
324 C  CA  B SER A 40 ? 0.1553 0.0829  0.0954  0.0274  0.0318  0.0308  40   SER A CA  
325 C  C   . SER A 40 ? 0.1927 0.0993  0.1054  -0.0414 -0.0107 0.0398  40   SER A C   
326 O  O   . SER A 40 ? 0.2535 0.1021  0.1191  -0.0174 -0.0387 0.0427  40   SER A O   
327 C  CB  A SER A 40 ? 0.0967 0.1031  0.2127  0.0073  0.0359  -0.0226 40   SER A CB  
328 C  CB  B SER A 40 ? 0.0721 0.0799  0.2108  0.0185  0.0061  0.0506  40   SER A CB  
329 O  OG  A SER A 40 ? 0.1595 0.1012  0.1351  0.0105  0.0004  0.0066  40   SER A OG  
330 O  OG  B SER A 40 ? 0.1780 0.1100  0.2321  -0.0063 0.0208  0.0876  40   SER A OG  
331 N  N   . GLY A 41 ? 0.1834 0.1636  0.0920  -0.0733 0.0027  0.0256  41   GLY A N   
332 C  CA  . GLY A 41 ? 0.1763 0.1264  0.0900  -0.0052 0.0302  0.0254  41   GLY A CA  
333 C  C   . GLY A 41 ? 0.1632 0.1704  0.0989  -0.0179 0.0382  0.0021  41   GLY A C   
334 O  O   . GLY A 41 ? 0.2108 0.3222  0.1083  -0.1058 0.0600  -0.0449 41   GLY A O   
335 N  N   . ALA A 42 ? 0.2333 0.1381  0.0968  -0.0670 0.0654  -0.0139 42   ALA A N   
336 C  CA  . ALA A 42 ? 0.1952 0.1300  0.1020  -0.0505 0.0614  -0.0249 42   ALA A CA  
337 C  C   . ALA A 42 ? 0.1637 0.0882  0.1021  -0.0096 0.0465  -0.0001 42   ALA A C   
338 O  O   . ALA A 42 ? 0.1704 0.0849  0.0988  -0.0172 0.0401  0.0108  42   ALA A O   
339 C  CB  . ALA A 42 ? 0.2809 0.1077  0.1250  -0.0680 0.0656  -0.0107 42   ALA A CB  
340 N  N   . THR A 43 ? 0.1502 0.1198  0.0965  -0.0035 0.0414  -0.0087 43   THR A N   
341 C  CA  . THR A 43 ? 0.1555 0.1093  0.0954  0.0014  0.0344  0.0122  43   THR A CA  
342 C  C   . THR A 43 ? 0.1497 0.1023  0.0846  -0.0113 0.0262  -0.0063 43   THR A C   
343 O  O   . THR A 43 ? 0.1686 0.1087  0.1404  0.0032  0.0308  -0.0264 43   THR A O   
344 C  CB  A THR A 43 ? 0.1630 0.1119  0.1121  -0.0160 0.0094  0.0090  43   THR A CB  
345 C  CB  B THR A 43 ? 0.1541 0.1584  0.1036  0.0194  0.0338  0.0181  43   THR A CB  
346 O  OG1 A THR A 43 ? 0.1780 0.1229  0.1187  -0.0053 0.0196  -0.0076 43   THR A OG1 
347 O  OG1 B THR A 43 ? 0.1537 0.2640  0.1384  0.0383  0.0238  0.0177  43   THR A OG1 
348 C  CG2 A THR A 43 ? 0.2487 0.1276  0.1777  0.0714  0.0099  0.0254  43   THR A CG2 
349 C  CG2 B THR A 43 ? 0.2916 0.2181  0.1233  -0.0290 0.0129  0.0762  43   THR A CG2 
350 N  N   . LYS A 44 ? 0.1540 0.1071  0.1368  -0.0155 -0.0080 0.0231  44   LYS A N   
351 C  CA  . LYS A 44 ? 0.1539 0.1166  0.1419  -0.0047 -0.0086 0.0266  44   LYS A CA  
352 C  C   . LYS A 44 ? 0.1501 0.1588  0.1428  -0.0415 -0.0082 0.0185  44   LYS A C   
353 O  O   . LYS A 44 ? 0.2436 0.7071  0.2141  -0.2763 0.0000  0.0307  44   LYS A O   
354 C  CB  . LYS A 44 ? 0.1580 0.1409  0.1598  0.0293  -0.0283 -0.0114 44   LYS A CB  
355 C  CG  . LYS A 44 ? 0.1551 0.1629  0.1602  0.0600  -0.0017 -0.0175 44   LYS A CG  
356 C  CD  . LYS A 44 ? 0.2453 0.1963  0.1418  0.1033  0.0095  0.0005  44   LYS A CD  
357 C  CE  . LYS A 44 ? 0.2664 0.2646  0.1418  0.1008  0.0117  0.0126  44   LYS A CE  
358 N  NZ  . LYS A 44 ? 0.2772 0.2555  0.1974  0.0647  -0.0237 0.0551  44   LYS A NZ  
359 N  N   . ASP A 45 ? 0.1417 0.1183  0.1314  -0.0145 0.0321  -0.0289 45   ASP A N   
360 C  CA  . ASP A 45 ? 0.1114 0.0998  0.1421  -0.0073 0.0364  0.0009  45   ASP A CA  
361 C  C   . ASP A 45 ? 0.1180 0.0998  0.1118  -0.0014 0.0237  0.0016  45   ASP A C   
362 O  O   . ASP A 45 ? 0.1706 0.1106  0.1228  0.0184  0.0384  0.0083  45   ASP A O   
363 C  CB  . ASP A 45 ? 0.1426 0.0941  0.1522  0.0047  0.0336  0.0127  45   ASP A CB  
364 C  CG  . ASP A 45 ? 0.1470 0.1050  0.1084  0.0059  0.0139  0.0117  45   ASP A CG  
365 O  OD1 . ASP A 45 ? 0.1891 0.1743  0.2179  -0.0043 -0.0471 0.0695  45   ASP A OD1 
366 O  OD2 . ASP A 45 ? 0.1241 0.1061  0.1301  -0.0041 0.0287  0.0142  45   ASP A OD2 
367 N  N   . PHE A 46 ? 0.1125 0.0893  0.1184  -0.0012 0.0306  0.0093  46   PHE A N   
368 C  CA  . PHE A 46 ? 0.0966 0.0767  0.1025  0.0066  0.0110  0.0190  46   PHE A CA  
369 C  C   . PHE A 46 ? 0.0859 0.0819  0.1022  0.0006  0.0190  0.0297  46   PHE A C   
370 O  O   . PHE A 46 ? 0.1414 0.0864  0.1060  -0.0078 0.0042  0.0438  46   PHE A O   
371 C  CB  . PHE A 46 ? 0.0932 0.1205  0.1298  0.0116  0.0085  -0.0169 46   PHE A CB  
372 C  CG  . PHE A 46 ? 0.0862 0.1312  0.1175  0.0156  0.0002  -0.0075 46   PHE A CG  
373 C  CD1 . PHE A 46 ? 0.1406 0.1590  0.1310  0.0390  -0.0043 -0.0315 46   PHE A CD1 
374 C  CD2 . PHE A 46 ? 0.0843 0.1257  0.1458  0.0149  -0.0023 -0.0034 46   PHE A CD2 
375 C  CE1 . PHE A 46 ? 0.1575 0.1940  0.1689  0.0624  0.0029  -0.0606 46   PHE A CE1 
376 C  CE2 . PHE A 46 ? 0.1041 0.1248  0.2151  0.0168  -0.0322 -0.0235 46   PHE A CE2 
377 C  CZ  . PHE A 46 ? 0.1584 0.1576  0.2359  0.0700  -0.0368 -0.0675 46   PHE A CZ  
378 N  N   . ARG A 47 ? 0.0939 0.0792  0.0845  -0.0014 0.0077  0.0308  47   ARG A N   
379 C  CA  . ARG A 47 ? 0.0984 0.0865  0.1006  -0.0005 -0.0108 0.0309  47   ARG A CA  
380 C  C   . ARG A 47 ? 0.0935 0.0807  0.0886  0.0007  -0.0059 0.0303  47   ARG A C   
381 O  O   . ARG A 47 ? 0.1430 0.0903  0.0831  0.0198  0.0125  0.0279  47   ARG A O   
382 C  CB  . ARG A 47 ? 0.0951 0.1013  0.1921  0.0081  0.0015  0.0167  47   ARG A CB  
383 C  CG  . ARG A 47 ? 0.1164 0.0930  0.2646  0.0173  -0.0397 0.0090  47   ARG A CG  
384 C  CD  . ARG A 47 ? 0.1514 0.1183  0.2370  0.0383  -0.0393 -0.0148 47   ARG A CD  
385 N  NE  . ARG A 47 ? 0.1090 0.1758  0.2385  0.0429  -0.0368 -0.0498 47   ARG A NE  
386 C  CZ  . ARG A 47 ? 0.1255 0.1572  0.1845  0.0395  -0.0541 -0.0213 47   ARG A CZ  
387 N  NH1 . ARG A 47 ? 0.1379 0.1714  0.1889  0.0259  -0.0527 -0.0381 47   ARG A NH1 
388 N  NH2 . ARG A 47 ? 0.1296 0.1888  0.2126  0.0254  -0.0398 -0.0514 47   ARG A NH2 
389 N  N   . CYS A 48 ? 0.0685 0.0952  0.0841  -0.0037 -0.0018 0.0367  48   CYS A N   
390 C  CA  . CYS A 48 ? 0.0858 0.1020  0.0814  0.0037  0.0079  0.0281  48   CYS A CA  
391 C  C   . CYS A 48 ? 0.0772 0.0913  0.0760  0.0038  -0.0026 0.0328  48   CYS A C   
392 O  O   . CYS A 48 ? 0.0868 0.0930  0.1160  0.0109  0.0068  0.0169  48   CYS A O   
393 C  CB  . CYS A 48 ? 0.0899 0.1603  0.0810  -0.0159 0.0165  0.0167  48   CYS A CB  
394 S  SG  . CYS A 48 ? 0.1018 0.1488  0.1177  -0.0104 0.0131  0.0324  48   CYS A SG  
395 N  N   . ASP A 49 ? 0.0698 0.0908  0.0766  -0.0031 0.0003  0.0253  49   ASP A N   
396 C  CA  . ASP A 49 ? 0.0783 0.0842  0.0784  -0.0074 -0.0043 0.0253  49   ASP A CA  
397 C  C   . ASP A 49 ? 0.0666 0.0683  0.0770  0.0007  -0.0024 0.0320  49   ASP A C   
398 O  O   . ASP A 49 ? 0.0790 0.0929  0.0860  -0.0164 -0.0001 0.0249  49   ASP A O   
399 C  CB  . ASP A 49 ? 0.0754 0.1100  0.0804  -0.0032 0.0028  0.0361  49   ASP A CB  
400 C  CG  . ASP A 49 ? 0.0804 0.0952  0.0971  -0.0043 -0.0095 0.0433  49   ASP A CG  
401 O  OD1 . ASP A 49 ? 0.0912 0.1289  0.1265  0.0100  0.0079  0.0322  49   ASP A OD1 
402 O  OD2 . ASP A 49 ? 0.0847 0.0972  0.2168  -0.0032 -0.0203 0.0313  49   ASP A OD2 
403 N  N   . ARG A 50 ? 0.0638 0.0802  0.0716  0.0100  0.0023  0.0307  50   ARG A N   
404 C  CA  . ARG A 50 ? 0.0698 0.0740  0.0786  0.0111  0.0020  0.0295  50   ARG A CA  
405 C  C   . ARG A 50 ? 0.0559 0.0764  0.0690  0.0068  0.0082  0.0240  50   ARG A C   
406 O  O   . ARG A 50 ? 0.0534 0.0839  0.0901  0.0014  0.0044  0.0338  50   ARG A O   
407 C  CB  . ARG A 50 ? 0.1109 0.0697  0.0859  0.0130  -0.0014 0.0220  50   ARG A CB  
408 C  CG  . ARG A 50 ? 0.1347 0.0855  0.1000  0.0076  0.0134  0.0144  50   ARG A CG  
409 C  CD  . ARG A 50 ? 0.1436 0.0987  0.1440  0.0248  0.0117  -0.0140 50   ARG A CD  
410 N  NE  . ARG A 50 ? 0.1656 0.0796  0.1163  0.0010  0.0303  0.0038  50   ARG A NE  
411 C  CZ  . ARG A 50 ? 0.2202 0.0753  0.1173  0.0083  0.0499  0.0112  50   ARG A CZ  
412 N  NH1 . ARG A 50 ? 0.2396 0.0881  0.1422  -0.0234 0.0529  0.0016  50   ARG A NH1 
413 N  NH2 . ARG A 50 ? 0.2635 0.0966  0.1347  0.0397  0.0406  0.0145  50   ARG A NH2 
414 N  N   . VAL A 51 ? 0.0540 0.0649  0.0739  0.0015  0.0018  0.0304  51   VAL A N   
415 C  CA  . VAL A 51 ? 0.0569 0.0820  0.0691  0.0041  -0.0033 0.0265  51   VAL A CA  
416 C  C   . VAL A 51 ? 0.0518 0.0812  0.0756  0.0068  0.0062  0.0290  51   VAL A C   
417 O  O   . VAL A 51 ? 0.0572 0.1065  0.0923  -0.0102 0.0048  0.0263  51   VAL A O   
418 C  CB  . VAL A 51 ? 0.0554 0.0717  0.0819  0.0040  0.0092  0.0296  51   VAL A CB  
419 C  CG1 . VAL A 51 ? 0.0621 0.0863  0.1007  0.0056  0.0033  0.0421  51   VAL A CG1 
420 C  CG2 . VAL A 51 ? 0.0634 0.0770  0.0837  0.0028  0.0095  0.0208  51   VAL A CG2 
421 N  N   . ARG A 52 ? 0.0697 0.0919  0.0782  -0.0094 0.0051  0.0258  52   ARG A N   
422 C  CA  . ARG A 52 ? 0.0754 0.0966  0.0808  -0.0014 0.0081  0.0212  52   ARG A CA  
423 C  C   . ARG A 52 ? 0.0629 0.0974  0.0751  0.0028  0.0036  0.0180  52   ARG A C   
424 O  O   . ARG A 52 ? 0.0649 0.1010  0.1284  0.0073  0.0071  0.0310  52   ARG A O   
425 C  CB  . ARG A 52 ? 0.1292 0.0954  0.0939  0.0019  0.0054  0.0099  52   ARG A CB  
426 C  CG  . ARG A 52 ? 0.2012 0.1091  0.1746  0.0200  -0.0201 0.0156  52   ARG A CG  
427 C  CD  . ARG A 52 ? 0.3946 0.1042  0.2272  0.0325  0.0029  -0.0282 52   ARG A CD  
428 N  NE  . ARG A 52 ? 0.3187 0.1157  0.1850  0.0127  0.0952  0.0241  52   ARG A NE  
429 C  CZ  . ARG A 52 ? 0.2245 0.1637  0.1454  0.0099  0.0688  -0.0015 52   ARG A CZ  
430 N  NH1 . ARG A 52 ? 0.2273 0.4880  0.2200  0.0297  0.0621  0.0863  52   ARG A NH1 
431 N  NH2 . ARG A 52 ? 0.3166 0.1265  0.1243  -0.0159 0.0469  -0.0002 52   ARG A NH2 
432 N  N   . VAL A 53 ? 0.0677 0.0741  0.0739  0.0076  0.0092  0.0167  53   VAL A N   
433 C  CA  . VAL A 53 ? 0.0709 0.0920  0.0617  0.0135  0.0112  0.0265  53   VAL A CA  
434 C  C   . VAL A 53 ? 0.0703 0.0715  0.0649  0.0114  0.0098  0.0273  53   VAL A C   
435 O  O   . VAL A 53 ? 0.0719 0.0915  0.0740  0.0165  0.0108  0.0146  53   VAL A O   
436 C  CB  . VAL A 53 ? 0.0846 0.0742  0.0715  0.0095  0.0097  0.0166  53   VAL A CB  
437 C  CG1 . VAL A 53 ? 0.1054 0.0805  0.0795  0.0127  0.0114  0.0208  53   VAL A CG1 
438 C  CG2 . VAL A 53 ? 0.0929 0.1089  0.0752  -0.0008 0.0069  0.0213  53   VAL A CG2 
439 N  N   . TRP A 54 ? 0.0840 0.0671  0.0704  0.0051  0.0015  0.0206  54   TRP A N   
440 C  CA  . TRP A 54 ? 0.0797 0.0724  0.0694  0.0028  0.0055  0.0197  54   TRP A CA  
441 C  C   . TRP A 54 ? 0.0810 0.0691  0.0697  0.0066  0.0033  0.0236  54   TRP A C   
442 O  O   . TRP A 54 ? 0.0969 0.0795  0.0982  0.0181  0.0128  0.0428  54   TRP A O   
443 C  CB  . TRP A 54 ? 0.0833 0.0811  0.0945  -0.0010 -0.0009 0.0170  54   TRP A CB  
444 C  CG  . TRP A 54 ? 0.0842 0.0802  0.0952  -0.0050 0.0035  0.0098  54   TRP A CG  
445 C  CD1 . TRP A 54 ? 0.1074 0.0783  0.1106  -0.0137 0.0210  -0.0020 54   TRP A CD1 
446 C  CD2 . TRP A 54 ? 0.0997 0.0742  0.0995  -0.0033 0.0034  0.0082  54   TRP A CD2 
447 N  NE1 . TRP A 54 ? 0.1095 0.0885  0.1379  -0.0106 0.0360  0.0084  54   TRP A NE1 
448 C  CE2 . TRP A 54 ? 0.1037 0.0766  0.1130  -0.0171 0.0151  0.0032  54   TRP A CE2 
449 C  CE3 . TRP A 54 ? 0.1237 0.0834  0.1170  -0.0042 0.0207  0.0030  54   TRP A CE3 
450 C  CZ2 . TRP A 54 ? 0.1225 0.0753  0.1424  -0.0049 0.0126  0.0110  54   TRP A CZ2 
451 C  CZ3 . TRP A 54 ? 0.1245 0.0893  0.1578  -0.0038 0.0281  -0.0077 54   TRP A CZ3 
452 C  CH2 . TRP A 54 ? 0.1455 0.0782  0.1594  -0.0036 0.0230  0.0020  54   TRP A CH2 
453 N  N   . VAL A 55 ? 0.0887 0.0695  0.0778  0.0069  0.0145  0.0255  55   VAL A N   
454 C  CA  . VAL A 55 ? 0.0968 0.0657  0.0775  -0.0020 0.0203  0.0216  55   VAL A CA  
455 C  C   . VAL A 55 ? 0.1070 0.0766  0.0758  0.0043  0.0134  0.0189  55   VAL A C   
456 O  O   . VAL A 55 ? 0.1400 0.0674  0.0868  0.0087  0.0178  0.0099  55   VAL A O   
457 C  CB  . VAL A 55 ? 0.1056 0.0720  0.0827  -0.0049 0.0116  0.0155  55   VAL A CB  
458 C  CG1 . VAL A 55 ? 0.1170 0.0904  0.0835  -0.0026 0.0285  0.0067  55   VAL A CG1 
459 C  CG2 . VAL A 55 ? 0.1010 0.0924  0.1115  0.0163  0.0282  0.0116  55   VAL A CG2 
460 N  N   . THR A 56 ? 0.1244 0.0795  0.0811  0.0018  0.0224  0.0233  56   THR A N   
461 C  CA  . THR A 56 ? 0.1509 0.0930  0.0772  0.0120  0.0236  0.0211  56   THR A CA  
462 C  C   . THR A 56 ? 0.1535 0.0749  0.0817  0.0241  0.0269  0.0187  56   THR A C   
463 O  O   . THR A 56 ? 0.1450 0.0922  0.0950  0.0297  0.0292  0.0255  56   THR A O   
464 C  CB  . THR A 56 ? 0.1349 0.1061  0.0857  0.0110  0.0149  0.0342  56   THR A CB  
465 O  OG1 . THR A 56 ? 0.1165 0.0984  0.0894  0.0077  0.0191  0.0326  56   THR A OG1 
466 C  CG2 . THR A 56 ? 0.1120 0.1602  0.1081  0.0080  0.0071  0.0409  56   THR A CG2 
467 N  N   . GLU A 57 ? 0.1831 0.1151  0.1006  0.0386  0.0470  0.0178  57   GLU A N   
468 C  CA  . GLU A 57 ? 0.2031 0.1312  0.1187  0.0494  0.0613  0.0067  57   GLU A CA  
469 C  C   . GLU A 57 ? 0.1465 0.1417  0.1235  0.0567  0.0445  0.0327  57   GLU A C   
470 O  O   . GLU A 57 ? 0.1489 0.1864  0.3077  0.0862  0.0286  -0.0085 57   GLU A O   
471 C  CB  A GLU A 57 ? 0.2971 0.2008  0.1144  0.0171  0.1069  -0.0085 57   GLU A CB  
472 C  CB  B GLU A 57 ? 0.2796 0.2226  0.1407  0.0591  0.0899  -0.0363 57   GLU A CB  
473 C  CG  A GLU A 57 ? 0.4604 0.3075  0.0922  0.1119  0.1102  0.0039  57   GLU A CG  
474 C  CG  B GLU A 57 ? 0.3079 0.3201  0.1791  0.1260  0.0638  -0.0790 57   GLU A CG  
475 C  CD  A GLU A 57 ? 0.4843 0.4943  0.2062  0.1792  0.0143  0.0336  57   GLU A CD  
476 C  CD  B GLU A 57 ? 0.3937 0.3451  0.3227  0.1471  0.0003  -0.0253 57   GLU A CD  
477 O  OE1 A GLU A 57 ? 0.3561 0.4946  0.1415  0.1002  -0.0599 -0.0980 57   GLU A OE1 
478 O  OE1 B GLU A 57 ? 0.6848 0.4273  0.1627  0.0351  0.1165  -0.0106 57   GLU A OE1 
479 O  OE2 A GLU A 57 ? 0.6549 0.6721  0.6263  0.2360  -0.0815 0.2461  57   GLU A OE2 
480 O  OE2 B GLU A 57 ? 0.3420 0.4855  0.5435  0.2740  -0.0831 -0.0387 57   GLU A OE2 
481 N  N   . ARG A 58 ? 0.1281 0.1229  0.1076  0.0391  0.0372  0.0455  58   ARG A N   
482 C  CA  . ARG A 58 ? 0.1163 0.1354  0.1210  0.0256  0.0278  0.0478  58   ARG A CA  
483 C  C   . ARG A 58 ? 0.1078 0.1242  0.1207  0.0096  0.0292  0.0420  58   ARG A C   
484 O  O   . ARG A 58 ? 0.1335 0.1353  0.1441  -0.0068 0.0226  0.0406  58   ARG A O   
485 C  CB  . ARG A 58 ? 0.1380 0.1376  0.1298  0.0191  0.0171  0.0648  58   ARG A CB  
486 C  CG  . ARG A 58 ? 0.2383 0.2000  0.1396  0.1002  0.0535  0.0840  58   ARG A CG  
487 C  CD  . ARG A 58 ? 0.2520 0.1841  0.1238  0.0660  0.0544  0.0844  58   ARG A CD  
488 N  NE  . ARG A 58 ? 0.2427 0.1745  0.1430  0.0526  0.0311  0.0669  58   ARG A NE  
489 C  CZ  . ARG A 58 ? 0.2300 0.1270  0.1541  -0.0018 -0.0129 0.0438  58   ARG A CZ  
490 N  NH1 . ARG A 58 ? 0.1733 0.1710  0.1484  0.0372  0.0151  0.0642  58   ARG A NH1 
491 N  NH2 . ARG A 58 ? 0.3860 0.1619  0.1546  -0.0106 -0.0211 0.0369  58   ARG A NH2 
492 N  N   . GLY A 59 ? 0.0989 0.1166  0.0995  0.0170  0.0313  0.0215  59   GLY A N   
493 C  CA  . GLY A 59 ? 0.0732 0.1508  0.0999  0.0149  0.0312  0.0169  59   GLY A CA  
494 C  C   . GLY A 59 ? 0.0848 0.1081  0.0908  0.0094  0.0229  0.0233  59   GLY A C   
495 O  O   . GLY A 59 ? 0.1050 0.1759  0.1034  0.0289  0.0125  -0.0111 59   GLY A O   
496 N  N   . ILE A 60 ? 0.0839 0.0780  0.0896  0.0078  0.0216  0.0210  60   ILE A N   
497 C  CA  . ILE A 60 ? 0.0806 0.0816  0.0848  0.0059  0.0197  0.0350  60   ILE A CA  
498 C  C   . ILE A 60 ? 0.0823 0.0640  0.0789  0.0119  0.0197  0.0281  60   ILE A C   
499 O  O   . ILE A 60 ? 0.0976 0.0729  0.0895  0.0058  0.0209  0.0234  60   ILE A O   
500 C  CB  . ILE A 60 ? 0.0884 0.0947  0.0907  0.0132  0.0253  0.0455  60   ILE A CB  
501 C  CG1 . ILE A 60 ? 0.1051 0.1213  0.1173  0.0018  0.0407  0.0601  60   ILE A CG1 
502 C  CG2 . ILE A 60 ? 0.0988 0.1089  0.1148  0.0206  0.0280  0.0476  60   ILE A CG2 
503 C  CD1 . ILE A 60 ? 0.2063 0.1664  0.1848  -0.0898 0.0139  0.0398  60   ILE A CD1 
504 N  N   . VAL A 61 ? 0.0725 0.0815  0.0814  0.0056  0.0187  0.0294  61   VAL A N   
505 C  CA  . VAL A 61 ? 0.0695 0.0647  0.0764  0.0045  0.0140  0.0214  61   VAL A CA  
506 C  C   . VAL A 61 ? 0.0820 0.0700  0.0757  0.0050  0.0102  0.0203  61   VAL A C   
507 O  O   . VAL A 61 ? 0.0905 0.0669  0.0796  0.0145  0.0033  0.0197  61   VAL A O   
508 C  CB  . VAL A 61 ? 0.0801 0.0783  0.0662  -0.0021 0.0115  0.0222  61   VAL A CB  
509 C  CG1 . VAL A 61 ? 0.0748 0.0931  0.0868  0.0001  0.0159  0.0221  61   VAL A CG1 
510 C  CG2 . VAL A 61 ? 0.0818 0.1062  0.0831  -0.0147 0.0018  0.0332  61   VAL A CG2 
511 N  N   . ALA A 62 ? 0.0822 0.0715  0.0691  0.0060  0.0090  0.0218  62   ALA A N   
512 C  CA  . ALA A 62 ? 0.1006 0.0904  0.0724  -0.0081 -0.0017 0.0145  62   ALA A CA  
513 C  C   . ALA A 62 ? 0.0786 0.0844  0.0905  0.0064  -0.0060 0.0266  62   ALA A C   
514 O  O   . ALA A 62 ? 0.0908 0.1246  0.0901  0.0045  -0.0198 0.0191  62   ALA A O   
515 C  CB  . ALA A 62 ? 0.1219 0.2446  0.1374  -0.0443 0.0381  -0.0824 62   ALA A CB  
516 N  N   . ARG A 63 ? 0.0784 0.0935  0.0824  0.0035  0.0039  0.0241  63   ARG A N   
517 C  CA  . ARG A 63 ? 0.0711 0.0977  0.0888  -0.0056 -0.0084 0.0198  63   ARG A CA  
518 C  C   . ARG A 63 ? 0.0658 0.0958  0.0829  0.0108  0.0020  0.0296  63   ARG A C   
519 O  O   . ARG A 63 ? 0.0829 0.0894  0.0867  0.0024  -0.0015 0.0160  63   ARG A O   
520 C  CB  . ARG A 63 ? 0.1021 0.0965  0.1101  0.0031  -0.0049 0.0199  63   ARG A CB  
521 C  CG  . ARG A 63 ? 0.1148 0.0927  0.1121  -0.0034 -0.0213 0.0173  63   ARG A CG  
522 C  CD  . ARG A 63 ? 0.1471 0.1434  0.1368  -0.0175 -0.0349 -0.0090 63   ARG A CD  
523 N  NE  . ARG A 63 ? 0.1530 0.1409  0.1556  -0.0077 -0.0261 -0.0253 63   ARG A NE  
524 C  CZ  . ARG A 63 ? 0.1597 0.1354  0.1362  0.0153  -0.0334 -0.0158 63   ARG A CZ  
525 N  NH1 . ARG A 63 ? 0.2206 0.1755  0.1839  0.0539  -0.0476 -0.0559 63   ARG A NH1 
526 N  NH2 . ARG A 63 ? 0.1444 0.1553  0.1370  0.0195  -0.0288 0.0023  63   ARG A NH2 
527 N  N   . PRO A 64 ? 0.0743 0.1227  0.0771  0.0052  -0.0056 0.0238  64   PRO A N   
528 C  CA  . PRO A 64 ? 0.0820 0.1081  0.0804  0.0179  0.0028  0.0316  64   PRO A CA  
529 C  C   . PRO A 64 ? 0.0806 0.0880  0.0834  0.0058  0.0004  0.0360  64   PRO A C   
530 O  O   . PRO A 64 ? 0.1045 0.0962  0.1023  -0.0096 -0.0113 0.0387  64   PRO A O   
531 C  CB  . PRO A 64 ? 0.0856 0.1296  0.1130  0.0253  0.0086  0.0338  64   PRO A CB  
532 C  CG  . PRO A 64 ? 0.0675 0.2405  0.1778  -0.0015 0.0027  -0.0369 64   PRO A CG  
533 C  CD  . PRO A 64 ? 0.0738 0.1476  0.1067  -0.0123 -0.0079 0.0369  64   PRO A CD  
534 N  N   . PRO A 65 ? 0.0873 0.0677  0.0717  0.0085  0.0001  0.0229  65   PRO A N   
535 C  CA  . PRO A 65 ? 0.0861 0.0770  0.0709  0.0047  0.0101  0.0333  65   PRO A CA  
536 C  C   . PRO A 65 ? 0.0747 0.0794  0.0693  0.0068  0.0012  0.0254  65   PRO A C   
537 O  O   . PRO A 65 ? 0.0917 0.0780  0.0846  0.0083  0.0139  0.0282  65   PRO A O   
538 C  CB  . PRO A 65 ? 0.0668 0.0920  0.0851  0.0041  0.0041  0.0371  65   PRO A CB  
539 C  CG  . PRO A 65 ? 0.0813 0.0983  0.0780  0.0035  0.0201  0.0274  65   PRO A CG  
540 C  CD  . PRO A 65 ? 0.1013 0.0670  0.0719  0.0005  0.0019  0.0275  65   PRO A CD  
541 N  N   . THR A 66 ? 0.0772 0.0808  0.0691  0.0019  -0.0051 0.0361  66   THR A N   
542 C  CA  A THR A 66 ? 0.0607 0.0919  0.0681  0.0013  -0.0110 0.0303  66   THR A CA  
543 C  CA  B THR A 66 ? 0.0542 0.1126  0.1097  0.0027  0.0040  0.0618  66   THR A CA  
544 C  C   . THR A 66 ? 0.0520 0.0949  0.1045  0.0099  0.0130  0.0545  66   THR A C   
545 O  O   . THR A 66 ? 0.0876 0.1141  0.1047  0.0342  0.0305  0.0609  66   THR A O   
546 C  CB  A THR A 66 ? 0.0616 0.0787  0.2029  -0.0010 -0.0312 0.0399  66   THR A CB  
547 C  CB  B THR A 66 ? 0.0807 0.1462  0.1398  -0.0128 -0.0193 0.0675  66   THR A CB  
548 O  OG1 A THR A 66 ? 0.1514 0.1178  0.1995  -0.0124 -0.0620 -0.0130 66   THR A OG1 
549 O  OG1 B THR A 66 ? 0.0787 0.1721  0.2133  -0.0234 -0.0524 0.1079  66   THR A OG1 
550 C  CG2 A THR A 66 ? 0.1613 0.1677  0.1726  0.0464  -0.1227 -0.0207 66   THR A CG2 
551 C  CG2 B THR A 66 ? 0.0420 0.1410  0.2174  -0.0106 0.0007  0.0820  66   THR A CG2 
552 N  N   . ILE A 67 ? 0.0513 0.0996  0.0928  0.0059  0.0097  0.0499  67   ILE A N   
553 C  CA  . ILE A 67 ? 0.0534 0.0884  0.0934  0.0006  0.0036  0.0458  67   ILE A CA  
554 C  C   . ILE A 67 ? 0.0631 0.1047  0.0804  -0.0015 0.0010  0.0417  67   ILE A C   
555 O  O   . ILE A 67 ? 0.0624 0.1546  0.1155  -0.0227 -0.0108 0.0532  67   ILE A O   
556 C  CB  . ILE A 67 ? 0.0547 0.0896  0.0932  0.0084  0.0136  0.0458  67   ILE A CB  
557 C  CG1 . ILE A 67 ? 0.0713 0.1168  0.0865  -0.0037 0.0108  0.0378  67   ILE A CG1 
558 C  CG2 . ILE A 67 ? 0.0730 0.1122  0.1060  0.0117  0.0099  0.0649  67   ILE A CG2 
559 C  CD1 . ILE A 67 ? 0.1039 0.1320  0.0981  0.0226  0.0183  0.0368  67   ILE A CD1 
560 N  N   . GLY A 68 ? 0.0782 0.0855  0.0928  -0.0136 -0.0065 0.0340  68   GLY A N   
561 C  CA  . GLY A 68 ? 0.1263 0.0904  0.1017  -0.0348 -0.0054 0.0297  68   GLY A CA  
562 C  C   . GLY A 68 ? 0.1492 0.0852  0.0961  -0.0256 -0.0006 0.0278  68   GLY A C   
563 O  O   . GLY A 68 ? 0.1305 0.0830  0.1103  -0.0113 -0.0037 0.0314  68   GLY A O   
564 O  OXT . GLY A 68 ? 0.2326 0.0805  0.1106  -0.0341 0.0139  0.0265  68   GLY A OXT 
565 K  K   . K   B .  ? 0.1192 0.1560  0.1049  0.0680  0.0050  0.0363  1102 K   A K   
566 NA NA  . NA  C .  ? 0.1229 0.1543  0.1635  -0.0198 0.0014  0.0444  1103 NA  A NA  
567 NA NA  . NA  D .  ? 0.2892 0.0902  0.1233  0.0214  0.0155  0.0482  1104 NA  A NA  
568 O  O1  . TLA E .  ? 0.1413 0.2129  0.2157  -0.0143 -0.0038 0.0736  1101 TLA A O1  
569 O  O11 . TLA E .  ? 0.2514 0.2005  0.2456  0.0540  0.1138  0.1501  1101 TLA A O11 
570 C  C1  . TLA E .  ? 0.1326 0.1582  0.1501  0.0086  0.0443  0.0736  1101 TLA A C1  
571 C  C2  . TLA E .  ? 0.1096 0.1700  0.1641  0.0179  0.0333  0.0570  1101 TLA A C2  
572 O  O2  . TLA E .  ? 0.1641 0.2842  0.1499  0.0476  -0.0128 0.0172  1101 TLA A O2  
573 C  C3  . TLA E .  ? 0.1097 0.1760  0.1561  -0.0004 0.0203  0.0780  1101 TLA A C3  
574 O  O3  . TLA E .  ? 0.1869 0.1955  0.1707  -0.0228 0.0332  0.0165  1101 TLA A O3  
575 C  C4  . TLA E .  ? 0.1030 0.1501  0.2337  0.0227  0.0224  0.1083  1101 TLA A C4  
576 O  O4  . TLA E .  ? 0.1150 0.1446  0.3964  0.0283  0.0388  0.1032  1101 TLA A O4  
577 O  O41 . TLA E .  ? 0.1003 0.2122  0.1818  0.0271  0.0232  0.1017  1101 TLA A O41 
578 O  O   . HOH F .  ? 0.0886 0.0930  0.1226  0.0144  0.0228  0.0147  3001 HOH A O   
579 O  O   . HOH F .  ? 0.4326 0.3873  0.2004  0.1337  -0.0187 0.1426  3002 HOH A O   
580 O  O   . HOH F .  ? 0.1960 0.1423  0.2710  0.0140  0.0042  0.0052  3003 HOH A O   
581 O  O   . HOH F .  ? 0.0912 0.1848  0.1251  -0.0212 0.0161  0.0422  3004 HOH A O   
582 O  O   . HOH F .  ? 0.0845 0.1038  0.0870  0.0181  0.0083  0.0115  3005 HOH A O   
583 O  O   . HOH F .  ? 0.1209 0.1719  0.0973  -0.0450 0.0020  -0.0021 3006 HOH A O   
584 O  O   . HOH F .  ? 0.0983 0.1051  0.1390  -0.0075 0.0158  0.0126  3007 HOH A O   
585 O  O   . HOH F .  ? 0.2843 0.1180  0.3013  -0.0601 -0.0048 0.0144  3008 HOH A O   
586 O  O   . HOH F .  ? 0.2362 0.1889  0.2082  0.1089  0.0104  0.0115  3009 HOH A O   
587 O  O   . HOH F .  ? 0.1164 0.1396  0.3219  -0.0343 0.0619  -0.0846 3010 HOH A O   
588 O  O   . HOH F .  ? 0.0961 0.0841  0.1018  0.0079  -0.0006 0.0420  3011 HOH A O   
589 O  O   . HOH F .  ? 0.1883 0.1766  0.2134  -0.0194 0.0283  0.0651  3012 HOH A O   
590 O  O   . HOH F .  ? 0.2843 0.2984  0.4595  -0.0564 -0.0579 0.1104  3013 HOH A O   
591 O  O   . HOH F .  ? 0.2295 0.2241  0.3379  -0.0574 -0.0395 0.0410  3014 HOH A O   
592 O  O   . HOH F .  ? 0.2695 0.4007  0.2267  -0.1411 -0.0068 -0.0157 3015 HOH A O   
593 O  O   . HOH F .  ? 0.1942 0.3556  0.2524  0.1668  0.0183  -0.0148 3016 HOH A O   
594 O  O   . HOH F .  ? 0.1828 0.3709  0.2362  -0.1218 0.0448  -0.0197 3017 HOH A O   
595 O  O   . HOH F .  ? 0.1153 0.1343  0.1680  -0.0100 -0.0080 0.0630  3018 HOH A O   
596 O  O   . HOH F .  ? 0.2272 0.4409  0.3567  0.0150  0.1216  -0.1780 3019 HOH A O   
597 O  O   . HOH F .  ? 0.1208 0.1766  0.1417  0.0169  0.0031  0.0031  3020 HOH A O   
598 O  O   . HOH F .  ? 0.2432 0.3605  0.1656  0.0173  0.0475  0.0191  3021 HOH A O   
599 O  O   . HOH F .  ? 0.2550 0.1162  0.2210  0.0399  -0.0264 -0.0150 3022 HOH A O   
600 O  O   . HOH F .  ? 0.1396 0.1652  0.1512  0.0397  0.0300  0.0810  3023 HOH A O   
601 O  O   . HOH F .  ? 0.2052 0.4476  0.2973  -0.0026 0.0305  -0.1055 3024 HOH A O   
602 O  O   . HOH F .  ? 0.0873 0.1679  0.2421  -0.0197 0.0191  -0.0523 3025 HOH A O   
603 O  O   . HOH F .  ? 0.3320 0.3073  0.3070  -0.0020 -0.0740 -0.0379 3026 HOH A O   
604 O  O   . HOH F .  ? 0.1506 0.2638  0.4673  0.0811  -0.0961 -0.0176 3027 HOH A O   
605 O  O   . HOH F .  ? 0.3254 0.2833  0.2689  -0.0754 -0.0342 0.0587  3028 HOH A O   
606 O  O   . HOH F .  ? 0.1404 0.2425  0.1775  0.0245  0.0066  -0.0016 3029 HOH A O   
607 O  O   . HOH F .  ? 0.1644 0.1270  0.1844  -0.0038 0.0310  0.0335  3030 HOH A O   
608 O  O   . HOH F .  ? 0.1889 0.3223  0.3207  -0.0380 0.1212  -0.0600 3031 HOH A O   
609 O  O   . HOH F .  ? 0.3691 0.1409  0.2653  -0.0288 0.1217  0.0529  3032 HOH A O   
610 O  O   . HOH F .  ? 0.2419 0.2770  0.1712  -0.1070 -0.0646 0.0374  3033 HOH A O   
611 O  O   . HOH F .  ? 0.3444 0.4859  0.3601  -0.1413 -0.0944 -0.0775 3034 HOH A O   
612 O  O   . HOH F .  ? 0.1220 0.1757  0.1702  0.0004  -0.0075 0.0760  3035 HOH A O   
613 O  O   . HOH F .  ? 0.1826 0.1389  0.1295  -0.0001 0.0021  0.0262  3036 HOH A O   
614 O  O   . HOH F .  ? 0.2721 0.2435  0.2167  -0.1581 0.0034  0.0702  3037 HOH A O   
615 O  O   . HOH F .  ? 0.2587 0.3703  0.4602  0.0938  -0.0822 -0.1998 3038 HOH A O   
616 O  O   . HOH F .  ? 0.2068 0.4000  0.2751  0.0118  0.0397  -0.1546 3039 HOH A O   
617 O  O   . HOH F .  ? 0.3171 0.2258  0.2614  -0.0517 0.0681  -0.0073 3040 HOH A O   
618 O  O   . HOH F .  ? 0.4254 0.1993  0.2746  -0.1276 0.0457  -0.0601 3041 HOH A O   
619 O  O   . HOH F .  ? 0.2866 0.4211  0.3834  0.1433  -0.1833 -0.1291 3042 HOH A O   
620 O  O   . HOH F .  ? 0.1709 0.5444  0.3028  0.1226  -0.0830 -0.0595 3043 HOH A O   
621 O  O   . HOH F .  ? 0.3774 0.2326  0.4521  -0.0604 0.1124  0.1377  3044 HOH A O   
622 O  O   . HOH F .  ? 0.3369 0.4290  0.4607  -0.0560 0.0034  -0.1850 3045 HOH A O   
623 O  O   . HOH F .  ? 0.4127 0.2084  0.2191  -0.0038 -0.0688 -0.0006 3046 HOH A O   
624 O  O   . HOH F .  ? 0.2304 0.7214  0.2072  0.2085  -0.0499 -0.0172 3047 HOH A O   
625 O  O   . HOH F .  ? 0.5942 0.2635  0.3069  -0.0437 -0.0696 0.1351  3048 HOH A O   
626 O  O   . HOH F .  ? 0.2010 0.1620  0.3324  0.0279  -0.0640 -0.0506 3049 HOH A O   
627 O  O   . HOH F .  ? 0.1312 0.2052  0.3238  -0.0030 0.0222  0.0516  3050 HOH A O   
628 O  O   . HOH F .  ? 0.4819 0.2250  0.5836  -0.0291 0.1553  0.1308  3051 HOH A O   
629 O  O   . HOH F .  ? 0.2605 0.3903  0.1702  -0.1895 0.0503  0.0180  3052 HOH A O   
630 O  O   . HOH F .  ? 0.1240 0.5326  0.4110  0.1049  -0.0104 -0.2367 3053 HOH A O   
631 O  O   . HOH F .  ? 0.2088 0.4935  0.3792  0.1619  -0.1610 -0.1100 3054 HOH A O   
632 O  O   . HOH F .  ? 0.3370 0.5276  0.2767  0.1374  -0.0010 -0.0627 3055 HOH A O   
633 O  O   . HOH F .  ? 0.4127 0.3717  0.2974  -0.1378 0.0903  0.1107  3056 HOH A O   
634 O  O   . HOH F .  ? 0.2915 0.3354  0.2745  0.0709  0.0195  0.1353  3057 HOH A O   
635 O  O   . HOH F .  ? 0.1775 0.3815  0.5625  0.0558  0.0429  -0.1403 3058 HOH A O   
636 O  O   . HOH F .  ? 0.3690 0.4481  0.2361  -0.0314 0.0973  -0.1160 3059 HOH A O   
637 O  O   . HOH F .  ? 0.1784 0.2824  0.2979  -0.0528 -0.0179 0.1308  3060 HOH A O   
638 O  O   . HOH F .  ? 0.3859 0.3726  0.1941  0.0974  0.1534  0.0529  3061 HOH A O   
639 O  O   . HOH F .  ? 0.4048 0.2449  0.3771  -0.1105 0.2952  -0.0872 3062 HOH A O   
640 O  O   . HOH F .  ? 0.5926 0.3635  0.1794  0.0108  -0.0113 0.0925  3063 HOH A O   
641 O  O   . HOH F .  ? 0.2880 0.3532  0.5681  0.0663  -0.0089 -0.0557 3064 HOH A O   
642 O  O   . HOH F .  ? 0.5488 0.2334  0.4657  0.0636  -0.0007 0.0790  3065 HOH A O   
643 O  O   . HOH F .  ? 0.3709 0.3072  0.1673  0.2787  -0.1405 -0.1111 3066 HOH A O   
644 O  O   . HOH F .  ? 0.3260 0.1495  0.3779  0.0305  -0.0366 -0.0422 3067 HOH A O   
645 O  O   . HOH F .  ? 0.2518 0.3801  0.3087  0.1434  -0.1137 -0.0950 3068 HOH A O   
646 O  O   . HOH F .  ? 0.5183 0.2202  0.3393  -0.1512 0.1073  -0.0537 3069 HOH A O   
647 O  O   . HOH F .  ? 0.1990 0.3012  0.3576  0.0379  -0.0003 0.1375  3070 HOH A O   
648 O  O   . HOH F .  ? 0.2909 0.3823  0.3385  0.1327  -0.0638 -0.0371 3071 HOH A O   
649 O  O   . HOH F .  ? 0.2713 0.2792  0.2531  -0.0033 0.1597  0.0382  3072 HOH A O   
650 O  O   . HOH F .  ? 0.2036 0.3030  0.4346  0.0298  0.1003  -0.0202 3073 HOH A O   
651 O  O   . HOH F .  ? 0.2616 0.2758  0.4638  0.1269  -0.0189 -0.0793 3074 HOH A O   
652 O  O   . HOH F .  ? 0.2068 0.3954  0.3216  -0.0193 -0.0601 0.1778  3075 HOH A O   
653 O  O   . HOH F .  ? 0.3687 0.2644  0.2829  0.1051  -0.0363 -0.0542 3076 HOH A O   
654 O  O   . HOH F .  ? 0.3896 0.2165  0.3429  0.0298  0.1542  0.0130  3077 HOH A O   
655 O  O   . HOH F .  ? 0.4201 0.3267  0.3208  -0.0930 0.0872  -0.0174 3078 HOH A O   
656 O  O   . HOH F .  ? 0.2887 0.2278  0.3918  0.0546  0.1060  0.0445  3079 HOH A O   
657 O  O   . HOH F .  ? 0.2109 0.2348  0.3313  0.0441  -0.0310 0.0837  3080 HOH A O   
658 O  O   . HOH F .  ? 0.1877 0.3369  0.6517  -0.0493 -0.1032 -0.0908 3081 HOH A O   
659 O  O   . HOH F .  ? 0.2920 0.3131  0.4462  0.1161  -0.0457 -0.0682 3082 HOH A O   
660 O  O   . HOH F .  ? 0.2535 0.3964  0.1706  0.1460  0.0905  0.0438  3083 HOH A O   
661 O  O   . HOH F .  ? 0.2558 0.2903  0.2129  0.0707  -0.0056 -0.0627 3084 HOH A O   
662 O  O   . HOH F .  ? 0.5064 0.1419  0.3647  0.0926  0.1009  0.0216  3085 HOH A O   
663 O  O   . HOH F .  ? 0.3902 0.2152  0.3002  0.2239  -0.0514 -0.0502 3086 HOH A O   
664 O  O   . HOH F .  ? 0.4846 0.5396  0.1553  0.0244  -0.0334 -0.1028 3087 HOH A O   
665 O  O   . HOH F .  ? 0.4147 0.5183  0.1538  0.0651  0.0427  -0.0189 3088 HOH A O   
666 O  O   . HOH F .  ? 0.5035 0.5338  0.2177  0.0456  -0.0090 -0.1320 3089 HOH A O   
667 O  O   . HOH F .  ? 0.2688 0.5124  0.3426  -0.0079 -0.0051 0.1694  3090 HOH A O   
668 O  O   . HOH F .  ? 0.2952 0.2003  0.5247  0.0624  -0.0578 -0.0006 3091 HOH A O   
669 O  O   . HOH F .  ? 0.3354 0.1538  0.4280  0.0723  0.0027  0.0707  3092 HOH A O   
670 O  O   . HOH F .  ? 0.2656 0.3413  0.2676  0.0956  0.0399  0.0308  3093 HOH A O   
671 O  O   . HOH F .  ? 0.2103 0.2017  0.3794  0.0433  0.1066  0.0752  3094 HOH A O   
672 O  O   . HOH F .  ? 0.1165 0.2244  0.1386  0.0102  -0.0409 -0.0156 3095 HOH A O   
673 O  O   . HOH F .  ? 0.3922 0.2374  0.6751  0.1343  -0.1050 -0.1041 3096 HOH A O   
674 O  O   . HOH F .  ? 0.4212 0.3179  0.1625  -0.0592 -0.0910 0.0057  3097 HOH A O   
675 O  O   . HOH F .  ? 0.3359 0.3365  0.3312  -0.0302 -0.1896 0.0703  3098 HOH A O   
676 O  O   . HOH F .  ? 0.2416 0.4257  0.2220  -0.0599 0.1169  -0.0607 3099 HOH A O   
677 O  O   . HOH F .  ? 0.3606 0.2942  0.4254  0.1290  -0.0316 0.1222  3100 HOH A O   
678 O  O   . HOH F .  ? 0.5842 0.4522  0.3347  -0.0481 0.2085  -0.0052 3101 HOH A O   
679 O  O   . HOH F .  ? 0.5038 0.2527  0.2399  -0.0834 -0.2109 -0.0155 3102 HOH A O   
680 O  O   . HOH F .  ? 0.2213 0.2241  0.3153  0.0258  -0.0027 -0.0044 3103 HOH A O   
681 O  O   . HOH F .  ? 0.2042 0.2847  0.3899  0.0645  0.1232  0.1239  3104 HOH A O   
682 O  O   . HOH F .  ? 0.1565 0.3872  0.2607  0.0341  0.0306  -0.0639 3105 HOH A O   
683 O  O   . HOH F .  ? 0.2950 0.2602  0.2826  -0.0571 -0.0439 -0.0169 3106 HOH A O   
684 O  O   . HOH F .  ? 0.2234 0.3550  0.3017  0.0419  -0.0721 -0.1244 3107 HOH A O   
685 O  O   . HOH F .  ? 0.3834 0.4768  0.2060  0.1373  -0.0534 -0.0028 3108 HOH A O   
686 O  O   . HOH F .  ? 0.1553 0.1626  0.3600  0.0374  0.0517  0.0041  3109 HOH A O   
687 O  O   . HOH F .  ? 0.2967 0.3055  0.1608  0.0057  0.0008  0.0702  3110 HOH A O   
688 O  O   . HOH F .  ? 0.2540 0.2551  0.2079  0.0507  0.0679  -0.0281 3111 HOH A O   
689 O  O   . HOH F .  ? 0.2273 0.3856  0.6001  -0.0681 -0.0607 0.0191  3112 HOH A O   
690 O  O   . HOH F .  ? 0.4294 0.2034  0.1774  -0.0182 0.0154  -0.0042 3113 HOH A O   
691 O  O   . HOH F .  ? 0.1789 0.1171  0.2736  0.0066  0.0022  0.0253  3114 HOH A O   
692 O  O   . HOH F .  ? 0.4106 0.3083  0.3899  0.0627  0.1388  0.1680  3115 HOH A O   
693 O  O   . HOH F .  ? 0.3598 0.5941  0.2599  0.0387  0.1487  0.0471  3116 HOH A O   
694 O  O   . HOH F .  ? 0.3482 0.2340  0.3650  -0.0617 0.0180  0.0555  3117 HOH A O   
695 O  O   . HOH F .  ? 0.3102 0.3775  0.1247  0.1143  0.0104  -0.0085 3118 HOH A O   
696 O  O   . HOH F .  ? 0.1197 0.1770  0.1607  0.0033  0.0211  -0.0187 3119 HOH A O   
697 O  O   . HOH F .  ? 0.1656 0.1254  0.1736  -0.0619 -0.0195 0.0133  3120 HOH A O   
698 O  O   . HOH F .  ? 0.1810 0.1881  0.1577  0.0229  0.0259  -0.0062 3121 HOH A O   
699 O  O   . HOH F .  ? 0.2012 0.1285  0.2355  0.0239  0.0402  0.0117  3122 HOH A O   
700 O  O   . HOH F .  ? 0.2474 0.3745  0.1447  0.1309  -0.0097 -0.0390 3123 HOH A O   
701 O  O   . HOH F .  ? 0.2134 0.2194  0.1327  -0.0083 0.0126  -0.0494 3124 HOH A O   
702 O  O   . HOH F .  ? 0.1133 0.2922  0.1667  0.0306  0.0287  -0.0922 3125 HOH A O   
703 O  O   . HOH F .  ? 0.1459 0.4091  0.2851  0.0525  0.0952  -0.0743 3126 HOH A O   
704 O  O   . HOH F .  ? 0.1196 0.3207  0.2043  0.0432  0.0033  -0.0446 3127 HOH A O   
705 O  O   . HOH F .  ? 0.1910 0.2202  0.1350  0.0779  0.0129  0.0263  3128 HOH A O   
706 O  O   . HOH F .  ? 0.1967 0.2562  0.3165  0.0476  -0.0435 -0.0204 3129 HOH A O   
707 O  O   . HOH F .  ? 0.2300 0.3610  0.5983  0.0041  -0.1068 0.1294  3130 HOH A O   
708 O  O   . HOH F .  ? 0.3777 0.2860  0.4564  0.0761  0.0010  0.0798  3131 HOH A O   
709 O  O   . HOH F .  ? 0.6649 0.5499  0.5194  -0.0960 -0.0244 0.0128  3132 HOH A O   
710 O  O   . HOH F .  ? 0.1883 0.4142  0.4982  0.0116  -0.0923 -0.0099 3133 HOH A O   
711 O  O   . HOH F .  ? 0.3293 0.4638  0.5607  0.0080  0.0034  -0.1383 3134 HOH A O   
712 O  O   . HOH F .  ? 0.3425 0.5562  0.3706  0.0768  -0.0584 -0.0766 3135 HOH A O   
713 O  O   . HOH F .  ? 0.0876 0.2393  0.1844  -0.0012 0.0241  0.0596  3136 HOH A O   
714 O  O   . HOH F .  ? 0.3076 0.2776  0.5204  0.0650  0.1279  0.1152  3137 HOH A O   
715 O  O   . HOH F .  ? 0.4201 0.2828  0.4538  0.1041  -0.1223 -0.0925 3138 HOH A O   
716 O  O   . HOH F .  ? 0.3309 0.4988  0.2586  0.0800  -0.0014 0.0679  3139 HOH A O   
717 O  O   . HOH F .  ? 0.2764 0.3410  0.2794  0.0204  0.0928  -0.0008 3140 HOH A O   
# 
